data_5CQS
#
_entry.id   5CQS
#
_cell.length_a   127.754
_cell.length_b   157.744
_cell.length_c   139.264
_cell.angle_alpha   90.00
_cell.angle_beta   93.09
_cell.angle_gamma   90.00
#
_symmetry.space_group_name_H-M   'C 1 2 1'
#
loop_
_entity.id
_entity.type
_entity.pdbx_description
1 polymer 'Elongator complex protein 1'
2 water water
#
_entity_poly.entity_id   1
_entity_poly.type   'polypeptide(L)'
_entity_poly.pdbx_seq_one_letter_code
;GPGSQDVNVVYKSALSLYDVSLALLVAQKSQ(MSE)DPREYLPFLQELQDNEPLRRKFLIDDYLGNYEKALEHLSEIDKD
GNVSEEVIDYVESHDLYKHGLALYRYDSEKQNVIYNIYAKHLSSNQ(MSE)YTDAAVAYE(MSE)LGKLKEA(MSE)GAY
QSAKRWREA(MSE)SIAVQKFPEEVESVAEELISSLTFEHRYVDAADIQLEYLDNVKEAVALYCKAYRYDIASLVAIKAK
KDELLEEVVDPGLGEGFGIIAELLADCKGQINSQLRRLRELRAKKEENPYAFYGQETEQADDVSVAPSETSTQESFFTRY
TGKTGGTAKTGASRRTAKNKRREERKRARGKKGTIYEEEYLVQSVGRLIERLNQTKPDAVRVVEGLCRRN(MSE)REQAH
QIQKNFVEVLDLLKANVKEIYSISEKDRERVNENGEVYYIPEIPVPEIHDFPKSHIVDF
;
_entity_poly.pdbx_strand_id   A,B,C,D
#
# COMPACT_ATOMS: atom_id res chain seq x y z
N GLN A 5 -82.26 -18.44 -25.14
CA GLN A 5 -82.28 -16.99 -25.34
C GLN A 5 -81.14 -16.33 -24.55
N ASP A 6 -80.07 -17.06 -24.31
CA ASP A 6 -78.93 -16.55 -23.55
C ASP A 6 -77.62 -17.12 -24.08
N VAL A 7 -76.59 -16.28 -24.18
CA VAL A 7 -75.32 -16.72 -24.72
C VAL A 7 -74.83 -17.95 -23.99
N ASN A 8 -74.48 -19.02 -24.71
CA ASN A 8 -74.19 -20.27 -24.04
C ASN A 8 -72.87 -20.91 -24.37
N VAL A 9 -72.68 -22.10 -23.84
CA VAL A 9 -71.39 -22.77 -23.82
C VAL A 9 -71.01 -23.36 -25.16
N VAL A 10 -72.04 -23.76 -25.92
CA VAL A 10 -71.87 -24.41 -27.22
C VAL A 10 -71.32 -23.42 -28.22
N TYR A 11 -71.92 -22.25 -28.23
CA TYR A 11 -71.45 -21.14 -29.06
C TYR A 11 -69.99 -20.83 -28.73
N LYS A 12 -69.66 -20.72 -27.45
CA LYS A 12 -68.29 -20.45 -27.03
C LYS A 12 -67.29 -21.56 -27.38
N SER A 13 -67.68 -22.83 -27.22
CA SER A 13 -66.82 -23.94 -27.61
C SER A 13 -66.48 -23.90 -29.10
N ALA A 14 -67.48 -23.60 -29.94
CA ALA A 14 -67.29 -23.47 -31.38
C ALA A 14 -66.35 -22.30 -31.74
N LEU A 15 -66.61 -21.14 -31.16
CA LEU A 15 -65.67 -20.03 -31.25
C LEU A 15 -64.24 -20.48 -30.91
N SER A 16 -64.12 -21.32 -29.88
CA SER A 16 -62.81 -21.76 -29.40
C SER A 16 -62.08 -22.67 -30.39
N LEU A 17 -62.81 -23.22 -31.36
CA LEU A 17 -62.17 -24.04 -32.40
C LEU A 17 -61.86 -23.22 -33.64
N TYR A 18 -62.10 -21.91 -33.56
CA TYR A 18 -61.91 -21.00 -34.70
C TYR A 18 -62.75 -21.42 -35.91
N ASP A 19 -64.01 -21.72 -35.64
CA ASP A 19 -65.03 -22.09 -36.62
C ASP A 19 -66.20 -21.10 -36.53
N VAL A 20 -66.16 -20.04 -37.34
CA VAL A 20 -67.21 -19.02 -37.34
C VAL A 20 -68.54 -19.51 -37.87
N SER A 21 -68.47 -20.46 -38.80
CA SER A 21 -69.67 -20.96 -39.43
C SER A 21 -70.39 -21.93 -38.51
N LEU A 22 -69.61 -22.76 -37.81
CA LEU A 22 -70.20 -23.69 -36.85
C LEU A 22 -70.70 -22.93 -35.64
N ALA A 23 -70.04 -21.81 -35.34
CA ALA A 23 -70.52 -20.90 -34.32
C ALA A 23 -71.87 -20.29 -34.69
N LEU A 24 -71.99 -19.78 -35.92
CA LEU A 24 -73.24 -19.22 -36.44
C LEU A 24 -74.39 -20.22 -36.41
N LEU A 25 -74.12 -21.42 -36.91
CA LEU A 25 -75.08 -22.51 -36.84
C LEU A 25 -75.59 -22.76 -35.42
N VAL A 26 -74.68 -23.09 -34.52
CA VAL A 26 -74.97 -23.29 -33.11
C VAL A 26 -75.73 -22.12 -32.47
N ALA A 27 -75.28 -20.90 -32.75
CA ALA A 27 -75.92 -19.74 -32.16
C ALA A 27 -77.41 -19.65 -32.47
N GLN A 28 -77.80 -19.80 -33.74
CA GLN A 28 -79.20 -19.66 -34.13
C GLN A 28 -80.09 -20.85 -33.74
N LYS A 29 -79.58 -22.08 -33.83
CA LYS A 29 -80.40 -23.22 -33.45
C LYS A 29 -80.76 -23.10 -31.96
N SER A 30 -79.83 -22.56 -31.18
CA SER A 30 -79.99 -22.34 -29.76
C SER A 30 -80.77 -21.07 -29.44
N GLN A 31 -81.16 -20.36 -30.49
CA GLN A 31 -82.06 -19.22 -30.36
C GLN A 31 -81.51 -18.07 -29.51
N MSE A 32 -80.19 -17.87 -29.57
CA MSE A 32 -79.56 -16.73 -28.91
C MSE A 32 -80.08 -15.48 -29.61
O MSE A 32 -80.61 -15.55 -30.70
CB MSE A 32 -78.02 -16.79 -28.94
CG MSE A 32 -77.41 -17.88 -28.09
SE MSE A 32 -75.53 -18.31 -28.42
CE MSE A 32 -75.76 -20.22 -28.73
N ASP A 33 -79.93 -14.33 -28.95
CA ASP A 33 -80.33 -13.06 -29.52
C ASP A 33 -79.34 -12.66 -30.60
N PRO A 34 -79.84 -12.50 -31.84
CA PRO A 34 -79.04 -12.10 -32.99
C PRO A 34 -78.19 -10.83 -32.74
N ARG A 35 -78.67 -9.95 -31.88
CA ARG A 35 -77.93 -8.71 -31.59
C ARG A 35 -76.69 -8.98 -30.74
N GLU A 36 -76.64 -10.15 -30.12
CA GLU A 36 -75.54 -10.51 -29.24
C GLU A 36 -74.57 -11.51 -29.87
N TYR A 37 -74.71 -11.75 -31.18
CA TYR A 37 -73.79 -12.62 -31.92
C TYR A 37 -73.52 -12.21 -33.36
N LEU A 38 -74.48 -11.55 -33.99
CA LEU A 38 -74.31 -11.12 -35.38
C LEU A 38 -73.26 -10.01 -35.54
N PRO A 39 -73.39 -8.91 -34.75
CA PRO A 39 -72.35 -7.88 -34.91
C PRO A 39 -70.94 -8.39 -34.60
N PHE A 40 -70.82 -9.42 -33.77
CA PHE A 40 -69.50 -9.95 -33.42
C PHE A 40 -68.95 -10.94 -34.46
N LEU A 41 -69.82 -11.82 -34.95
CA LEU A 41 -69.43 -12.75 -36.03
C LEU A 41 -69.01 -12.00 -37.30
N GLN A 42 -69.61 -10.83 -37.52
CA GLN A 42 -69.25 -9.96 -38.63
C GLN A 42 -67.81 -9.49 -38.56
N GLU A 43 -67.40 -9.02 -37.38
CA GLU A 43 -66.06 -8.50 -37.15
C GLU A 43 -64.97 -9.54 -37.36
N LEU A 44 -65.25 -10.78 -36.99
CA LEU A 44 -64.29 -11.86 -37.23
C LEU A 44 -64.03 -12.06 -38.72
N GLN A 45 -65.11 -12.05 -39.52
CA GLN A 45 -65.02 -12.19 -40.98
C GLN A 45 -64.38 -10.97 -41.63
N ASP A 46 -64.57 -9.81 -41.00
CA ASP A 46 -64.00 -8.55 -41.47
C ASP A 46 -62.48 -8.46 -41.26
N ASN A 47 -61.91 -9.44 -40.58
CA ASN A 47 -60.48 -9.43 -40.26
C ASN A 47 -59.69 -10.64 -40.82
N GLU A 48 -58.37 -10.49 -40.84
CA GLU A 48 -57.46 -11.54 -41.29
C GLU A 48 -57.56 -12.72 -40.32
N PRO A 49 -57.29 -13.95 -40.81
CA PRO A 49 -57.30 -15.16 -40.00
C PRO A 49 -56.52 -15.10 -38.67
N LEU A 50 -55.31 -14.54 -38.68
CA LEU A 50 -54.50 -14.51 -37.46
C LEU A 50 -55.06 -13.54 -36.43
N ARG A 51 -55.53 -12.37 -36.89
CA ARG A 51 -56.23 -11.44 -36.01
C ARG A 51 -57.61 -11.98 -35.59
N ARG A 52 -58.20 -12.78 -36.46
CA ARG A 52 -59.52 -13.35 -36.16
C ARG A 52 -59.38 -14.21 -34.94
N LYS A 53 -58.40 -15.10 -34.97
CA LYS A 53 -58.17 -15.99 -33.84
C LYS A 53 -57.89 -15.16 -32.59
N PHE A 54 -57.18 -14.04 -32.75
CA PHE A 54 -56.84 -13.16 -31.63
C PHE A 54 -58.06 -12.62 -30.90
N LEU A 55 -58.99 -12.05 -31.66
CA LEU A 55 -60.21 -11.49 -31.11
C LEU A 55 -61.02 -12.56 -30.39
N ILE A 56 -61.12 -13.74 -31.01
CA ILE A 56 -61.83 -14.86 -30.43
C ILE A 56 -61.23 -15.19 -29.06
N ASP A 57 -59.91 -15.28 -29.05
CA ASP A 57 -59.19 -15.57 -27.82
C ASP A 57 -59.43 -14.50 -26.76
N ASP A 58 -59.35 -13.23 -27.14
CA ASP A 58 -59.69 -12.16 -26.21
C ASP A 58 -61.08 -12.32 -25.59
N TYR A 59 -62.04 -12.74 -26.42
CA TYR A 59 -63.43 -12.79 -25.98
C TYR A 59 -63.66 -13.88 -24.96
N LEU A 60 -63.09 -15.07 -25.23
CA LEU A 60 -63.22 -16.21 -24.33
C LEU A 60 -62.33 -16.03 -23.09
N GLY A 61 -61.40 -15.09 -23.17
CA GLY A 61 -60.58 -14.78 -22.02
C GLY A 61 -59.25 -15.50 -21.99
N ASN A 62 -58.97 -16.29 -23.01
CA ASN A 62 -57.66 -16.93 -23.09
C ASN A 62 -56.59 -15.95 -23.56
N TYR A 63 -56.05 -15.17 -22.63
CA TYR A 63 -55.15 -14.06 -22.98
C TYR A 63 -53.78 -14.53 -23.41
N GLU A 64 -53.35 -15.66 -22.86
CA GLU A 64 -52.08 -16.25 -23.26
C GLU A 64 -52.07 -16.68 -24.73
N LYS A 65 -53.06 -17.46 -25.13
CA LYS A 65 -53.23 -17.86 -26.54
C LYS A 65 -53.45 -16.63 -27.42
N ALA A 66 -54.20 -15.67 -26.90
CA ALA A 66 -54.40 -14.38 -27.58
C ALA A 66 -53.08 -13.75 -28.05
N LEU A 67 -52.16 -13.54 -27.12
CA LEU A 67 -50.86 -12.95 -27.44
C LEU A 67 -50.07 -13.79 -28.44
N GLU A 68 -50.03 -15.12 -28.24
CA GLU A 68 -49.44 -16.06 -29.20
C GLU A 68 -49.80 -15.75 -30.65
N HIS A 69 -51.10 -15.60 -30.91
CA HIS A 69 -51.59 -15.24 -32.24
C HIS A 69 -51.20 -13.81 -32.63
N LEU A 70 -51.58 -12.85 -31.79
CA LEU A 70 -51.25 -11.45 -32.02
C LEU A 70 -49.75 -11.21 -32.26
N SER A 71 -48.90 -12.07 -31.70
CA SER A 71 -47.46 -11.96 -31.91
C SER A 71 -47.02 -12.65 -33.19
N GLU A 72 -47.94 -13.34 -33.86
CA GLU A 72 -47.60 -13.98 -35.12
C GLU A 72 -48.03 -13.12 -36.32
N ILE A 73 -48.87 -12.12 -36.04
CA ILE A 73 -49.33 -11.17 -37.04
C ILE A 73 -48.15 -10.48 -37.76
N ASP A 74 -47.09 -10.21 -37.02
CA ASP A 74 -45.90 -9.60 -37.61
C ASP A 74 -44.68 -10.52 -37.47
N LYS A 75 -44.30 -11.16 -38.58
CA LYS A 75 -43.15 -12.06 -38.59
C LYS A 75 -42.55 -12.17 -39.99
N ASP A 76 -41.22 -12.09 -40.10
CA ASP A 76 -40.35 -11.97 -38.92
C ASP A 76 -39.97 -10.52 -38.62
N GLY A 77 -40.92 -9.60 -38.78
CA GLY A 77 -40.72 -8.23 -38.32
C GLY A 77 -40.60 -8.20 -36.82
N ASN A 78 -40.26 -7.04 -36.25
CA ASN A 78 -40.10 -6.92 -34.81
C ASN A 78 -41.42 -6.81 -34.04
N VAL A 79 -41.33 -6.67 -32.72
CA VAL A 79 -42.51 -6.59 -31.85
C VAL A 79 -43.32 -5.34 -32.13
N SER A 80 -44.64 -5.51 -32.33
CA SER A 80 -45.50 -4.38 -32.68
C SER A 80 -45.90 -3.60 -31.43
N GLU A 81 -46.53 -2.44 -31.60
CA GLU A 81 -46.98 -1.66 -30.46
C GLU A 81 -48.29 -2.26 -29.98
N GLU A 82 -48.91 -3.04 -30.87
CA GLU A 82 -50.15 -3.74 -30.56
C GLU A 82 -49.89 -4.76 -29.47
N VAL A 83 -48.80 -5.52 -29.62
CA VAL A 83 -48.41 -6.59 -28.70
C VAL A 83 -48.04 -6.07 -27.31
N ILE A 84 -47.32 -4.95 -27.29
CA ILE A 84 -46.93 -4.29 -26.05
C ILE A 84 -48.12 -3.84 -25.21
N ASP A 85 -49.01 -3.07 -25.81
CA ASP A 85 -50.16 -2.53 -25.09
C ASP A 85 -50.98 -3.67 -24.50
N TYR A 86 -50.91 -4.83 -25.14
CA TYR A 86 -51.71 -6.00 -24.73
C TYR A 86 -51.09 -6.69 -23.53
N VAL A 87 -49.76 -6.59 -23.42
CA VAL A 87 -49.06 -7.15 -22.26
C VAL A 87 -49.27 -6.31 -21.00
N GLU A 88 -49.23 -4.98 -21.16
CA GLU A 88 -49.38 -4.07 -20.02
C GLU A 88 -50.81 -4.02 -19.51
N SER A 89 -51.75 -4.53 -20.30
CA SER A 89 -53.15 -4.48 -19.93
C SER A 89 -53.63 -5.80 -19.32
N HIS A 90 -52.97 -6.89 -19.69
CA HIS A 90 -53.38 -8.22 -19.21
C HIS A 90 -52.26 -8.95 -18.51
N ASP A 91 -51.18 -8.23 -18.22
CA ASP A 91 -50.13 -8.74 -17.34
C ASP A 91 -49.54 -10.05 -17.82
N LEU A 92 -49.10 -10.09 -19.07
CA LEU A 92 -48.54 -11.30 -19.63
C LEU A 92 -47.06 -11.14 -19.96
N TYR A 93 -46.36 -10.37 -19.13
CA TYR A 93 -44.92 -10.23 -19.22
C TYR A 93 -44.25 -11.60 -19.18
N LYS A 94 -44.64 -12.43 -18.20
CA LYS A 94 -44.05 -13.75 -18.08
C LYS A 94 -44.31 -14.54 -19.37
N HIS A 95 -45.52 -14.48 -19.89
CA HIS A 95 -45.82 -15.21 -21.12
C HIS A 95 -45.11 -14.63 -22.35
N GLY A 96 -44.98 -13.32 -22.42
CA GLY A 96 -44.26 -12.71 -23.53
C GLY A 96 -42.84 -13.24 -23.55
N LEU A 97 -42.19 -13.14 -22.41
CA LEU A 97 -40.88 -13.72 -22.17
C LEU A 97 -40.76 -15.17 -22.67
N ALA A 98 -41.79 -15.98 -22.45
CA ALA A 98 -41.74 -17.38 -22.89
C ALA A 98 -41.82 -17.58 -24.42
N LEU A 99 -42.60 -16.76 -25.13
CA LEU A 99 -42.71 -16.92 -26.58
C LEU A 99 -41.42 -16.50 -27.26
N TYR A 100 -40.87 -15.40 -26.80
CA TYR A 100 -39.74 -14.76 -27.43
C TYR A 100 -38.44 -15.40 -26.98
N ARG A 101 -38.58 -16.54 -26.34
CA ARG A 101 -37.48 -17.25 -25.68
C ARG A 101 -36.31 -17.57 -26.61
N TYR A 102 -36.61 -17.94 -27.85
CA TYR A 102 -35.56 -18.29 -28.81
C TYR A 102 -35.15 -17.12 -29.70
N ASP A 103 -35.82 -15.98 -29.53
CA ASP A 103 -35.46 -14.77 -30.26
C ASP A 103 -35.11 -13.63 -29.29
N SER A 104 -33.81 -13.44 -29.08
CA SER A 104 -33.30 -12.51 -28.08
C SER A 104 -33.72 -11.06 -28.31
N GLU A 105 -33.70 -10.65 -29.57
CA GLU A 105 -34.05 -9.28 -29.94
C GLU A 105 -35.46 -8.93 -29.44
N LYS A 106 -36.39 -9.84 -29.69
CA LYS A 106 -37.80 -9.63 -29.34
C LYS A 106 -38.01 -9.68 -27.83
N GLN A 107 -37.42 -10.68 -27.20
CA GLN A 107 -37.53 -10.83 -25.75
C GLN A 107 -37.12 -9.54 -25.04
N ASN A 108 -36.10 -8.89 -25.58
CA ASN A 108 -35.57 -7.64 -25.03
C ASN A 108 -36.61 -6.53 -24.96
N VAL A 109 -37.60 -6.61 -25.82
CA VAL A 109 -38.64 -5.60 -25.89
C VAL A 109 -39.58 -5.81 -24.71
N ILE A 110 -39.82 -7.07 -24.37
CA ILE A 110 -40.67 -7.43 -23.25
C ILE A 110 -39.97 -7.13 -21.92
N TYR A 111 -38.64 -7.23 -21.89
CA TYR A 111 -37.90 -6.99 -20.65
C TYR A 111 -37.97 -5.51 -20.28
N ASN A 112 -38.07 -4.67 -21.30
CA ASN A 112 -38.07 -3.22 -21.08
C ASN A 112 -39.36 -2.74 -20.41
N ILE A 113 -40.46 -3.34 -20.83
CA ILE A 113 -41.75 -3.00 -20.26
C ILE A 113 -41.90 -3.67 -18.89
N TYR A 114 -41.34 -4.86 -18.76
CA TYR A 114 -41.36 -5.60 -17.49
C TYR A 114 -40.63 -4.80 -16.42
N ALA A 115 -39.43 -4.32 -16.77
CA ALA A 115 -38.59 -3.55 -15.86
C ALA A 115 -39.35 -2.38 -15.24
N LYS A 116 -39.99 -1.58 -16.09
CA LYS A 116 -40.77 -0.44 -15.63
C LYS A 116 -41.84 -0.90 -14.66
N HIS A 117 -42.46 -2.03 -14.98
CA HIS A 117 -43.56 -2.57 -14.19
C HIS A 117 -43.02 -3.02 -12.84
N LEU A 118 -41.93 -3.77 -12.88
CA LEU A 118 -41.24 -4.23 -11.69
C LEU A 118 -40.96 -3.04 -10.79
N SER A 119 -40.17 -2.11 -11.30
CA SER A 119 -39.79 -0.91 -10.57
C SER A 119 -40.94 -0.03 -10.10
N SER A 120 -42.17 -0.38 -10.47
CA SER A 120 -43.35 0.32 -9.98
C SER A 120 -43.98 -0.47 -8.84
N ASN A 121 -43.67 -1.77 -8.78
CA ASN A 121 -44.17 -2.65 -7.73
C ASN A 121 -43.09 -2.96 -6.71
N GLN A 122 -42.15 -2.02 -6.57
CA GLN A 122 -41.14 -2.08 -5.51
C GLN A 122 -40.06 -3.13 -5.71
N MSE A 123 -40.26 -4.06 -6.64
CA MSE A 123 -39.24 -5.08 -6.87
C MSE A 123 -38.09 -4.47 -7.66
O MSE A 123 -38.04 -4.55 -8.89
CB MSE A 123 -39.85 -6.28 -7.59
CG MSE A 123 -41.36 -6.25 -7.55
SE MSE A 123 -42.20 -7.95 -7.24
CE MSE A 123 -41.25 -8.49 -5.60
N TYR A 124 -37.17 -3.85 -6.94
CA TYR A 124 -36.13 -3.04 -7.56
C TYR A 124 -34.97 -3.86 -8.10
N THR A 125 -34.74 -5.02 -7.49
CA THR A 125 -33.64 -5.87 -7.91
C THR A 125 -33.88 -6.49 -9.29
N ASP A 126 -34.98 -7.22 -9.43
CA ASP A 126 -35.32 -7.81 -10.71
C ASP A 126 -35.42 -6.73 -11.77
N ALA A 127 -35.95 -5.59 -11.40
CA ALA A 127 -36.02 -4.44 -12.30
C ALA A 127 -34.61 -4.08 -12.78
N ALA A 128 -33.68 -3.98 -11.84
CA ALA A 128 -32.33 -3.58 -12.17
C ALA A 128 -31.63 -4.61 -13.07
N VAL A 129 -31.67 -5.88 -12.68
CA VAL A 129 -31.11 -6.96 -13.50
C VAL A 129 -31.60 -6.90 -14.95
N ALA A 130 -32.90 -6.72 -15.14
CA ALA A 130 -33.46 -6.52 -16.48
C ALA A 130 -32.79 -5.34 -17.19
N TYR A 131 -32.89 -4.16 -16.58
CA TYR A 131 -32.30 -2.96 -17.15
C TYR A 131 -30.82 -3.16 -17.47
N GLU A 132 -30.11 -3.92 -16.64
CA GLU A 132 -28.69 -4.15 -16.87
C GLU A 132 -28.45 -5.04 -18.09
N MSE A 133 -29.27 -6.08 -18.25
CA MSE A 133 -29.19 -6.94 -19.44
C MSE A 133 -29.46 -6.14 -20.71
O MSE A 133 -28.98 -6.51 -21.78
CB MSE A 133 -30.17 -8.12 -19.36
CG MSE A 133 -29.88 -9.13 -18.25
SE MSE A 133 -31.38 -10.38 -17.91
CE MSE A 133 -30.57 -12.02 -18.53
N LEU A 134 -30.22 -5.06 -20.60
CA LEU A 134 -30.59 -4.27 -21.77
C LEU A 134 -29.62 -3.14 -22.10
N GLY A 135 -28.55 -3.03 -21.33
CA GLY A 135 -27.57 -1.97 -21.57
C GLY A 135 -28.10 -0.62 -21.15
N LYS A 136 -29.30 -0.60 -20.58
CA LYS A 136 -29.83 0.60 -19.96
C LYS A 136 -29.23 0.72 -18.54
N LEU A 137 -27.97 1.14 -18.48
CA LEU A 137 -27.22 1.11 -17.22
C LEU A 137 -27.58 2.22 -16.24
N LYS A 138 -28.05 3.36 -16.75
CA LYS A 138 -28.50 4.46 -15.90
C LYS A 138 -29.73 4.05 -15.12
N GLU A 139 -30.60 3.28 -15.78
CA GLU A 139 -31.84 2.83 -15.17
C GLU A 139 -31.54 1.70 -14.21
N ALA A 140 -30.62 0.84 -14.63
CA ALA A 140 -30.17 -0.28 -13.80
C ALA A 140 -29.63 0.23 -12.47
N MSE A 141 -28.78 1.25 -12.55
CA MSE A 141 -28.13 1.77 -11.35
C MSE A 141 -29.15 2.34 -10.36
O MSE A 141 -29.09 2.03 -9.18
CB MSE A 141 -27.08 2.82 -11.70
CG MSE A 141 -26.54 3.50 -10.48
SE MSE A 141 -25.34 4.97 -10.96
CE MSE A 141 -24.46 4.08 -12.39
N GLY A 142 -30.10 3.13 -10.86
CA GLY A 142 -31.11 3.72 -10.00
C GLY A 142 -31.90 2.68 -9.26
N ALA A 143 -32.16 1.54 -9.92
CA ALA A 143 -32.93 0.47 -9.30
C ALA A 143 -32.12 -0.34 -8.28
N TYR A 144 -30.84 -0.56 -8.59
CA TYR A 144 -29.96 -1.19 -7.61
C TYR A 144 -29.91 -0.32 -6.35
N GLN A 145 -29.78 0.99 -6.54
CA GLN A 145 -29.78 1.92 -5.44
C GLN A 145 -31.08 1.87 -4.65
N SER A 146 -32.21 1.76 -5.31
CA SER A 146 -33.47 1.68 -4.58
C SER A 146 -33.56 0.39 -3.78
N ALA A 147 -32.89 -0.66 -4.27
CA ALA A 147 -32.90 -1.96 -3.63
C ALA A 147 -31.80 -2.06 -2.58
N LYS A 148 -31.16 -0.93 -2.29
CA LYS A 148 -30.02 -0.88 -1.38
C LYS A 148 -28.92 -1.86 -1.76
N ARG A 149 -28.88 -2.26 -3.02
CA ARG A 149 -27.84 -3.16 -3.49
C ARG A 149 -26.68 -2.31 -3.98
N TRP A 150 -25.90 -1.78 -3.03
CA TRP A 150 -24.93 -0.76 -3.35
C TRP A 150 -23.75 -1.23 -4.19
N ARG A 151 -23.49 -2.53 -4.20
CA ARG A 151 -22.29 -2.99 -4.86
C ARG A 151 -22.50 -3.03 -6.36
N GLU A 152 -23.69 -3.46 -6.73
CA GLU A 152 -24.13 -3.40 -8.12
C GLU A 152 -24.22 -1.96 -8.60
N ALA A 153 -24.77 -1.07 -7.77
CA ALA A 153 -24.88 0.34 -8.14
C ALA A 153 -23.53 0.97 -8.45
N MSE A 154 -22.55 0.87 -7.54
CA MSE A 154 -21.24 1.48 -7.79
C MSE A 154 -20.49 0.85 -8.96
O MSE A 154 -19.80 1.55 -9.71
CB MSE A 154 -20.37 1.43 -6.54
CG MSE A 154 -21.10 1.85 -5.28
SE MSE A 154 -21.39 3.75 -5.23
CE MSE A 154 -19.73 4.21 -6.17
N SER A 155 -20.62 -0.47 -9.09
CA SER A 155 -20.02 -1.20 -10.21
C SER A 155 -20.41 -0.57 -11.54
N ILE A 156 -21.62 -0.01 -11.60
CA ILE A 156 -22.06 0.73 -12.78
C ILE A 156 -21.54 2.16 -12.77
N ALA A 157 -21.63 2.84 -11.62
CA ALA A 157 -21.20 4.25 -11.54
C ALA A 157 -19.71 4.40 -11.75
N VAL A 158 -18.96 3.34 -11.52
CA VAL A 158 -17.52 3.43 -11.71
C VAL A 158 -17.14 3.23 -13.18
N GLN A 159 -17.78 2.25 -13.82
CA GLN A 159 -17.42 1.90 -15.19
C GLN A 159 -18.05 2.80 -16.26
N LYS A 160 -19.29 3.25 -16.04
CA LYS A 160 -20.04 4.01 -17.05
C LYS A 160 -20.39 5.46 -16.66
N PHE A 161 -20.50 5.78 -15.37
CA PHE A 161 -20.89 7.14 -14.98
C PHE A 161 -19.96 7.80 -13.95
N PRO A 162 -18.66 7.94 -14.26
CA PRO A 162 -17.70 8.40 -13.25
C PRO A 162 -18.04 9.72 -12.56
N GLU A 163 -18.82 10.57 -13.23
CA GLU A 163 -19.19 11.87 -12.66
C GLU A 163 -20.23 11.72 -11.54
N GLU A 164 -20.94 10.60 -11.55
CA GLU A 164 -22.05 10.34 -10.62
C GLU A 164 -21.62 9.69 -9.29
N VAL A 165 -20.47 9.03 -9.30
CA VAL A 165 -19.98 8.24 -8.16
C VAL A 165 -20.11 8.89 -6.76
N GLU A 166 -19.66 10.13 -6.62
CA GLU A 166 -19.72 10.81 -5.31
C GLU A 166 -21.17 11.02 -4.80
N SER A 167 -22.13 11.09 -5.72
CA SER A 167 -23.50 11.44 -5.36
C SER A 167 -24.34 10.21 -4.97
N VAL A 168 -24.06 9.09 -5.62
CA VAL A 168 -24.66 7.81 -5.28
C VAL A 168 -24.11 7.32 -3.94
N ALA A 169 -22.79 7.21 -3.88
CA ALA A 169 -22.06 6.91 -2.67
C ALA A 169 -22.64 7.65 -1.48
N GLU A 170 -22.83 8.96 -1.64
CA GLU A 170 -23.33 9.80 -0.55
C GLU A 170 -24.78 9.44 -0.23
N GLU A 171 -25.59 9.30 -1.29
CA GLU A 171 -26.99 8.92 -1.13
C GLU A 171 -27.15 7.55 -0.48
N LEU A 172 -26.41 6.56 -0.97
CA LEU A 172 -26.44 5.20 -0.40
C LEU A 172 -26.03 5.16 1.08
N ILE A 173 -24.93 5.83 1.41
CA ILE A 173 -24.51 5.95 2.79
C ILE A 173 -25.68 6.39 3.67
N SER A 174 -26.38 7.43 3.24
CA SER A 174 -27.53 7.96 3.97
C SER A 174 -28.63 6.92 4.17
N SER A 175 -28.97 6.20 3.08
CA SER A 175 -29.91 5.08 3.14
C SER A 175 -29.42 4.05 4.15
N LEU A 176 -28.39 3.32 3.73
CA LEU A 176 -27.71 2.31 4.53
C LEU A 176 -27.59 2.63 6.03
N THR A 177 -27.23 3.88 6.34
CA THR A 177 -27.07 4.30 7.73
C THR A 177 -28.39 4.19 8.48
N PHE A 178 -29.46 4.71 7.89
CA PHE A 178 -30.77 4.69 8.51
C PHE A 178 -31.27 3.27 8.67
N GLU A 179 -30.80 2.41 7.77
CA GLU A 179 -31.12 0.98 7.81
C GLU A 179 -30.23 0.26 8.83
N HIS A 180 -29.43 1.04 9.57
CA HIS A 180 -28.51 0.51 10.58
C HIS A 180 -27.40 -0.39 10.02
N ARG A 181 -27.21 -0.35 8.71
CA ARG A 181 -26.18 -1.14 8.04
C ARG A 181 -24.84 -0.41 8.04
N TYR A 182 -24.34 -0.14 9.24
CA TYR A 182 -23.11 0.63 9.47
C TYR A 182 -21.85 0.17 8.72
N VAL A 183 -21.54 -1.13 8.74
CA VAL A 183 -20.39 -1.65 8.01
C VAL A 183 -20.43 -1.32 6.51
N ASP A 184 -21.53 -1.68 5.85
CA ASP A 184 -21.74 -1.31 4.45
C ASP A 184 -21.51 0.20 4.19
N ALA A 185 -22.14 1.05 4.98
CA ALA A 185 -22.01 2.49 4.83
C ALA A 185 -20.56 2.92 4.95
N ALA A 186 -19.85 2.34 5.91
CA ALA A 186 -18.44 2.62 6.15
C ALA A 186 -17.57 2.22 4.96
N ASP A 187 -17.86 1.06 4.38
CA ASP A 187 -17.13 0.57 3.21
C ASP A 187 -17.19 1.58 2.08
N ILE A 188 -18.34 2.22 1.96
CA ILE A 188 -18.54 3.23 0.91
C ILE A 188 -17.77 4.51 1.19
N GLN A 189 -17.87 5.01 2.43
CA GLN A 189 -17.06 6.15 2.87
C GLN A 189 -15.59 5.90 2.59
N LEU A 190 -15.11 4.71 2.95
CA LEU A 190 -13.71 4.33 2.72
C LEU A 190 -13.34 4.31 1.25
N GLU A 191 -14.00 3.45 0.48
CA GLU A 191 -13.57 3.10 -0.88
C GLU A 191 -13.96 4.11 -1.97
N TYR A 192 -15.05 4.85 -1.75
CA TYR A 192 -15.59 5.70 -2.81
C TYR A 192 -15.59 7.20 -2.51
N LEU A 193 -15.47 7.56 -1.24
CA LEU A 193 -15.33 8.96 -0.87
C LEU A 193 -13.98 9.27 -0.23
N ASP A 194 -13.16 8.24 -0.06
CA ASP A 194 -11.85 8.37 0.57
C ASP A 194 -11.97 9.07 1.93
N ASN A 195 -13.09 8.85 2.61
CA ASN A 195 -13.33 9.42 3.92
C ASN A 195 -13.00 8.43 5.04
N VAL A 196 -11.72 8.29 5.35
CA VAL A 196 -11.26 7.28 6.29
C VAL A 196 -11.78 7.51 7.69
N LYS A 197 -11.73 8.75 8.16
CA LYS A 197 -12.20 9.07 9.50
C LYS A 197 -13.67 8.68 9.70
N GLU A 198 -14.45 8.75 8.63
CA GLU A 198 -15.87 8.47 8.75
C GLU A 198 -16.12 6.97 8.73
N ALA A 199 -15.42 6.27 7.84
CA ALA A 199 -15.56 4.81 7.74
C ALA A 199 -15.16 4.15 9.06
N VAL A 200 -14.06 4.63 9.64
CA VAL A 200 -13.60 4.12 10.92
C VAL A 200 -14.66 4.29 12.00
N ALA A 201 -15.26 5.47 12.05
CA ALA A 201 -16.27 5.77 13.06
C ALA A 201 -17.43 4.80 12.95
N LEU A 202 -17.92 4.61 11.73
CA LEU A 202 -19.04 3.70 11.47
C LEU A 202 -18.72 2.25 11.85
N TYR A 203 -17.55 1.75 11.45
CA TYR A 203 -17.13 0.41 11.83
C TYR A 203 -17.24 0.23 13.34
N CYS A 204 -16.89 1.29 14.07
CA CYS A 204 -17.02 1.26 15.54
C CYS A 204 -18.46 1.17 16.00
N LYS A 205 -19.35 1.77 15.20
CA LYS A 205 -20.74 1.88 15.58
C LYS A 205 -21.37 0.51 15.46
N ALA A 206 -20.70 -0.35 14.68
CA ALA A 206 -21.13 -1.72 14.49
C ALA A 206 -20.34 -2.68 15.36
N TYR A 207 -19.65 -2.15 16.38
CA TYR A 207 -18.81 -2.94 17.27
C TYR A 207 -17.69 -3.70 16.58
N ARG A 208 -17.40 -3.34 15.34
CA ARG A 208 -16.32 -4.00 14.59
C ARG A 208 -15.04 -3.22 14.73
N TYR A 209 -14.49 -3.23 15.94
CA TYR A 209 -13.30 -2.45 16.27
C TYR A 209 -12.09 -3.01 15.55
N ASP A 210 -12.14 -4.32 15.29
CA ASP A 210 -11.14 -4.98 14.47
C ASP A 210 -11.05 -4.39 13.03
N ILE A 211 -12.18 -4.21 12.34
CA ILE A 211 -12.12 -3.57 11.03
C ILE A 211 -11.72 -2.11 11.18
N ALA A 212 -12.31 -1.45 12.16
CA ALA A 212 -11.97 -0.05 12.43
C ALA A 212 -10.46 0.21 12.50
N SER A 213 -9.76 -0.54 13.37
CA SER A 213 -8.32 -0.37 13.54
C SER A 213 -7.49 -0.71 12.30
N LEU A 214 -7.85 -1.79 11.60
CA LEU A 214 -7.08 -2.20 10.45
C LEU A 214 -7.26 -1.17 9.33
N VAL A 215 -8.44 -0.57 9.26
CA VAL A 215 -8.62 0.47 8.26
C VAL A 215 -7.81 1.71 8.60
N ALA A 216 -7.85 2.15 9.86
CA ALA A 216 -7.04 3.30 10.24
C ALA A 216 -5.57 3.05 9.96
N ILE A 217 -5.09 1.88 10.37
CA ILE A 217 -3.71 1.49 10.12
C ILE A 217 -3.35 1.38 8.64
N LYS A 218 -4.16 0.66 7.87
CA LYS A 218 -3.89 0.48 6.44
C LYS A 218 -3.87 1.82 5.70
N ALA A 219 -4.76 2.72 6.13
CA ALA A 219 -4.87 4.03 5.49
C ALA A 219 -3.69 4.93 5.83
N LYS A 220 -2.78 4.41 6.64
CA LYS A 220 -1.68 5.19 7.19
C LYS A 220 -2.21 6.42 7.94
N LYS A 221 -3.30 6.26 8.67
CA LYS A 221 -3.81 7.32 9.54
C LYS A 221 -3.96 6.81 10.97
N ASP A 222 -2.81 6.50 11.58
CA ASP A 222 -2.73 5.87 12.90
C ASP A 222 -3.45 6.66 13.99
N GLU A 223 -3.49 7.98 13.84
CA GLU A 223 -4.03 8.84 14.89
C GLU A 223 -5.48 8.49 15.20
N LEU A 224 -6.19 7.99 14.19
CA LEU A 224 -7.60 7.62 14.32
C LEU A 224 -7.81 6.53 15.36
N LEU A 225 -6.72 5.88 15.76
CA LEU A 225 -6.77 4.90 16.84
C LEU A 225 -7.18 5.60 18.11
N GLU A 226 -6.40 6.62 18.49
CA GLU A 226 -6.73 7.44 19.66
C GLU A 226 -7.93 8.31 19.37
N GLU A 227 -7.92 8.93 18.20
CA GLU A 227 -8.94 9.88 17.79
C GLU A 227 -10.37 9.31 17.64
N VAL A 228 -10.50 8.11 17.09
CA VAL A 228 -11.81 7.52 16.84
C VAL A 228 -12.09 6.17 17.51
N VAL A 229 -11.14 5.24 17.43
CA VAL A 229 -11.45 3.88 17.90
C VAL A 229 -11.61 3.89 19.42
N ASP A 230 -10.66 4.53 20.13
CA ASP A 230 -10.72 4.61 21.58
C ASP A 230 -12.03 5.18 22.14
N PRO A 231 -12.44 6.40 21.70
CA PRO A 231 -13.73 6.89 22.19
C PRO A 231 -14.89 5.97 21.80
N GLY A 232 -14.81 5.32 20.64
CA GLY A 232 -15.81 4.35 20.23
C GLY A 232 -15.85 3.16 21.17
N LEU A 233 -14.67 2.71 21.59
CA LEU A 233 -14.57 1.71 22.63
C LEU A 233 -15.23 2.23 23.92
N GLY A 234 -15.09 3.53 24.18
CA GLY A 234 -15.77 4.13 25.30
C GLY A 234 -17.27 4.00 25.20
N GLU A 235 -17.83 4.40 24.06
CA GLU A 235 -19.27 4.33 23.81
C GLU A 235 -19.78 2.90 23.95
N GLY A 236 -19.11 1.98 23.26
CA GLY A 236 -19.48 0.57 23.33
C GLY A 236 -19.46 0.03 24.74
N PHE A 237 -18.47 0.45 25.52
CA PHE A 237 -18.33 0.07 26.91
C PHE A 237 -19.53 0.54 27.73
N GLY A 238 -19.85 1.84 27.65
CA GLY A 238 -20.92 2.41 28.46
C GLY A 238 -22.29 1.86 28.09
N ILE A 239 -22.50 1.64 26.81
CA ILE A 239 -23.77 1.12 26.34
C ILE A 239 -24.02 -0.28 26.89
N ILE A 240 -23.04 -1.17 26.76
CA ILE A 240 -23.18 -2.53 27.27
C ILE A 240 -23.15 -2.56 28.81
N ALA A 241 -22.37 -1.68 29.43
CA ALA A 241 -22.33 -1.57 30.88
C ALA A 241 -23.71 -1.24 31.45
N GLU A 242 -24.30 -0.18 30.91
CA GLU A 242 -25.61 0.30 31.35
C GLU A 242 -26.69 -0.77 31.14
N LEU A 243 -26.66 -1.41 29.98
CA LEU A 243 -27.58 -2.49 29.65
C LEU A 243 -27.54 -3.65 30.66
N LEU A 244 -26.35 -3.95 31.15
CA LEU A 244 -26.16 -5.06 32.09
C LEU A 244 -26.67 -4.71 33.48
N ALA A 245 -26.50 -3.44 33.86
CA ALA A 245 -27.10 -2.91 35.07
C ALA A 245 -28.61 -3.13 35.03
N ASP A 246 -29.22 -2.71 33.92
CA ASP A 246 -30.64 -2.90 33.65
C ASP A 246 -31.10 -4.33 33.93
N CYS A 247 -30.43 -5.30 33.30
CA CYS A 247 -30.83 -6.70 33.41
C CYS A 247 -30.75 -7.19 34.85
N LYS A 248 -29.64 -6.90 35.52
CA LYS A 248 -29.47 -7.22 36.94
C LYS A 248 -30.54 -6.49 37.74
N GLY A 249 -30.72 -5.20 37.49
CA GLY A 249 -31.77 -4.41 38.11
C GLY A 249 -33.18 -4.91 37.83
N GLN A 250 -33.46 -5.26 36.57
CA GLN A 250 -34.75 -5.81 36.18
C GLN A 250 -35.03 -7.11 36.92
N ILE A 251 -34.28 -8.15 36.58
CA ILE A 251 -34.45 -9.49 37.16
C ILE A 251 -34.65 -9.48 38.68
N ASN A 252 -33.70 -8.89 39.40
CA ASN A 252 -33.74 -8.83 40.86
C ASN A 252 -35.09 -8.32 41.42
N SER A 253 -35.74 -7.45 40.66
CA SER A 253 -37.07 -6.97 41.01
C SER A 253 -38.15 -7.94 40.51
N GLN A 254 -38.07 -8.31 39.24
CA GLN A 254 -39.01 -9.26 38.64
C GLN A 254 -38.95 -10.64 39.33
N LEU A 255 -37.82 -10.93 39.97
CA LEU A 255 -37.66 -12.15 40.76
C LEU A 255 -38.59 -12.13 41.96
N ARG A 256 -38.46 -11.09 42.79
CA ARG A 256 -39.27 -10.93 44.00
C ARG A 256 -40.78 -11.09 43.74
N ARG A 257 -41.29 -10.49 42.67
CA ARG A 257 -42.70 -10.60 42.33
C ARG A 257 -43.08 -12.01 41.91
N GLU A 338 -48.56 -11.32 36.25
CA GLU A 338 -48.27 -12.75 36.39
C GLU A 338 -47.63 -13.32 35.13
N GLU A 339 -48.45 -13.66 34.14
CA GLU A 339 -47.96 -14.20 32.88
C GLU A 339 -47.12 -13.17 32.11
N TYR A 340 -47.38 -11.89 32.39
CA TYR A 340 -46.61 -10.80 31.78
C TYR A 340 -45.17 -10.84 32.24
N LEU A 341 -44.95 -10.67 33.54
CA LEU A 341 -43.62 -10.59 34.13
C LEU A 341 -42.69 -11.75 33.74
N VAL A 342 -43.26 -12.93 33.49
CA VAL A 342 -42.46 -14.11 33.16
C VAL A 342 -41.99 -14.13 31.71
N GLN A 343 -42.75 -13.48 30.82
CA GLN A 343 -42.40 -13.43 29.40
C GLN A 343 -41.35 -12.35 29.11
N SER A 344 -41.39 -11.27 29.90
CA SER A 344 -40.44 -10.17 29.73
C SER A 344 -39.06 -10.56 30.26
N VAL A 345 -39.06 -11.52 31.20
CA VAL A 345 -37.82 -12.08 31.71
C VAL A 345 -37.24 -13.07 30.70
N GLY A 346 -38.09 -13.56 29.80
CA GLY A 346 -37.63 -14.38 28.70
C GLY A 346 -37.20 -13.53 27.51
N ARG A 347 -37.56 -12.26 27.54
CA ARG A 347 -37.16 -11.32 26.49
C ARG A 347 -35.74 -10.80 26.74
N LEU A 348 -35.35 -10.79 28.03
CA LEU A 348 -33.99 -10.44 28.41
C LEU A 348 -33.00 -11.51 27.95
N ILE A 349 -33.33 -12.77 28.18
CA ILE A 349 -32.47 -13.88 27.79
C ILE A 349 -32.19 -13.91 26.28
N GLU A 350 -32.97 -13.17 25.49
CA GLU A 350 -32.67 -12.99 24.06
C GLU A 350 -31.96 -11.66 23.78
N ARG A 351 -32.22 -10.65 24.60
CA ARG A 351 -31.53 -9.35 24.45
C ARG A 351 -30.09 -9.47 24.90
N LEU A 352 -29.85 -10.40 25.83
CA LEU A 352 -28.49 -10.72 26.26
C LEU A 352 -27.76 -11.46 25.15
N ASN A 353 -28.34 -12.58 24.71
CA ASN A 353 -27.74 -13.36 23.62
C ASN A 353 -27.52 -12.53 22.35
N GLN A 354 -28.34 -11.50 22.14
CA GLN A 354 -28.14 -10.57 21.04
C GLN A 354 -26.92 -9.70 21.30
N THR A 355 -26.78 -9.25 22.54
CA THR A 355 -25.69 -8.35 22.96
C THR A 355 -24.35 -9.08 23.19
N LYS A 356 -24.38 -10.40 23.36
CA LYS A 356 -23.15 -11.15 23.69
C LYS A 356 -21.99 -11.00 22.69
N PRO A 357 -22.21 -11.29 21.39
CA PRO A 357 -21.08 -11.15 20.48
C PRO A 357 -20.48 -9.75 20.45
N ASP A 358 -21.31 -8.73 20.69
CA ASP A 358 -20.81 -7.35 20.68
C ASP A 358 -20.01 -7.11 21.94
N ALA A 359 -20.48 -7.68 23.03
CA ALA A 359 -19.76 -7.60 24.29
C ALA A 359 -18.35 -8.12 24.11
N VAL A 360 -18.24 -9.28 23.45
CA VAL A 360 -16.97 -9.94 23.21
C VAL A 360 -16.03 -9.00 22.49
N ARG A 361 -16.53 -8.41 21.40
CA ARG A 361 -15.78 -7.48 20.59
C ARG A 361 -15.32 -6.26 21.40
N VAL A 362 -16.16 -5.81 22.32
CA VAL A 362 -15.82 -4.69 23.19
C VAL A 362 -14.75 -5.10 24.19
N VAL A 363 -14.96 -6.24 24.84
CA VAL A 363 -13.94 -6.82 25.72
C VAL A 363 -12.64 -7.00 24.95
N GLU A 364 -12.72 -7.53 23.74
CA GLU A 364 -11.48 -7.78 23.02
C GLU A 364 -10.84 -6.49 22.53
N GLY A 365 -11.67 -5.49 22.25
CA GLY A 365 -11.18 -4.22 21.74
C GLY A 365 -10.51 -3.48 22.86
N LEU A 366 -11.14 -3.53 24.03
CA LEU A 366 -10.60 -2.88 25.21
C LEU A 366 -9.21 -3.41 25.59
N CYS A 367 -9.07 -4.74 25.64
CA CYS A 367 -7.77 -5.35 25.93
C CYS A 367 -6.69 -4.89 24.93
N ARG A 368 -6.97 -4.98 23.64
CA ARG A 368 -5.97 -4.55 22.65
C ARG A 368 -5.58 -3.07 22.77
N ARG A 369 -6.45 -2.25 23.35
CA ARG A 369 -6.06 -0.87 23.63
C ARG A 369 -5.54 -0.66 25.05
N ASN A 370 -5.17 -1.76 25.69
CA ASN A 370 -4.69 -1.74 27.07
C ASN A 370 -5.62 -1.15 28.13
N MSE A 371 -6.94 -1.19 27.90
CA MSE A 371 -7.90 -0.82 28.93
C MSE A 371 -8.38 -2.03 29.75
O MSE A 371 -9.57 -2.34 29.75
CB MSE A 371 -9.10 -0.12 28.32
CG MSE A 371 -8.94 0.31 26.86
SE MSE A 371 -9.71 2.08 26.58
CE MSE A 371 -8.77 2.86 28.15
N ARG A 372 -7.45 -2.68 30.46
CA ARG A 372 -7.72 -3.93 31.20
C ARG A 372 -8.88 -3.86 32.19
N GLU A 373 -8.91 -2.79 32.98
CA GLU A 373 -10.01 -2.60 33.95
C GLU A 373 -11.38 -2.61 33.30
N GLN A 374 -11.56 -1.76 32.28
CA GLN A 374 -12.84 -1.68 31.56
C GLN A 374 -13.20 -3.03 30.98
N ALA A 375 -12.24 -3.68 30.35
CA ALA A 375 -12.44 -5.03 29.79
C ALA A 375 -12.89 -5.99 30.89
N HIS A 376 -12.17 -5.97 32.02
CA HIS A 376 -12.45 -6.89 33.13
C HIS A 376 -13.86 -6.77 33.68
N GLN A 377 -14.32 -5.52 33.80
CA GLN A 377 -15.65 -5.20 34.32
C GLN A 377 -16.78 -5.67 33.40
N ILE A 378 -16.61 -5.44 32.09
CA ILE A 378 -17.62 -5.89 31.16
C ILE A 378 -17.78 -7.41 31.26
N GLN A 379 -16.65 -8.13 31.34
CA GLN A 379 -16.72 -9.59 31.34
C GLN A 379 -17.25 -10.13 32.66
N LYS A 380 -16.92 -9.46 33.76
CA LYS A 380 -17.47 -9.81 35.05
C LYS A 380 -18.98 -9.55 35.07
N ASN A 381 -19.38 -8.31 34.79
CA ASN A 381 -20.78 -7.93 34.79
C ASN A 381 -21.65 -8.86 33.93
N PHE A 382 -21.13 -9.24 32.77
CA PHE A 382 -21.86 -10.12 31.88
C PHE A 382 -22.04 -11.49 32.51
N VAL A 383 -20.95 -12.05 33.02
CA VAL A 383 -20.98 -13.38 33.62
C VAL A 383 -21.88 -13.37 34.85
N GLU A 384 -21.73 -12.33 35.66
CA GLU A 384 -22.57 -12.11 36.83
C GLU A 384 -24.05 -12.28 36.48
N VAL A 385 -24.45 -11.67 35.37
CA VAL A 385 -25.84 -11.80 34.93
C VAL A 385 -26.18 -13.25 34.58
N LEU A 386 -25.45 -13.82 33.63
CA LEU A 386 -25.69 -15.21 33.19
C LEU A 386 -25.75 -16.23 34.34
N ASP A 387 -24.93 -16.04 35.37
CA ASP A 387 -24.96 -16.91 36.54
C ASP A 387 -26.25 -16.73 37.33
N LEU A 388 -26.54 -15.47 37.69
CA LEU A 388 -27.78 -15.11 38.34
C LEU A 388 -28.97 -15.59 37.51
N LEU A 389 -28.82 -15.50 36.20
CA LEU A 389 -29.85 -15.97 35.30
C LEU A 389 -29.93 -17.50 35.36
N LYS A 390 -28.79 -18.16 35.49
CA LYS A 390 -28.76 -19.62 35.50
C LYS A 390 -29.45 -20.23 36.74
N ALA A 391 -29.43 -19.49 37.85
CA ALA A 391 -30.12 -19.89 39.06
C ALA A 391 -31.63 -19.70 38.94
N ASN A 392 -32.08 -18.45 38.93
CA ASN A 392 -33.51 -18.15 38.95
C ASN A 392 -34.33 -18.53 37.69
N VAL A 393 -33.68 -18.96 36.60
CA VAL A 393 -34.43 -19.40 35.42
C VAL A 393 -35.07 -20.74 35.72
N LYS A 394 -34.30 -21.58 36.42
CA LYS A 394 -34.78 -22.88 36.88
C LYS A 394 -35.95 -22.68 37.83
N GLU A 395 -35.74 -21.88 38.88
CA GLU A 395 -36.77 -21.57 39.87
C GLU A 395 -37.91 -20.71 39.32
N ILE A 396 -38.10 -20.75 37.99
CA ILE A 396 -39.15 -20.00 37.31
C ILE A 396 -39.80 -20.84 36.23
N GLU A 423 -32.75 -22.02 28.47
CA GLU A 423 -31.55 -22.56 27.83
C GLU A 423 -30.41 -21.54 27.82
N ILE A 424 -29.75 -21.36 28.96
CA ILE A 424 -28.72 -20.32 29.11
C ILE A 424 -27.29 -20.72 28.70
N HIS A 425 -26.86 -20.15 27.57
CA HIS A 425 -25.52 -20.39 27.02
C HIS A 425 -24.46 -19.50 27.70
N ASP A 426 -23.40 -20.11 28.22
CA ASP A 426 -22.36 -19.37 28.94
C ASP A 426 -21.62 -18.34 28.06
N PHE A 427 -20.96 -17.38 28.72
CA PHE A 427 -20.26 -16.28 28.03
C PHE A 427 -18.81 -16.65 27.70
N PRO A 428 -18.41 -16.42 26.45
CA PRO A 428 -17.06 -16.80 26.01
C PRO A 428 -16.03 -15.89 26.65
N LYS A 429 -15.27 -16.40 27.60
CA LYS A 429 -14.35 -15.54 28.31
C LYS A 429 -13.03 -15.47 27.57
N SER A 430 -12.35 -14.33 27.68
CA SER A 430 -10.93 -14.29 27.39
C SER A 430 -10.22 -14.47 28.72
N HIS A 431 -9.10 -15.18 28.64
CA HIS A 431 -8.31 -15.48 29.80
C HIS A 431 -7.61 -14.22 30.32
N ILE A 432 -7.36 -13.27 29.43
CA ILE A 432 -6.62 -12.05 29.74
C ILE A 432 -7.22 -11.32 30.94
N VAL A 433 -8.52 -11.49 31.11
CA VAL A 433 -9.28 -10.63 32.00
C VAL A 433 -10.25 -11.47 32.86
N ASP A 434 -9.98 -12.78 32.91
CA ASP A 434 -10.68 -13.71 33.80
C ASP A 434 -9.96 -13.89 35.15
N PHE A 435 -10.14 -12.93 36.08
CA PHE A 435 -9.59 -13.09 37.41
C PHE A 435 -10.42 -12.41 38.50
N ASP B 6 13.29 16.49 -73.24
CA ASP B 6 13.52 16.47 -71.79
C ASP B 6 12.56 17.42 -71.08
N VAL B 7 12.02 16.98 -69.94
CA VAL B 7 11.07 17.78 -69.19
C VAL B 7 11.75 19.07 -68.73
N ASN B 8 10.99 20.14 -68.54
CA ASN B 8 11.57 21.46 -68.22
C ASN B 8 10.88 22.16 -67.07
N VAL B 9 11.46 23.29 -66.66
CA VAL B 9 11.02 24.02 -65.48
C VAL B 9 9.64 24.67 -65.60
N VAL B 10 9.29 25.13 -66.81
CA VAL B 10 8.04 25.86 -67.04
C VAL B 10 6.84 24.93 -67.00
N TYR B 11 7.05 23.73 -67.50
CA TYR B 11 6.09 22.65 -67.38
C TYR B 11 5.82 22.31 -65.92
N LYS B 12 6.88 22.13 -65.15
CA LYS B 12 6.76 21.83 -63.74
C LYS B 12 6.11 22.98 -62.97
N SER B 13 6.44 24.23 -63.31
CA SER B 13 5.80 25.38 -62.67
C SER B 13 4.30 25.42 -62.96
N ALA B 14 3.90 24.84 -64.09
CA ALA B 14 2.50 24.87 -64.48
C ALA B 14 1.74 23.79 -63.73
N LEU B 15 2.33 22.60 -63.63
CA LEU B 15 1.79 21.58 -62.74
C LEU B 15 1.63 22.17 -61.33
N SER B 16 2.68 22.85 -60.88
CA SER B 16 2.73 23.49 -59.54
C SER B 16 1.50 24.36 -59.22
N LEU B 17 0.97 25.05 -60.23
CA LEU B 17 -0.23 25.86 -60.08
C LEU B 17 -1.54 25.07 -60.23
N TYR B 18 -1.44 23.76 -60.42
CA TYR B 18 -2.60 22.89 -60.60
C TYR B 18 -3.42 23.25 -61.84
N ASP B 19 -2.74 23.77 -62.85
CA ASP B 19 -3.35 24.15 -64.13
C ASP B 19 -2.91 23.16 -65.21
N VAL B 20 -3.68 22.09 -65.35
CA VAL B 20 -3.35 21.01 -66.29
C VAL B 20 -3.41 21.43 -67.76
N SER B 21 -4.38 22.27 -68.12
CA SER B 21 -4.48 22.69 -69.53
C SER B 21 -3.28 23.53 -69.94
N LEU B 22 -2.81 24.37 -69.01
CA LEU B 22 -1.64 25.22 -69.23
C LEU B 22 -0.34 24.42 -69.35
N ALA B 23 -0.32 23.22 -68.79
CA ALA B 23 0.90 22.43 -68.86
C ALA B 23 0.90 21.59 -70.13
N LEU B 24 -0.30 21.18 -70.57
CA LEU B 24 -0.46 20.59 -71.89
C LEU B 24 0.13 21.52 -72.97
N LEU B 25 -0.25 22.79 -72.93
CA LEU B 25 0.31 23.80 -73.80
C LEU B 25 1.85 23.82 -73.76
N VAL B 26 2.39 24.06 -72.57
CA VAL B 26 3.83 24.21 -72.38
C VAL B 26 4.58 22.95 -72.80
N ALA B 27 4.03 21.79 -72.47
CA ALA B 27 4.62 20.54 -72.91
C ALA B 27 4.59 20.43 -74.45
N GLN B 28 3.41 20.67 -75.04
CA GLN B 28 3.24 20.63 -76.51
C GLN B 28 4.25 21.51 -77.24
N LYS B 29 4.31 22.77 -76.83
CA LYS B 29 5.13 23.75 -77.54
C LYS B 29 6.54 23.83 -76.97
N SER B 30 7.16 22.67 -76.69
CA SER B 30 8.58 22.62 -76.31
C SER B 30 9.22 21.23 -76.29
N GLN B 31 9.13 20.47 -77.38
CA GLN B 31 9.96 19.26 -77.56
C GLN B 31 9.61 18.04 -76.69
N MSE B 32 8.81 18.24 -75.65
CA MSE B 32 8.58 17.16 -74.71
C MSE B 32 7.94 15.95 -75.37
O MSE B 32 6.93 16.08 -76.07
CB MSE B 32 7.77 17.65 -73.50
CG MSE B 32 8.61 18.42 -72.48
SE MSE B 32 7.67 19.00 -70.88
CE MSE B 32 6.71 17.33 -70.53
N ASP B 33 8.55 14.79 -75.17
CA ASP B 33 8.04 13.52 -75.69
C ASP B 33 6.64 13.25 -75.14
N PRO B 34 5.64 13.21 -76.03
CA PRO B 34 4.26 12.97 -75.62
C PRO B 34 4.09 11.60 -74.97
N ARG B 35 5.02 10.68 -75.24
CA ARG B 35 4.96 9.33 -74.69
C ARG B 35 4.83 9.36 -73.18
N GLU B 36 5.56 10.27 -72.53
CA GLU B 36 5.51 10.37 -71.07
C GLU B 36 4.41 11.29 -70.52
N TYR B 37 4.34 12.53 -71.02
CA TYR B 37 3.41 13.51 -70.43
C TYR B 37 1.92 13.28 -70.72
N LEU B 38 1.60 12.67 -71.87
CA LEU B 38 0.20 12.44 -72.24
C LEU B 38 -0.60 11.51 -71.31
N PRO B 39 -0.06 10.31 -70.99
CA PRO B 39 -0.85 9.43 -70.12
C PRO B 39 -0.95 10.01 -68.72
N PHE B 40 0.07 10.77 -68.32
CA PHE B 40 0.07 11.40 -67.00
C PHE B 40 -1.01 12.48 -66.90
N LEU B 41 -0.94 13.44 -67.83
CA LEU B 41 -1.87 14.58 -67.87
C LEU B 41 -3.32 14.13 -68.00
N GLN B 42 -3.53 13.01 -68.68
CA GLN B 42 -4.84 12.38 -68.77
C GLN B 42 -5.33 11.96 -67.39
N GLU B 43 -4.51 11.17 -66.70
CA GLU B 43 -4.84 10.67 -65.38
C GLU B 43 -5.27 11.81 -64.46
N LEU B 44 -4.50 12.91 -64.49
CA LEU B 44 -4.79 14.08 -63.66
C LEU B 44 -6.21 14.59 -63.90
N GLN B 45 -6.60 14.65 -65.17
CA GLN B 45 -7.91 15.15 -65.56
C GLN B 45 -9.07 14.25 -65.10
N ASP B 46 -8.84 12.93 -65.10
CA ASP B 46 -9.88 11.97 -64.73
C ASP B 46 -10.19 12.03 -63.24
N ASN B 47 -9.15 12.25 -62.43
CA ASN B 47 -9.31 12.35 -60.97
C ASN B 47 -9.94 13.65 -60.53
N GLU B 48 -10.46 13.66 -59.31
CA GLU B 48 -11.08 14.83 -58.71
C GLU B 48 -10.03 15.90 -58.39
N PRO B 49 -10.47 17.15 -58.12
CA PRO B 49 -9.55 18.24 -57.71
C PRO B 49 -8.55 17.86 -56.62
N LEU B 50 -9.04 17.63 -55.40
CA LEU B 50 -8.20 17.29 -54.26
C LEU B 50 -7.17 16.18 -54.59
N ARG B 51 -7.63 15.10 -55.21
CA ARG B 51 -6.74 14.00 -55.55
C ARG B 51 -5.75 14.35 -56.67
N ARG B 52 -6.18 15.19 -57.60
CA ARG B 52 -5.32 15.61 -58.70
C ARG B 52 -4.17 16.42 -58.14
N LYS B 53 -4.49 17.39 -57.29
CA LYS B 53 -3.46 18.18 -56.64
C LYS B 53 -2.51 17.27 -55.85
N PHE B 54 -2.99 16.12 -55.40
CA PHE B 54 -2.15 15.18 -54.68
C PHE B 54 -1.06 14.55 -55.55
N LEU B 55 -1.49 13.93 -56.65
CA LEU B 55 -0.54 13.29 -57.58
C LEU B 55 0.47 14.31 -58.14
N ILE B 56 -0.02 15.50 -58.45
CA ILE B 56 0.89 16.60 -58.81
C ILE B 56 1.99 16.74 -57.78
N ASP B 57 1.62 17.08 -56.56
CA ASP B 57 2.62 17.32 -55.50
C ASP B 57 3.59 16.15 -55.31
N ASP B 58 3.07 14.92 -55.36
CA ASP B 58 3.91 13.73 -55.33
C ASP B 58 4.93 13.69 -56.46
N TYR B 59 4.50 14.06 -57.67
CA TYR B 59 5.37 14.15 -58.83
C TYR B 59 6.46 15.19 -58.63
N LEU B 60 6.05 16.36 -58.15
CA LEU B 60 6.98 17.48 -57.97
C LEU B 60 7.90 17.27 -56.79
N GLY B 61 7.45 16.48 -55.82
CA GLY B 61 8.27 16.19 -54.66
C GLY B 61 7.87 16.96 -53.42
N ASN B 62 6.81 17.76 -53.52
CA ASN B 62 6.31 18.48 -52.35
C ASN B 62 5.49 17.55 -51.47
N TYR B 63 6.16 16.68 -50.72
CA TYR B 63 5.47 15.62 -50.01
C TYR B 63 4.63 16.16 -48.84
N GLU B 64 5.10 17.27 -48.27
CA GLU B 64 4.34 17.97 -47.24
C GLU B 64 3.02 18.51 -47.79
N LYS B 65 3.07 19.07 -49.00
CA LYS B 65 1.88 19.55 -49.70
C LYS B 65 0.97 18.38 -50.09
N ALA B 66 1.60 17.35 -50.65
CA ALA B 66 0.87 16.16 -51.04
C ALA B 66 0.01 15.63 -49.89
N LEU B 67 0.61 15.50 -48.71
CA LEU B 67 -0.10 14.99 -47.53
C LEU B 67 -1.29 15.87 -47.14
N GLU B 68 -1.09 17.19 -47.12
CA GLU B 68 -2.19 18.13 -46.89
C GLU B 68 -3.37 17.85 -47.82
N HIS B 69 -3.11 17.65 -49.10
CA HIS B 69 -4.20 17.35 -50.01
C HIS B 69 -4.77 15.95 -49.77
N LEU B 70 -3.89 14.97 -49.71
CA LEU B 70 -4.32 13.58 -49.54
C LEU B 70 -5.17 13.41 -48.27
N SER B 71 -4.92 14.25 -47.27
CA SER B 71 -5.64 14.15 -46.00
C SER B 71 -6.99 14.85 -46.06
N GLU B 72 -7.24 15.58 -47.13
CA GLU B 72 -8.53 16.24 -47.32
C GLU B 72 -9.52 15.37 -48.09
N ILE B 73 -9.00 14.40 -48.84
CA ILE B 73 -9.83 13.51 -49.69
C ILE B 73 -10.90 12.75 -48.91
N ASP B 74 -10.48 11.99 -47.91
CA ASP B 74 -11.40 11.27 -47.04
C ASP B 74 -12.43 12.23 -46.43
N LYS B 75 -13.61 11.71 -46.12
CA LYS B 75 -14.74 12.56 -45.68
C LYS B 75 -14.47 13.72 -44.69
N ASP B 76 -13.89 13.49 -43.51
CA ASP B 76 -13.21 12.26 -43.09
C ASP B 76 -14.04 11.31 -42.22
N GLY B 77 -13.97 11.53 -40.92
CA GLY B 77 -14.55 10.60 -39.97
C GLY B 77 -13.41 9.88 -39.26
N ASN B 78 -12.30 9.76 -39.99
CA ASN B 78 -11.04 9.22 -39.49
C ASN B 78 -9.90 9.42 -40.50
N VAL B 79 -8.84 8.64 -40.37
CA VAL B 79 -7.63 8.81 -41.17
C VAL B 79 -7.38 7.57 -42.03
N SER B 80 -7.42 7.74 -43.35
CA SER B 80 -7.34 6.61 -44.28
C SER B 80 -6.06 5.78 -44.15
N GLU B 81 -6.15 4.51 -44.56
CA GLU B 81 -4.98 3.63 -44.64
C GLU B 81 -3.96 4.19 -45.64
N GLU B 82 -4.44 5.07 -46.51
CA GLU B 82 -3.60 5.63 -47.56
C GLU B 82 -2.75 6.80 -47.09
N VAL B 83 -3.30 7.60 -46.17
CA VAL B 83 -2.53 8.66 -45.50
C VAL B 83 -1.38 8.00 -44.75
N ILE B 84 -1.74 7.10 -43.84
CA ILE B 84 -0.79 6.30 -43.09
C ILE B 84 0.37 5.78 -43.95
N ASP B 85 0.04 5.02 -44.99
CA ASP B 85 1.08 4.48 -45.87
C ASP B 85 1.96 5.59 -46.40
N TYR B 86 1.35 6.73 -46.70
CA TYR B 86 2.07 7.84 -47.31
C TYR B 86 3.03 8.50 -46.31
N VAL B 87 2.59 8.63 -45.06
CA VAL B 87 3.46 9.13 -43.99
C VAL B 87 4.59 8.14 -43.68
N GLU B 88 4.28 6.86 -43.74
CA GLU B 88 5.25 5.81 -43.45
C GLU B 88 6.31 5.64 -44.54
N SER B 89 6.08 6.25 -45.70
CA SER B 89 7.03 6.13 -46.81
C SER B 89 7.83 7.41 -47.07
N HIS B 90 7.38 8.52 -46.49
CA HIS B 90 8.07 9.79 -46.67
C HIS B 90 8.45 10.44 -45.35
N ASP B 91 8.38 9.68 -44.26
CA ASP B 91 8.77 10.15 -42.94
C ASP B 91 8.15 11.50 -42.58
N LEU B 92 6.86 11.63 -42.82
CA LEU B 92 6.18 12.92 -42.70
C LEU B 92 5.43 13.00 -41.39
N TYR B 93 5.88 12.18 -40.44
CA TYR B 93 5.28 12.09 -39.12
C TYR B 93 5.08 13.45 -38.49
N LYS B 94 6.10 14.30 -38.59
CA LYS B 94 6.01 15.61 -37.97
C LYS B 94 4.95 16.42 -38.67
N HIS B 95 5.01 16.47 -40.00
CA HIS B 95 3.97 17.20 -40.74
C HIS B 95 2.60 16.58 -40.52
N GLY B 96 2.56 15.27 -40.30
CA GLY B 96 1.31 14.61 -39.97
C GLY B 96 0.77 15.12 -38.65
N LEU B 97 1.64 15.15 -37.64
CA LEU B 97 1.32 15.71 -36.33
C LEU B 97 0.83 17.15 -36.43
N ALA B 98 1.38 17.90 -37.39
CA ALA B 98 1.03 19.30 -37.59
C ALA B 98 -0.34 19.47 -38.23
N LEU B 99 -0.69 18.60 -39.17
CA LEU B 99 -1.97 18.70 -39.87
C LEU B 99 -3.12 18.60 -38.89
N TYR B 100 -3.11 17.51 -38.12
CA TYR B 100 -4.24 17.12 -37.30
C TYR B 100 -4.10 17.74 -35.92
N ARG B 101 -3.25 18.76 -35.83
CA ARG B 101 -2.99 19.52 -34.61
C ARG B 101 -4.26 19.94 -33.86
N TYR B 102 -5.38 20.02 -34.57
CA TYR B 102 -6.64 20.42 -33.94
C TYR B 102 -7.65 19.29 -33.87
N ASP B 103 -7.25 18.10 -34.33
CA ASP B 103 -8.09 16.90 -34.29
C ASP B 103 -7.40 15.79 -33.50
N SER B 104 -7.73 15.67 -32.22
CA SER B 104 -7.02 14.79 -31.28
C SER B 104 -7.05 13.32 -31.71
N GLU B 105 -8.23 12.82 -32.07
CA GLU B 105 -8.39 11.45 -32.55
C GLU B 105 -7.60 11.20 -33.84
N LYS B 106 -7.43 12.22 -34.68
CA LYS B 106 -6.68 12.02 -35.90
C LYS B 106 -5.20 12.06 -35.60
N GLN B 107 -4.80 13.03 -34.79
CA GLN B 107 -3.44 13.10 -34.26
C GLN B 107 -2.96 11.75 -33.79
N ASN B 108 -3.76 11.11 -32.94
CA ASN B 108 -3.41 9.84 -32.30
C ASN B 108 -3.07 8.74 -33.27
N VAL B 109 -3.65 8.84 -34.47
CA VAL B 109 -3.45 7.85 -35.50
C VAL B 109 -2.02 7.95 -36.00
N ILE B 110 -1.52 9.17 -36.09
CA ILE B 110 -0.16 9.43 -36.53
C ILE B 110 0.81 9.20 -35.36
N TYR B 111 0.36 9.47 -34.15
CA TYR B 111 1.18 9.25 -32.97
C TYR B 111 1.56 7.79 -32.85
N ASN B 112 0.59 6.93 -33.13
CA ASN B 112 0.82 5.49 -33.06
C ASN B 112 1.95 5.08 -33.98
N ILE B 113 1.69 5.23 -35.27
CA ILE B 113 2.61 4.81 -36.31
C ILE B 113 3.97 5.48 -36.14
N TYR B 114 3.97 6.66 -35.50
CA TYR B 114 5.22 7.37 -35.18
C TYR B 114 6.00 6.57 -34.16
N ALA B 115 5.30 6.15 -33.10
CA ALA B 115 5.96 5.48 -31.98
C ALA B 115 6.71 4.23 -32.45
N LYS B 116 6.05 3.43 -33.30
CA LYS B 116 6.66 2.24 -33.88
C LYS B 116 7.92 2.66 -34.64
N HIS B 117 7.85 3.78 -35.33
CA HIS B 117 9.00 4.29 -36.07
C HIS B 117 10.06 4.79 -35.09
N LEU B 118 9.63 5.64 -34.16
CA LEU B 118 10.50 6.18 -33.11
C LEU B 118 11.35 5.08 -32.49
N SER B 119 10.68 4.04 -31.98
CA SER B 119 11.31 2.86 -31.39
C SER B 119 12.42 2.22 -32.24
N SER B 120 12.14 1.94 -33.51
CA SER B 120 13.14 1.32 -34.39
C SER B 120 14.42 2.13 -34.53
N ASN B 121 14.37 3.43 -34.20
CA ASN B 121 15.55 4.27 -34.28
C ASN B 121 16.10 4.60 -32.89
N GLN B 122 15.94 3.64 -31.99
CA GLN B 122 16.18 3.83 -30.56
C GLN B 122 15.17 4.88 -30.07
N MSE B 123 15.61 5.97 -29.44
CA MSE B 123 14.68 6.97 -28.88
C MSE B 123 13.45 6.36 -28.23
O MSE B 123 12.29 6.68 -28.56
CB MSE B 123 14.24 8.00 -29.91
CG MSE B 123 14.59 7.69 -31.33
SE MSE B 123 15.36 9.26 -32.10
CE MSE B 123 16.59 9.65 -30.64
N TYR B 124 13.72 5.43 -27.33
CA TYR B 124 12.69 4.65 -26.68
C TYR B 124 11.89 5.52 -25.71
N THR B 125 12.53 6.54 -25.15
CA THR B 125 11.83 7.48 -24.27
C THR B 125 10.69 8.14 -25.01
N ASP B 126 11.02 8.80 -26.11
CA ASP B 126 10.01 9.42 -26.96
C ASP B 126 8.94 8.44 -27.41
N ALA B 127 9.35 7.26 -27.86
CA ALA B 127 8.36 6.25 -28.25
C ALA B 127 7.42 5.96 -27.10
N ALA B 128 7.99 5.75 -25.92
CA ALA B 128 7.24 5.33 -24.75
C ALA B 128 6.23 6.40 -24.35
N VAL B 129 6.67 7.66 -24.35
CA VAL B 129 5.77 8.78 -24.10
C VAL B 129 4.52 8.71 -25.00
N ALA B 130 4.73 8.82 -26.31
CA ALA B 130 3.64 8.68 -27.28
C ALA B 130 2.72 7.51 -26.99
N TYR B 131 3.33 6.34 -26.78
CA TYR B 131 2.61 5.10 -26.63
C TYR B 131 1.70 5.19 -25.42
N GLU B 132 2.19 5.91 -24.40
CA GLU B 132 1.49 6.08 -23.13
C GLU B 132 0.31 7.04 -23.33
N MSE B 133 0.56 8.12 -24.08
CA MSE B 133 -0.50 9.07 -24.38
C MSE B 133 -1.64 8.42 -25.10
O MSE B 133 -2.78 8.87 -24.96
CB MSE B 133 0.01 10.21 -25.23
CG MSE B 133 1.35 10.70 -24.85
SE MSE B 133 1.84 12.13 -26.03
CE MSE B 133 0.43 13.32 -25.46
N LEU B 134 -1.35 7.36 -25.85
CA LEU B 134 -2.39 6.59 -26.56
C LEU B 134 -3.00 5.52 -25.68
N GLY B 135 -2.50 5.41 -24.45
CA GLY B 135 -3.00 4.41 -23.54
C GLY B 135 -2.60 3.01 -23.96
N LYS B 136 -1.61 2.91 -24.85
CA LYS B 136 -1.05 1.61 -25.23
C LYS B 136 0.05 1.31 -24.21
N LEU B 137 -0.34 0.79 -23.06
CA LEU B 137 0.55 0.67 -21.92
C LEU B 137 1.56 -0.48 -22.01
N LYS B 138 1.14 -1.60 -22.59
CA LYS B 138 2.04 -2.73 -22.88
C LYS B 138 3.27 -2.31 -23.69
N GLU B 139 3.04 -1.44 -24.67
CA GLU B 139 4.10 -1.02 -25.59
C GLU B 139 4.96 0.07 -25.00
N ALA B 140 4.38 0.86 -24.10
CA ALA B 140 5.10 1.97 -23.48
C ALA B 140 5.99 1.43 -22.36
N MSE B 141 5.46 0.46 -21.63
CA MSE B 141 6.25 -0.24 -20.63
C MSE B 141 7.52 -0.81 -21.28
O MSE B 141 8.64 -0.48 -20.84
CB MSE B 141 5.47 -1.38 -19.98
CG MSE B 141 6.30 -2.11 -18.92
SE MSE B 141 5.49 -3.76 -18.25
CE MSE B 141 3.70 -3.08 -18.14
N GLY B 142 7.34 -1.64 -22.29
CA GLY B 142 8.46 -2.21 -23.01
C GLY B 142 9.45 -1.17 -23.50
N ALA B 143 8.95 0.01 -23.88
CA ALA B 143 9.84 1.04 -24.44
C ALA B 143 10.57 1.78 -23.34
N TYR B 144 9.88 2.05 -22.25
CA TYR B 144 10.55 2.62 -21.08
C TYR B 144 11.68 1.71 -20.65
N GLN B 145 11.47 0.40 -20.76
CA GLN B 145 12.48 -0.57 -20.35
C GLN B 145 13.75 -0.49 -21.19
N SER B 146 13.59 -0.34 -22.49
CA SER B 146 14.78 -0.21 -23.34
C SER B 146 15.48 1.14 -23.11
N ALA B 147 14.74 2.11 -22.59
CA ALA B 147 15.30 3.44 -22.35
C ALA B 147 15.94 3.48 -20.97
N LYS B 148 15.80 2.38 -20.24
CA LYS B 148 16.23 2.29 -18.85
C LYS B 148 15.58 3.37 -17.99
N ARG B 149 14.31 3.64 -18.26
CA ARG B 149 13.50 4.50 -17.40
C ARG B 149 12.69 3.56 -16.55
N TRP B 150 13.36 2.97 -15.56
CA TRP B 150 12.80 1.83 -14.84
C TRP B 150 11.64 2.22 -13.97
N ARG B 151 11.68 3.44 -13.46
CA ARG B 151 10.59 3.93 -12.62
C ARG B 151 9.27 3.89 -13.37
N GLU B 152 9.24 4.38 -14.60
CA GLU B 152 7.99 4.31 -15.35
C GLU B 152 7.71 2.90 -15.86
N ALA B 153 8.77 2.19 -16.23
CA ALA B 153 8.66 0.80 -16.66
C ALA B 153 8.10 -0.12 -15.57
N MSE B 154 8.62 -0.05 -14.35
CA MSE B 154 8.09 -0.91 -13.30
C MSE B 154 6.81 -0.37 -12.70
O MSE B 154 6.15 -1.06 -11.92
CB MSE B 154 9.08 -1.16 -12.18
CG MSE B 154 10.44 -1.69 -12.62
SE MSE B 154 10.42 -3.61 -12.99
CE MSE B 154 8.85 -4.02 -11.88
N SER B 155 6.46 0.87 -13.04
CA SER B 155 5.23 1.44 -12.54
C SER B 155 4.06 0.91 -13.35
N ILE B 156 4.23 0.84 -14.66
CA ILE B 156 3.20 0.26 -15.53
C ILE B 156 3.13 -1.27 -15.33
N ALA B 157 4.28 -1.90 -15.14
CA ALA B 157 4.35 -3.34 -14.84
C ALA B 157 3.49 -3.68 -13.64
N VAL B 158 3.67 -2.92 -12.57
CA VAL B 158 2.87 -3.13 -11.39
C VAL B 158 1.39 -2.91 -11.69
N GLN B 159 1.05 -1.74 -12.22
CA GLN B 159 -0.36 -1.37 -12.37
C GLN B 159 -1.24 -2.07 -13.38
N LYS B 160 -0.67 -2.69 -14.42
CA LYS B 160 -1.52 -3.36 -15.41
C LYS B 160 -0.96 -4.67 -15.94
N PHE B 161 0.30 -4.97 -15.63
CA PHE B 161 0.91 -6.23 -16.05
C PHE B 161 1.68 -6.92 -14.91
N PRO B 162 0.97 -7.25 -13.80
CA PRO B 162 1.60 -7.79 -12.60
C PRO B 162 2.40 -9.04 -12.92
N GLU B 163 1.76 -10.04 -13.51
CA GLU B 163 2.42 -11.29 -13.89
C GLU B 163 3.82 -11.18 -14.55
N GLU B 164 4.29 -9.97 -14.83
CA GLU B 164 5.60 -9.79 -15.46
C GLU B 164 6.53 -8.86 -14.65
N VAL B 165 6.04 -8.42 -13.49
CA VAL B 165 6.84 -7.58 -12.61
C VAL B 165 8.12 -8.31 -12.25
N GLU B 166 7.98 -9.58 -11.87
CA GLU B 166 9.11 -10.40 -11.44
C GLU B 166 10.18 -10.55 -12.53
N SER B 167 9.76 -10.55 -13.79
CA SER B 167 10.68 -10.86 -14.89
C SER B 167 11.19 -9.61 -15.60
N VAL B 168 10.47 -8.50 -15.44
CA VAL B 168 10.93 -7.20 -15.93
C VAL B 168 11.85 -6.55 -14.88
N ALA B 169 11.49 -6.73 -13.61
CA ALA B 169 12.39 -6.37 -12.53
C ALA B 169 13.68 -7.12 -12.72
N GLU B 170 13.57 -8.43 -12.94
CA GLU B 170 14.75 -9.23 -13.19
C GLU B 170 15.59 -8.63 -14.34
N GLU B 171 14.95 -8.44 -15.50
CA GLU B 171 15.65 -7.98 -16.69
C GLU B 171 16.30 -6.61 -16.53
N LEU B 172 15.55 -5.64 -16.02
CA LEU B 172 16.08 -4.30 -15.72
C LEU B 172 17.32 -4.34 -14.80
N ILE B 173 17.26 -5.16 -13.77
CA ILE B 173 18.39 -5.33 -12.85
C ILE B 173 19.62 -5.82 -13.60
N SER B 174 19.41 -6.79 -14.48
CA SER B 174 20.51 -7.36 -15.25
C SER B 174 21.07 -6.26 -16.14
N SER B 175 20.15 -5.56 -16.79
CA SER B 175 20.47 -4.43 -17.65
C SER B 175 21.24 -3.34 -16.90
N LEU B 176 20.70 -2.93 -15.75
CA LEU B 176 21.28 -1.85 -14.96
C LEU B 176 22.65 -2.24 -14.37
N THR B 177 22.75 -3.47 -13.86
CA THR B 177 24.01 -3.95 -13.28
C THR B 177 25.12 -3.89 -14.31
N PHE B 178 24.77 -4.19 -15.57
CA PHE B 178 25.73 -4.16 -16.65
C PHE B 178 26.22 -2.74 -16.95
N GLU B 179 25.31 -1.77 -16.83
CA GLU B 179 25.64 -0.37 -17.11
C GLU B 179 26.22 0.32 -15.87
N HIS B 180 26.50 -0.46 -14.82
CA HIS B 180 27.13 0.03 -13.59
C HIS B 180 26.28 1.08 -12.88
N ARG B 181 24.97 0.84 -12.83
CA ARG B 181 24.03 1.72 -12.15
C ARG B 181 23.52 0.94 -10.99
N TYR B 182 24.37 0.77 -10.00
CA TYR B 182 24.13 -0.19 -8.92
C TYR B 182 23.07 0.29 -7.95
N VAL B 183 23.02 1.59 -7.70
CA VAL B 183 21.99 2.14 -6.83
C VAL B 183 20.64 1.84 -7.42
N ASP B 184 20.50 2.13 -8.71
CA ASP B 184 19.25 1.87 -9.44
C ASP B 184 18.84 0.40 -9.40
N ALA B 185 19.77 -0.47 -9.79
CA ALA B 185 19.56 -1.91 -9.69
C ALA B 185 19.14 -2.35 -8.28
N ALA B 186 19.80 -1.82 -7.26
CA ALA B 186 19.52 -2.23 -5.90
C ALA B 186 18.11 -1.83 -5.44
N ASP B 187 17.69 -0.62 -5.84
CA ASP B 187 16.34 -0.12 -5.59
C ASP B 187 15.33 -1.11 -6.12
N ILE B 188 15.63 -1.65 -7.29
CA ILE B 188 14.72 -2.61 -7.92
C ILE B 188 14.70 -3.95 -7.18
N GLN B 189 15.88 -4.48 -6.86
CA GLN B 189 16.00 -5.67 -6.00
C GLN B 189 15.18 -5.50 -4.73
N LEU B 190 15.35 -4.36 -4.09
CA LEU B 190 14.74 -4.08 -2.78
C LEU B 190 13.24 -4.05 -2.94
N GLU B 191 12.75 -3.15 -3.78
CA GLU B 191 11.33 -2.87 -3.89
C GLU B 191 10.45 -3.84 -4.71
N TYR B 192 11.02 -4.56 -5.68
CA TYR B 192 10.19 -5.39 -6.56
C TYR B 192 10.47 -6.88 -6.51
N LEU B 193 11.58 -7.25 -5.89
CA LEU B 193 11.93 -8.66 -5.84
C LEU B 193 12.08 -9.12 -4.42
N ASP B 194 11.93 -8.18 -3.48
CA ASP B 194 11.95 -8.49 -2.05
C ASP B 194 13.33 -9.01 -1.65
N ASN B 195 14.35 -8.73 -2.44
CA ASN B 195 15.69 -9.22 -2.15
C ASN B 195 16.55 -8.21 -1.39
N VAL B 196 16.37 -8.15 -0.06
CA VAL B 196 17.09 -7.15 0.75
C VAL B 196 18.61 -7.31 0.74
N LYS B 197 19.08 -8.55 0.71
CA LYS B 197 20.52 -8.82 0.70
C LYS B 197 21.23 -8.31 -0.54
N GLU B 198 20.66 -8.58 -1.71
CA GLU B 198 21.26 -8.15 -2.97
C GLU B 198 21.22 -6.63 -3.10
N ALA B 199 20.13 -6.04 -2.61
CA ALA B 199 20.01 -4.59 -2.54
C ALA B 199 21.20 -4.03 -1.78
N VAL B 200 21.34 -4.46 -0.52
CA VAL B 200 22.46 -4.09 0.33
C VAL B 200 23.81 -4.31 -0.36
N ALA B 201 23.98 -5.49 -0.96
CA ALA B 201 25.23 -5.80 -1.61
C ALA B 201 25.50 -4.82 -2.76
N LEU B 202 24.47 -4.53 -3.55
CA LEU B 202 24.61 -3.61 -4.66
C LEU B 202 24.86 -2.17 -4.22
N TYR B 203 24.15 -1.70 -3.18
CA TYR B 203 24.44 -0.35 -2.68
C TYR B 203 25.92 -0.21 -2.33
N CYS B 204 26.50 -1.26 -1.77
CA CYS B 204 27.94 -1.27 -1.46
C CYS B 204 28.82 -1.16 -2.70
N LYS B 205 28.36 -1.73 -3.81
CA LYS B 205 29.18 -1.75 -5.01
C LYS B 205 29.34 -0.34 -5.54
N ALA B 206 28.38 0.51 -5.19
CA ALA B 206 28.39 1.93 -5.52
C ALA B 206 28.93 2.79 -4.37
N TYR B 207 29.69 2.17 -3.46
CA TYR B 207 30.23 2.85 -2.28
C TYR B 207 29.20 3.56 -1.44
N ARG B 208 27.95 3.12 -1.53
CA ARG B 208 26.88 3.76 -0.76
C ARG B 208 26.57 2.94 0.46
N TYR B 209 27.58 2.77 1.31
CA TYR B 209 27.45 1.94 2.51
C TYR B 209 26.46 2.58 3.45
N ASP B 210 26.29 3.90 3.31
CA ASP B 210 25.26 4.59 4.09
C ASP B 210 23.88 4.07 3.73
N ILE B 211 23.58 3.95 2.43
CA ILE B 211 22.30 3.39 2.03
C ILE B 211 22.21 1.92 2.41
N ALA B 212 23.29 1.17 2.19
CA ALA B 212 23.29 -0.26 2.50
C ALA B 212 22.85 -0.54 3.92
N SER B 213 23.37 0.25 4.85
CA SER B 213 23.11 0.10 6.28
C SER B 213 21.73 0.54 6.71
N LEU B 214 21.30 1.68 6.16
CA LEU B 214 19.95 2.19 6.39
C LEU B 214 18.91 1.16 5.95
N VAL B 215 19.23 0.48 4.86
CA VAL B 215 18.31 -0.50 4.30
C VAL B 215 18.28 -1.76 5.14
N ALA B 216 19.46 -2.32 5.42
CA ALA B 216 19.56 -3.48 6.31
C ALA B 216 18.84 -3.24 7.62
N ILE B 217 19.00 -2.05 8.19
CA ILE B 217 18.32 -1.72 9.43
C ILE B 217 16.78 -1.58 9.27
N LYS B 218 16.33 -0.88 8.21
CA LYS B 218 14.90 -0.73 7.93
C LYS B 218 14.26 -2.11 7.80
N ALA B 219 14.87 -2.94 6.98
CA ALA B 219 14.39 -4.30 6.72
C ALA B 219 14.33 -5.23 7.91
N LYS B 220 14.93 -4.81 9.05
CA LYS B 220 15.12 -5.64 10.24
C LYS B 220 16.06 -6.77 9.91
N LYS B 221 17.08 -6.50 9.10
CA LYS B 221 18.07 -7.52 8.77
C LYS B 221 19.44 -7.01 9.21
N ASP B 222 19.55 -6.65 10.48
CA ASP B 222 20.78 -6.07 11.01
C ASP B 222 22.00 -6.90 10.67
N GLU B 223 21.89 -8.20 10.84
CA GLU B 223 23.03 -9.10 10.61
C GLU B 223 23.68 -8.95 9.24
N LEU B 224 22.98 -8.31 8.30
CA LEU B 224 23.56 -8.00 7.00
C LEU B 224 24.67 -6.99 7.15
N LEU B 225 24.68 -6.25 8.27
CA LEU B 225 25.72 -5.26 8.51
C LEU B 225 27.08 -5.93 8.55
N GLU B 226 27.17 -7.04 9.27
CA GLU B 226 28.41 -7.80 9.30
C GLU B 226 28.54 -8.70 8.05
N GLU B 227 27.45 -9.37 7.67
CA GLU B 227 27.48 -10.25 6.51
C GLU B 227 27.84 -9.55 5.20
N VAL B 228 27.19 -8.44 4.90
CA VAL B 228 27.39 -7.77 3.62
C VAL B 228 28.17 -6.47 3.65
N VAL B 229 27.77 -5.54 4.50
CA VAL B 229 28.36 -4.19 4.49
C VAL B 229 29.84 -4.23 4.84
N ASP B 230 30.17 -4.82 5.99
CA ASP B 230 31.56 -4.96 6.44
C ASP B 230 32.51 -5.48 5.34
N PRO B 231 32.21 -6.66 4.73
CA PRO B 231 33.09 -7.13 3.64
C PRO B 231 33.13 -6.14 2.49
N GLY B 232 32.00 -5.52 2.16
CA GLY B 232 31.98 -4.48 1.14
C GLY B 232 32.97 -3.37 1.46
N LEU B 233 32.93 -2.90 2.71
CA LEU B 233 33.90 -1.91 3.17
C LEU B 233 35.29 -2.47 3.03
N GLY B 234 35.43 -3.77 3.29
CA GLY B 234 36.68 -4.46 3.07
C GLY B 234 37.16 -4.28 1.64
N GLU B 235 36.34 -4.71 0.68
CA GLU B 235 36.64 -4.57 -0.76
C GLU B 235 36.97 -3.15 -1.17
N GLY B 236 36.12 -2.20 -0.81
CA GLY B 236 36.34 -0.80 -1.17
C GLY B 236 37.65 -0.25 -0.61
N PHE B 237 37.99 -0.71 0.59
CA PHE B 237 39.28 -0.38 1.20
C PHE B 237 40.41 -0.93 0.36
N GLY B 238 40.28 -2.20 -0.04
CA GLY B 238 41.28 -2.88 -0.82
C GLY B 238 41.52 -2.18 -2.14
N ILE B 239 40.44 -1.78 -2.80
CA ILE B 239 40.55 -1.10 -4.08
C ILE B 239 41.29 0.22 -3.93
N ILE B 240 40.76 1.11 -3.10
CA ILE B 240 41.32 2.45 -2.94
C ILE B 240 42.79 2.45 -2.48
N ALA B 241 43.11 1.53 -1.56
CA ALA B 241 44.48 1.37 -1.07
C ALA B 241 45.42 0.85 -2.16
N GLU B 242 44.92 -0.06 -3.00
CA GLU B 242 45.71 -0.66 -4.07
C GLU B 242 45.63 0.22 -5.32
N LEU B 243 45.52 1.52 -5.11
CA LEU B 243 45.34 2.46 -6.20
C LEU B 243 46.11 3.72 -5.86
N LEU B 244 46.11 4.06 -4.58
CA LEU B 244 46.91 5.17 -4.10
C LEU B 244 48.37 4.70 -4.03
N ALA B 245 48.55 3.39 -3.83
CA ALA B 245 49.88 2.79 -3.84
C ALA B 245 50.45 2.81 -5.26
N ASP B 246 49.60 2.51 -6.24
CA ASP B 246 49.99 2.54 -7.64
C ASP B 246 50.34 3.97 -8.06
N CYS B 247 49.51 4.92 -7.65
CA CYS B 247 49.72 6.32 -8.01
C CYS B 247 51.00 6.87 -7.37
N LYS B 248 51.32 6.40 -6.18
CA LYS B 248 52.57 6.76 -5.52
C LYS B 248 53.77 6.35 -6.35
N GLY B 249 53.80 5.08 -6.75
CA GLY B 249 54.86 4.55 -7.59
C GLY B 249 54.82 5.11 -9.02
N GLN B 250 53.63 5.47 -9.48
CA GLN B 250 53.45 6.07 -10.79
C GLN B 250 54.14 7.42 -10.83
N ILE B 251 53.74 8.27 -9.89
CA ILE B 251 54.33 9.59 -9.73
C ILE B 251 55.84 9.51 -9.52
N ASN B 252 56.27 8.53 -8.73
CA ASN B 252 57.70 8.30 -8.48
C ASN B 252 58.48 7.89 -9.74
N SER B 253 57.90 6.98 -10.52
CA SER B 253 58.54 6.52 -11.76
C SER B 253 58.43 7.55 -12.89
N GLN B 254 57.31 8.28 -12.93
CA GLN B 254 57.12 9.31 -13.94
C GLN B 254 57.99 10.53 -13.68
N LEU B 255 58.29 10.78 -12.40
CA LEU B 255 59.18 11.89 -12.04
C LEU B 255 60.63 11.53 -12.33
N ARG B 256 61.05 10.35 -11.87
CA ARG B 256 62.42 9.87 -12.09
C ARG B 256 62.71 9.67 -13.59
N ARG B 257 61.66 9.66 -14.41
CA ARG B 257 61.82 9.68 -15.86
C ARG B 257 62.22 11.06 -16.31
N LEU B 258 61.46 12.07 -15.86
CA LEU B 258 61.75 13.47 -16.16
C LEU B 258 63.10 13.91 -15.58
N GLU B 339 56.31 14.46 -24.03
CA GLU B 339 55.15 15.11 -23.45
C GLU B 339 54.22 14.09 -22.80
N TYR B 340 54.13 12.91 -23.39
CA TYR B 340 53.23 11.85 -22.92
C TYR B 340 53.46 11.47 -21.45
N LEU B 341 54.63 11.77 -20.93
CA LEU B 341 54.93 11.56 -19.51
C LEU B 341 54.04 12.46 -18.66
N VAL B 342 53.87 13.70 -19.11
CA VAL B 342 53.01 14.67 -18.43
C VAL B 342 51.53 14.38 -18.69
N GLN B 343 51.25 13.62 -19.76
CA GLN B 343 49.88 13.22 -20.08
C GLN B 343 49.37 12.17 -19.08
N SER B 344 50.17 11.14 -18.85
CA SER B 344 49.84 10.10 -17.87
C SER B 344 49.80 10.67 -16.46
N VAL B 345 50.71 11.61 -16.18
CA VAL B 345 50.71 12.35 -14.91
C VAL B 345 49.46 13.24 -14.81
N GLY B 346 49.15 13.95 -15.87
CA GLY B 346 47.94 14.76 -15.92
C GLY B 346 46.70 13.93 -15.70
N ARG B 347 46.66 12.74 -16.32
CA ARG B 347 45.51 11.85 -16.24
C ARG B 347 45.24 11.35 -14.82
N LEU B 348 46.32 11.09 -14.07
CA LEU B 348 46.22 10.58 -12.69
C LEU B 348 45.49 11.57 -11.77
N ILE B 349 45.66 12.87 -12.04
CA ILE B 349 44.93 13.89 -11.29
C ILE B 349 43.42 13.89 -11.58
N GLU B 350 43.01 13.17 -12.63
CA GLU B 350 41.58 12.98 -12.91
C GLU B 350 41.07 11.68 -12.29
N ARG B 351 41.97 10.71 -12.14
CA ARG B 351 41.62 9.42 -11.52
C ARG B 351 41.52 9.59 -10.00
N LEU B 352 42.49 10.30 -9.41
CA LEU B 352 42.42 10.62 -7.98
C LEU B 352 41.18 11.46 -7.70
N ASN B 353 41.04 12.57 -8.43
CA ASN B 353 39.90 13.47 -8.27
C ASN B 353 38.52 12.77 -8.37
N GLN B 354 38.44 11.72 -9.20
CA GLN B 354 37.21 10.94 -9.36
C GLN B 354 36.98 9.91 -8.22
N THR B 355 38.07 9.37 -7.70
CA THR B 355 38.00 8.37 -6.63
C THR B 355 37.64 9.03 -5.30
N LYS B 356 38.05 10.30 -5.15
CA LYS B 356 37.83 11.11 -3.94
C LYS B 356 36.45 10.90 -3.22
N PRO B 357 35.32 11.09 -3.94
CA PRO B 357 34.06 10.86 -3.21
C PRO B 357 33.85 9.43 -2.70
N ASP B 358 34.44 8.44 -3.36
CA ASP B 358 34.30 7.07 -2.89
C ASP B 358 35.11 6.87 -1.63
N ALA B 359 36.31 7.47 -1.62
CA ALA B 359 37.19 7.41 -0.47
C ALA B 359 36.54 8.05 0.76
N VAL B 360 35.96 9.24 0.56
CA VAL B 360 35.20 9.88 1.65
C VAL B 360 34.18 8.93 2.25
N ARG B 361 33.50 8.17 1.40
CA ARG B 361 32.48 7.21 1.84
C ARG B 361 33.07 6.00 2.54
N VAL B 362 34.16 5.46 2.03
CA VAL B 362 34.83 4.34 2.66
C VAL B 362 35.34 4.73 4.03
N VAL B 363 35.99 5.90 4.10
CA VAL B 363 36.45 6.44 5.37
C VAL B 363 35.31 6.54 6.40
N GLU B 364 34.21 7.18 6.04
CA GLU B 364 33.06 7.33 6.94
C GLU B 364 32.46 5.98 7.29
N GLY B 365 32.36 5.10 6.30
CA GLY B 365 31.81 3.76 6.50
C GLY B 365 32.67 2.93 7.42
N LEU B 366 33.97 3.05 7.26
CA LEU B 366 34.93 2.40 8.16
C LEU B 366 34.85 2.91 9.60
N CYS B 367 34.75 4.23 9.80
CA CYS B 367 34.60 4.77 11.15
C CYS B 367 33.35 4.22 11.83
N ARG B 368 32.21 4.34 11.17
CA ARG B 368 30.94 3.97 11.76
C ARG B 368 30.84 2.49 12.09
N ARG B 369 31.74 1.69 11.53
CA ARG B 369 31.83 0.28 11.89
C ARG B 369 32.99 0.04 12.85
N ASN B 370 33.49 1.13 13.43
CA ASN B 370 34.59 1.09 14.37
C ASN B 370 35.90 0.49 13.88
N MSE B 371 36.05 0.35 12.56
CA MSE B 371 37.33 -0.03 12.02
C MSE B 371 38.19 1.23 11.76
O MSE B 371 38.44 1.61 10.62
CB MSE B 371 37.17 -0.90 10.77
CG MSE B 371 36.78 -2.36 11.11
SE MSE B 371 36.34 -3.48 9.55
CE MSE B 371 34.87 -2.48 8.82
N ARG B 372 38.63 1.85 12.86
CA ARG B 372 39.26 3.16 12.83
C ARG B 372 40.64 3.21 12.18
N GLU B 373 41.41 2.14 12.33
CA GLU B 373 42.76 2.16 11.78
C GLU B 373 42.72 2.09 10.26
N GLN B 374 41.83 1.25 9.75
CA GLN B 374 41.67 1.08 8.31
C GLN B 374 41.26 2.42 7.66
N ALA B 375 40.28 3.08 8.30
CA ALA B 375 39.89 4.45 7.93
C ALA B 375 41.10 5.36 7.97
N HIS B 376 41.86 5.30 9.06
CA HIS B 376 43.03 6.17 9.22
C HIS B 376 44.02 5.99 8.08
N GLN B 377 44.32 4.74 7.74
CA GLN B 377 45.19 4.46 6.61
C GLN B 377 44.73 5.13 5.29
N ILE B 378 43.47 4.90 4.90
CA ILE B 378 42.97 5.45 3.61
C ILE B 378 43.09 6.97 3.55
N GLN B 379 42.69 7.65 4.62
CA GLN B 379 42.74 9.10 4.61
C GLN B 379 44.19 9.58 4.55
N LYS B 380 45.06 8.96 5.33
CA LYS B 380 46.49 9.29 5.29
C LYS B 380 47.06 9.05 3.88
N ASN B 381 46.89 7.84 3.35
CA ASN B 381 47.40 7.50 2.03
C ASN B 381 46.89 8.47 0.97
N PHE B 382 45.65 8.94 1.13
CA PHE B 382 45.07 9.86 0.17
C PHE B 382 45.64 11.27 0.28
N VAL B 383 45.80 11.76 1.52
CA VAL B 383 46.41 13.07 1.71
C VAL B 383 47.84 13.03 1.21
N GLU B 384 48.51 11.94 1.57
CA GLU B 384 49.87 11.65 1.10
C GLU B 384 50.04 11.86 -0.40
N VAL B 385 49.19 11.23 -1.21
CA VAL B 385 49.29 11.37 -2.65
C VAL B 385 48.96 12.79 -3.12
N LEU B 386 47.95 13.39 -2.52
CA LEU B 386 47.68 14.79 -2.83
C LEU B 386 48.83 15.69 -2.33
N ASP B 387 49.51 15.25 -1.26
CA ASP B 387 50.73 15.92 -0.79
C ASP B 387 51.92 15.70 -1.73
N LEU B 388 51.87 14.65 -2.54
CA LEU B 388 52.90 14.37 -3.52
C LEU B 388 52.67 15.20 -4.77
N LEU B 389 51.43 15.66 -4.94
CA LEU B 389 51.06 16.44 -6.11
C LEU B 389 51.29 17.92 -5.89
N LYS B 390 51.65 18.29 -4.67
CA LYS B 390 51.98 19.69 -4.38
C LYS B 390 53.35 20.06 -4.96
N ALA B 391 54.29 19.12 -4.89
CA ALA B 391 55.65 19.33 -5.39
C ALA B 391 55.72 19.32 -6.92
N ASN B 392 55.44 18.15 -7.50
CA ASN B 392 55.65 17.93 -8.93
C ASN B 392 54.79 18.76 -9.88
N VAL B 393 53.59 19.15 -9.45
CA VAL B 393 52.66 19.86 -10.33
C VAL B 393 53.25 21.16 -10.87
N LYS B 394 54.14 21.77 -10.09
CA LYS B 394 54.90 22.93 -10.54
C LYS B 394 55.83 22.51 -11.68
N GLU B 395 56.75 21.59 -11.39
CA GLU B 395 57.68 21.07 -12.39
C GLU B 395 57.01 20.00 -13.26
N GLU B 423 43.02 24.01 -9.57
CA GLU B 423 43.98 22.93 -9.78
C GLU B 423 43.69 21.75 -8.86
N ILE B 424 44.55 21.55 -7.86
CA ILE B 424 44.41 20.40 -6.98
C ILE B 424 43.56 20.68 -5.75
N HIS B 425 42.28 20.33 -5.81
CA HIS B 425 41.41 20.43 -4.64
C HIS B 425 41.93 19.53 -3.52
N ASP B 426 41.88 20.00 -2.28
CA ASP B 426 42.32 19.23 -1.13
C ASP B 426 41.29 18.17 -0.75
N PHE B 427 41.74 17.12 -0.06
CA PHE B 427 40.87 16.01 0.32
C PHE B 427 40.06 16.30 1.59
N PRO B 428 38.74 16.09 1.52
CA PRO B 428 37.80 16.32 2.64
C PRO B 428 38.12 15.47 3.86
N LYS B 429 38.99 15.95 4.73
CA LYS B 429 39.39 15.21 5.92
C LYS B 429 38.24 14.98 6.88
N SER B 430 38.07 13.74 7.31
CA SER B 430 37.25 13.46 8.47
C SER B 430 38.11 13.68 9.70
N HIS B 431 37.70 14.56 10.60
CA HIS B 431 38.47 14.85 11.80
C HIS B 431 38.63 13.62 12.68
N ILE B 432 37.60 12.78 12.67
CA ILE B 432 37.58 11.52 13.41
C ILE B 432 38.90 10.75 13.36
N VAL B 433 39.58 10.83 12.24
CA VAL B 433 40.72 9.97 12.00
C VAL B 433 41.89 10.83 11.48
N ASP B 434 41.82 12.12 11.77
CA ASP B 434 42.85 13.05 11.37
C ASP B 434 43.88 13.18 12.47
N PHE B 435 44.74 12.17 12.55
CA PHE B 435 45.89 12.20 13.42
C PHE B 435 46.96 11.27 12.89
N GLN C 5 68.74 41.01 35.06
CA GLN C 5 68.58 40.59 33.67
C GLN C 5 67.28 39.80 33.45
N ASP C 6 66.72 39.88 32.25
CA ASP C 6 65.46 39.17 31.97
C ASP C 6 65.68 37.67 31.86
N VAL C 7 64.59 36.92 31.95
CA VAL C 7 64.63 35.48 31.73
C VAL C 7 65.24 35.20 30.37
N ASN C 8 66.12 34.22 30.29
CA ASN C 8 66.78 34.00 29.02
C ASN C 8 66.63 32.61 28.48
N VAL C 9 67.32 32.35 27.38
CA VAL C 9 67.05 31.15 26.61
C VAL C 9 67.84 29.98 27.16
N VAL C 10 68.93 30.29 27.87
CA VAL C 10 69.73 29.24 28.50
C VAL C 10 69.01 28.56 29.65
N TYR C 11 68.28 29.34 30.44
CA TYR C 11 67.50 28.83 31.57
C TYR C 11 66.37 27.93 31.09
N LYS C 12 65.61 28.46 30.14
CA LYS C 12 64.55 27.75 29.42
C LYS C 12 65.04 26.47 28.77
N SER C 13 66.13 26.59 28.03
CA SER C 13 66.78 25.47 27.40
C SER C 13 67.10 24.33 28.40
N ALA C 14 67.75 24.65 29.51
CA ALA C 14 68.10 23.66 30.52
C ALA C 14 66.87 23.06 31.18
N LEU C 15 65.92 23.91 31.56
CA LEU C 15 64.61 23.46 31.98
C LEU C 15 64.03 22.42 31.02
N SER C 16 64.30 22.54 29.72
CA SER C 16 63.65 21.64 28.77
C SER C 16 64.33 20.26 28.78
N LEU C 17 65.52 20.18 29.37
CA LEU C 17 66.13 18.88 29.58
C LEU C 17 65.61 18.24 30.86
N TYR C 18 64.72 18.94 31.56
CA TYR C 18 64.21 18.52 32.87
C TYR C 18 65.35 18.41 33.91
N ASP C 19 66.30 19.33 33.79
CA ASP C 19 67.46 19.45 34.67
C ASP C 19 67.31 20.67 35.58
N VAL C 20 66.69 20.46 36.74
CA VAL C 20 66.44 21.53 37.72
C VAL C 20 67.70 22.18 38.26
N SER C 21 68.72 21.37 38.50
CA SER C 21 69.95 21.88 39.10
C SER C 21 70.69 22.74 38.11
N LEU C 22 70.66 22.31 36.86
CA LEU C 22 71.38 22.99 35.78
C LEU C 22 70.76 24.33 35.49
N ALA C 23 69.44 24.39 35.66
CA ALA C 23 68.72 25.63 35.42
C ALA C 23 69.02 26.63 36.52
N LEU C 24 68.92 26.18 37.77
CA LEU C 24 69.38 26.98 38.94
C LEU C 24 70.78 27.54 38.77
N LEU C 25 71.72 26.66 38.42
CA LEU C 25 73.06 27.07 38.06
C LEU C 25 73.04 28.18 37.01
N VAL C 26 72.42 27.90 35.87
CA VAL C 26 72.26 28.82 34.75
C VAL C 26 71.59 30.14 35.10
N ALA C 27 70.47 30.10 35.81
CA ALA C 27 69.78 31.33 36.19
C ALA C 27 70.61 32.33 37.01
N GLN C 28 71.40 31.86 37.99
CA GLN C 28 72.26 32.76 38.76
C GLN C 28 73.57 33.13 38.08
N LYS C 29 74.19 32.23 37.32
CA LYS C 29 75.45 32.61 36.67
C LYS C 29 75.16 33.66 35.63
N SER C 30 73.92 33.67 35.15
CA SER C 30 73.44 34.62 34.14
C SER C 30 72.82 35.84 34.77
N GLN C 31 72.94 35.97 36.09
CA GLN C 31 72.42 37.13 36.80
C GLN C 31 70.94 37.42 36.50
N MSE C 32 70.14 36.39 36.29
CA MSE C 32 68.72 36.66 36.11
C MSE C 32 68.03 36.78 37.46
O MSE C 32 68.63 36.44 38.49
CB MSE C 32 68.04 35.71 35.06
CG MSE C 32 67.62 34.33 35.51
SE MSE C 32 66.96 33.19 34.00
CE MSE C 32 68.70 32.93 33.18
N ASP C 33 66.82 37.32 37.50
CA ASP C 33 66.20 37.75 38.75
C ASP C 33 65.64 36.58 39.55
N PRO C 34 66.18 36.36 40.76
CA PRO C 34 65.73 35.28 41.63
C PRO C 34 64.26 35.36 42.02
N ARG C 35 63.64 36.52 41.83
CA ARG C 35 62.19 36.64 42.07
C ARG C 35 61.41 36.11 40.87
N GLU C 36 62.14 35.67 39.85
CA GLU C 36 61.52 35.18 38.61
C GLU C 36 61.95 33.76 38.26
N TYR C 37 62.70 33.11 39.16
CA TYR C 37 63.07 31.71 38.96
C TYR C 37 63.02 30.86 40.21
N LEU C 38 63.36 31.42 41.35
CA LEU C 38 63.28 30.66 42.59
C LEU C 38 61.87 30.14 42.87
N PRO C 39 60.84 31.02 42.85
CA PRO C 39 59.51 30.49 43.20
C PRO C 39 59.08 29.38 42.27
N PHE C 40 59.36 29.52 40.98
CA PHE C 40 59.04 28.47 40.04
C PHE C 40 59.81 27.21 40.36
N LEU C 41 61.13 27.35 40.49
CA LEU C 41 62.01 26.20 40.75
C LEU C 41 61.61 25.39 41.98
N GLN C 42 61.14 26.06 43.04
CA GLN C 42 60.75 25.36 44.26
C GLN C 42 59.55 24.49 43.95
N GLU C 43 58.53 25.11 43.38
CA GLU C 43 57.29 24.44 43.05
C GLU C 43 57.57 23.19 42.22
N LEU C 44 58.56 23.28 41.33
CA LEU C 44 58.94 22.14 40.51
C LEU C 44 59.46 21.00 41.39
N GLN C 45 60.44 21.31 42.25
CA GLN C 45 61.08 20.30 43.10
C GLN C 45 60.15 19.65 44.12
N ASP C 46 59.05 20.33 44.48
CA ASP C 46 58.02 19.76 45.35
C ASP C 46 57.28 18.61 44.70
N ASN C 47 56.76 18.82 43.49
CA ASN C 47 56.01 17.80 42.76
C ASN C 47 56.83 16.58 42.36
N GLU C 48 56.17 15.46 42.12
CA GLU C 48 56.82 14.24 41.65
C GLU C 48 57.36 14.45 40.23
N PRO C 49 58.32 13.61 39.81
CA PRO C 49 58.91 13.71 38.45
C PRO C 49 57.92 13.97 37.30
N LEU C 50 57.15 12.97 36.86
CA LEU C 50 56.18 13.18 35.79
C LEU C 50 55.00 14.04 36.28
N ARG C 51 55.30 15.28 36.61
CA ARG C 51 54.31 16.27 37.03
C ARG C 51 55.10 17.56 37.10
N ARG C 52 56.40 17.39 37.33
CA ARG C 52 57.38 18.45 37.24
C ARG C 52 57.66 18.60 35.76
N LYS C 53 57.82 17.47 35.09
CA LYS C 53 58.05 17.45 33.66
C LYS C 53 56.89 18.13 32.93
N PHE C 54 55.67 17.84 33.36
CA PHE C 54 54.47 18.44 32.80
C PHE C 54 54.45 19.95 32.93
N LEU C 55 54.74 20.44 34.14
CA LEU C 55 54.78 21.87 34.42
C LEU C 55 55.82 22.62 33.57
N ILE C 56 57.03 22.06 33.49
CA ILE C 56 58.10 22.64 32.68
C ILE C 56 57.63 22.75 31.25
N ASP C 57 57.10 21.64 30.76
CA ASP C 57 56.59 21.55 29.39
C ASP C 57 55.45 22.51 29.16
N ASP C 58 54.48 22.54 30.06
CA ASP C 58 53.41 23.53 29.97
C ASP C 58 53.92 24.96 29.99
N TYR C 59 54.98 25.19 30.76
CA TYR C 59 55.56 26.53 30.92
C TYR C 59 56.26 27.01 29.66
N LEU C 60 56.96 26.10 28.99
CA LEU C 60 57.68 26.40 27.76
C LEU C 60 56.72 26.43 26.56
N GLY C 61 55.48 26.03 26.79
CA GLY C 61 54.47 26.07 25.75
C GLY C 61 54.40 24.86 24.84
N ASN C 62 55.12 23.80 25.21
CA ASN C 62 55.05 22.54 24.50
C ASN C 62 53.94 21.70 25.09
N TYR C 63 52.72 22.00 24.66
CA TYR C 63 51.54 21.43 25.28
C TYR C 63 51.36 19.98 24.89
N GLU C 64 51.88 19.64 23.72
CA GLU C 64 51.84 18.25 23.26
C GLU C 64 52.67 17.36 24.19
N LYS C 65 53.91 17.77 24.41
CA LYS C 65 54.80 17.07 25.34
C LYS C 65 54.19 17.09 26.73
N ALA C 66 53.61 18.23 27.09
CA ALA C 66 52.95 18.38 28.38
C ALA C 66 51.85 17.35 28.56
N LEU C 67 50.94 17.28 27.59
CA LEU C 67 49.84 16.32 27.62
C LEU C 67 50.34 14.89 27.68
N GLU C 68 51.44 14.60 26.98
CA GLU C 68 52.04 13.26 27.06
C GLU C 68 52.38 12.93 28.49
N HIS C 69 53.06 13.84 29.17
CA HIS C 69 53.45 13.61 30.55
C HIS C 69 52.25 13.56 31.47
N LEU C 70 51.36 14.54 31.34
CA LEU C 70 50.24 14.65 32.27
C LEU C 70 49.35 13.41 32.21
N SER C 71 49.32 12.74 31.06
CA SER C 71 48.48 11.56 30.92
C SER C 71 49.18 10.35 31.52
N GLU C 72 50.52 10.38 31.49
CA GLU C 72 51.32 9.27 31.99
C GLU C 72 51.24 9.14 33.52
N ILE C 73 50.58 10.10 34.18
CA ILE C 73 50.51 10.10 35.63
C ILE C 73 49.75 8.90 36.17
N ASP C 74 48.43 8.94 36.09
CA ASP C 74 47.60 7.91 36.71
C ASP C 74 47.78 6.50 36.15
N LYS C 75 47.66 5.53 37.05
CA LYS C 75 47.50 4.13 36.68
C LYS C 75 46.02 3.81 36.78
N ASP C 76 45.22 4.87 36.83
CA ASP C 76 43.77 4.80 37.06
C ASP C 76 43.08 3.87 36.07
N GLY C 77 43.70 3.67 34.92
CA GLY C 77 43.08 2.94 33.84
C GLY C 77 42.18 3.86 33.04
N ASN C 78 42.08 5.11 33.50
CA ASN C 78 41.26 6.12 32.81
C ASN C 78 41.83 7.54 32.81
N VAL C 79 41.04 8.47 32.29
CA VAL C 79 41.45 9.84 32.00
C VAL C 79 40.92 10.80 33.06
N SER C 80 41.83 11.54 33.71
CA SER C 80 41.44 12.43 34.80
C SER C 80 40.79 13.73 34.29
N GLU C 81 39.91 14.31 35.11
CA GLU C 81 39.25 15.56 34.77
C GLU C 81 40.24 16.67 34.38
N GLU C 82 41.45 16.63 34.92
CA GLU C 82 42.44 17.64 34.57
C GLU C 82 42.95 17.45 33.13
N VAL C 83 43.19 16.20 32.74
CA VAL C 83 43.62 15.90 31.37
C VAL C 83 42.59 16.44 30.39
N ILE C 84 41.32 16.16 30.69
CA ILE C 84 40.19 16.63 29.90
C ILE C 84 40.13 18.15 29.82
N ASP C 85 40.31 18.81 30.96
CA ASP C 85 40.39 20.26 31.02
C ASP C 85 41.60 20.77 30.27
N TYR C 86 42.71 20.03 30.33
CA TYR C 86 43.93 20.47 29.65
C TYR C 86 43.74 20.35 28.17
N VAL C 87 43.14 19.24 27.75
CA VAL C 87 42.83 18.98 26.36
C VAL C 87 41.89 20.04 25.81
N GLU C 88 40.76 20.26 26.50
CA GLU C 88 39.82 21.31 26.12
C GLU C 88 40.48 22.70 26.03
N SER C 89 41.32 23.02 27.02
CA SER C 89 41.96 24.34 27.09
C SER C 89 42.94 24.64 25.97
N HIS C 90 43.52 23.60 25.38
CA HIS C 90 44.57 23.81 24.39
C HIS C 90 44.27 23.17 23.05
N ASP C 91 43.00 22.81 22.81
CA ASP C 91 42.62 22.16 21.56
C ASP C 91 43.56 21.01 21.16
N LEU C 92 43.91 20.17 22.12
CA LEU C 92 44.83 19.08 21.87
C LEU C 92 44.06 17.80 21.61
N TYR C 93 42.80 17.93 21.21
CA TYR C 93 41.92 16.77 20.96
C TYR C 93 42.56 15.79 19.99
N LYS C 94 43.19 16.33 18.95
CA LYS C 94 43.91 15.50 17.99
C LYS C 94 45.07 14.73 18.60
N HIS C 95 46.02 15.43 19.22
CA HIS C 95 47.14 14.75 19.86
C HIS C 95 46.68 13.73 20.89
N GLY C 96 45.60 14.05 21.62
CA GLY C 96 45.02 13.13 22.57
C GLY C 96 44.52 11.85 21.91
N LEU C 97 43.89 12.01 20.74
CA LEU C 97 43.45 10.90 19.94
C LEU C 97 44.64 10.01 19.53
N ALA C 98 45.76 10.65 19.19
CA ALA C 98 46.97 9.95 18.77
C ALA C 98 47.67 9.27 19.92
N LEU C 99 47.49 9.84 21.11
CA LEU C 99 48.17 9.37 22.30
C LEU C 99 47.55 8.06 22.78
N TYR C 100 46.22 8.02 22.73
CA TYR C 100 45.43 6.91 23.22
C TYR C 100 45.05 5.98 22.06
N ARG C 101 45.81 6.11 20.97
CA ARG C 101 45.58 5.38 19.73
C ARG C 101 45.43 3.87 19.96
N TYR C 102 46.20 3.34 20.89
CA TYR C 102 46.25 1.90 21.10
C TYR C 102 45.42 1.47 22.31
N ASP C 103 44.84 2.45 23.01
CA ASP C 103 43.97 2.17 24.13
C ASP C 103 42.58 2.71 23.82
N SER C 104 41.73 1.86 23.27
CA SER C 104 40.45 2.29 22.74
C SER C 104 39.49 2.79 23.81
N GLU C 105 39.74 2.40 25.06
CA GLU C 105 38.85 2.82 26.13
C GLU C 105 39.06 4.30 26.45
N LYS C 106 40.31 4.72 26.64
CA LYS C 106 40.56 6.13 26.96
C LYS C 106 40.41 7.01 25.70
N GLN C 107 40.79 6.47 24.54
CA GLN C 107 40.58 7.17 23.28
C GLN C 107 39.14 7.65 23.18
N ASN C 108 38.22 6.84 23.70
CA ASN C 108 36.78 7.15 23.68
C ASN C 108 36.40 8.43 24.43
N VAL C 109 37.04 8.65 25.57
CA VAL C 109 36.82 9.84 26.39
C VAL C 109 37.08 11.10 25.56
N ILE C 110 38.18 11.07 24.79
CA ILE C 110 38.55 12.20 23.98
C ILE C 110 37.64 12.31 22.76
N TYR C 111 37.22 11.18 22.17
CA TYR C 111 36.22 11.22 21.10
C TYR C 111 34.97 11.90 21.60
N ASN C 112 34.61 11.61 22.84
CA ASN C 112 33.44 12.21 23.45
C ASN C 112 33.53 13.74 23.52
N ILE C 113 34.59 14.24 24.15
CA ILE C 113 34.78 15.68 24.26
C ILE C 113 35.11 16.33 22.90
N TYR C 114 35.64 15.55 21.96
CA TYR C 114 35.90 16.05 20.60
C TYR C 114 34.55 16.23 19.93
N ALA C 115 33.64 15.32 20.21
CA ALA C 115 32.34 15.35 19.58
C ALA C 115 31.59 16.62 19.98
N LYS C 116 31.75 17.03 21.24
CA LYS C 116 31.08 18.23 21.71
C LYS C 116 31.70 19.47 21.05
N HIS C 117 33.02 19.54 21.13
CA HIS C 117 33.77 20.61 20.50
C HIS C 117 33.43 20.72 19.01
N LEU C 118 33.42 19.57 18.33
CA LEU C 118 33.15 19.50 16.90
C LEU C 118 31.77 20.07 16.61
N SER C 119 30.80 19.61 17.39
CA SER C 119 29.43 20.10 17.37
C SER C 119 29.33 21.60 17.64
N SER C 120 30.03 22.06 18.68
CA SER C 120 30.05 23.48 19.06
C SER C 120 30.37 24.43 17.92
N ASN C 121 31.33 24.06 17.10
CA ASN C 121 31.72 24.91 16.00
C ASN C 121 32.46 24.18 14.89
N GLN C 122 31.72 23.69 13.89
CA GLN C 122 30.27 23.62 13.87
C GLN C 122 30.02 22.45 12.93
N MSE C 123 30.93 21.47 13.01
CA MSE C 123 31.01 20.39 12.02
C MSE C 123 30.26 19.19 12.48
O MSE C 123 30.76 18.37 13.25
CB MSE C 123 32.45 19.99 11.77
CG MSE C 123 33.38 20.50 12.82
SE MSE C 123 34.73 21.50 11.90
CE MSE C 123 33.76 21.77 10.22
N TYR C 124 29.05 19.06 11.95
CA TYR C 124 28.06 18.19 12.54
C TYR C 124 28.23 16.74 12.15
N THR C 125 28.66 16.48 10.91
CA THR C 125 28.86 15.10 10.48
C THR C 125 29.93 14.39 11.32
N ASP C 126 31.05 15.06 11.56
CA ASP C 126 32.09 14.48 12.39
C ASP C 126 31.61 14.24 13.81
N ALA C 127 30.83 15.19 14.34
CA ALA C 127 30.30 15.01 15.68
C ALA C 127 29.36 13.82 15.69
N ALA C 128 28.53 13.74 14.65
CA ALA C 128 27.64 12.59 14.47
C ALA C 128 28.36 11.24 14.46
N VAL C 129 29.42 11.12 13.67
CA VAL C 129 30.15 9.86 13.59
C VAL C 129 30.80 9.51 14.94
N ALA C 130 31.52 10.45 15.54
CA ALA C 130 32.08 10.29 16.89
C ALA C 130 31.03 9.80 17.87
N TYR C 131 29.97 10.58 18.06
CA TYR C 131 28.91 10.17 18.98
C TYR C 131 28.40 8.78 18.64
N GLU C 132 28.23 8.52 17.34
CA GLU C 132 27.75 7.21 16.92
C GLU C 132 28.69 6.08 17.34
N MSE C 133 29.99 6.24 17.11
CA MSE C 133 30.89 5.13 17.43
C MSE C 133 31.03 4.94 18.92
O MSE C 133 31.55 3.92 19.36
CB MSE C 133 32.22 5.13 16.64
CG MSE C 133 33.05 6.33 16.80
SE MSE C 133 34.11 6.66 15.20
CE MSE C 133 35.13 5.04 15.05
N LEU C 134 30.51 5.90 19.69
CA LEU C 134 30.45 5.78 21.15
C LEU C 134 29.07 5.37 21.64
N GLY C 135 28.16 5.08 20.71
CA GLY C 135 26.83 4.63 21.13
C GLY C 135 25.91 5.70 21.71
N LYS C 136 26.37 6.95 21.74
CA LYS C 136 25.50 8.05 22.16
C LYS C 136 24.63 8.49 20.96
N LEU C 137 23.58 7.70 20.69
CA LEU C 137 22.81 7.84 19.47
C LEU C 137 21.90 9.06 19.49
N LYS C 138 21.38 9.35 20.69
CA LYS C 138 20.56 10.54 20.94
C LYS C 138 21.32 11.74 20.42
N GLU C 139 22.58 11.81 20.84
CA GLU C 139 23.49 12.85 20.37
C GLU C 139 23.73 12.75 18.88
N ALA C 140 24.04 11.56 18.39
CA ALA C 140 24.30 11.36 16.96
C ALA C 140 23.11 11.76 16.07
N MSE C 141 21.91 11.36 16.48
CA MSE C 141 20.70 11.77 15.76
C MSE C 141 20.65 13.28 15.64
O MSE C 141 20.41 13.83 14.54
CB MSE C 141 19.44 11.27 16.47
CG MSE C 141 18.14 11.71 15.80
SE MSE C 141 16.58 10.98 16.76
CE MSE C 141 16.81 11.87 18.46
N GLY C 142 20.89 13.94 16.76
CA GLY C 142 20.89 15.39 16.82
C GLY C 142 21.93 15.97 15.91
N ALA C 143 23.11 15.36 15.86
CA ALA C 143 24.18 15.88 15.01
C ALA C 143 23.89 15.59 13.53
N TYR C 144 23.40 14.38 13.21
CA TYR C 144 23.02 14.09 11.83
C TYR C 144 21.97 15.06 11.42
N GLN C 145 21.06 15.36 12.33
CA GLN C 145 20.02 16.32 12.00
C GLN C 145 20.59 17.67 11.56
N SER C 146 21.43 18.28 12.39
CA SER C 146 22.02 19.57 12.03
C SER C 146 22.86 19.48 10.77
N ALA C 147 23.47 18.32 10.53
CA ALA C 147 24.22 18.10 9.29
C ALA C 147 23.28 17.96 8.10
N LYS C 148 21.99 17.86 8.38
CA LYS C 148 20.96 17.64 7.35
C LYS C 148 21.21 16.36 6.58
N ARG C 149 21.80 15.40 7.29
CA ARG C 149 21.88 14.03 6.84
C ARG C 149 20.60 13.34 7.32
N TRP C 150 19.51 13.59 6.60
CA TRP C 150 18.20 13.24 7.12
C TRP C 150 18.00 11.73 7.25
N ARG C 151 18.79 10.98 6.49
CA ARG C 151 18.68 9.51 6.51
C ARG C 151 19.24 8.92 7.80
N GLU C 152 20.45 9.29 8.18
CA GLU C 152 20.94 8.76 9.45
C GLU C 152 20.09 9.25 10.63
N ALA C 153 19.62 10.49 10.52
CA ALA C 153 18.76 11.10 11.54
C ALA C 153 17.43 10.37 11.75
N MSE C 154 16.68 10.14 10.65
CA MSE C 154 15.34 9.52 10.75
C MSE C 154 15.40 8.05 10.97
O MSE C 154 14.45 7.48 11.47
CB MSE C 154 14.50 9.76 9.51
CG MSE C 154 14.18 11.20 9.29
SE MSE C 154 13.08 11.90 10.72
CE MSE C 154 11.65 10.58 10.69
N SER C 155 16.53 7.46 10.61
CA SER C 155 16.76 6.06 10.88
C SER C 155 16.91 5.87 12.37
N ILE C 156 17.92 6.52 12.96
CA ILE C 156 18.16 6.44 14.40
C ILE C 156 16.88 6.73 15.16
N ALA C 157 16.22 7.83 14.80
CA ALA C 157 14.92 8.19 15.35
C ALA C 157 13.99 6.98 15.41
N VAL C 158 13.52 6.54 14.24
CA VAL C 158 12.68 5.36 14.11
C VAL C 158 13.14 4.13 14.93
N GLN C 159 14.43 3.82 14.92
CA GLN C 159 14.89 2.57 15.53
C GLN C 159 15.13 2.62 17.02
N LYS C 160 15.14 3.82 17.60
CA LYS C 160 15.55 3.97 19.00
C LYS C 160 14.76 5.04 19.73
N PHE C 161 14.15 5.97 18.98
CA PHE C 161 13.42 7.06 19.63
C PHE C 161 12.12 7.34 18.89
N PRO C 162 11.19 6.37 18.93
CA PRO C 162 10.03 6.39 18.04
C PRO C 162 9.09 7.54 18.35
N GLU C 163 9.16 8.09 19.57
CA GLU C 163 8.30 9.21 19.93
C GLU C 163 8.79 10.53 19.33
N GLU C 164 10.03 10.54 18.84
CA GLU C 164 10.63 11.76 18.29
C GLU C 164 10.48 11.85 16.76
N VAL C 165 10.20 10.70 16.16
CA VAL C 165 10.10 10.56 14.71
C VAL C 165 9.26 11.64 14.04
N GLU C 166 8.04 11.81 14.53
CA GLU C 166 7.13 12.83 14.01
C GLU C 166 7.69 14.25 14.18
N SER C 167 8.43 14.47 15.26
CA SER C 167 8.96 15.79 15.61
C SER C 167 10.19 16.15 14.77
N VAL C 168 11.15 15.23 14.70
CA VAL C 168 12.38 15.42 13.92
C VAL C 168 12.05 15.71 12.46
N ALA C 169 11.12 14.92 11.92
CA ALA C 169 10.76 14.99 10.51
C ALA C 169 10.18 16.36 10.15
N GLU C 170 9.22 16.81 10.95
CA GLU C 170 8.63 18.14 10.74
C GLU C 170 9.70 19.22 10.70
N GLU C 171 10.69 19.12 11.60
CA GLU C 171 11.82 20.04 11.59
C GLU C 171 12.68 19.86 10.34
N LEU C 172 13.03 18.62 10.03
CA LEU C 172 13.79 18.29 8.82
C LEU C 172 13.07 18.72 7.52
N ILE C 173 11.77 18.49 7.47
CA ILE C 173 11.01 18.92 6.31
C ILE C 173 11.06 20.44 6.22
N SER C 174 10.88 21.10 7.35
CA SER C 174 10.93 22.56 7.41
C SER C 174 12.30 23.08 6.96
N SER C 175 13.36 22.58 7.59
CA SER C 175 14.75 22.94 7.24
C SER C 175 15.01 22.74 5.76
N LEU C 176 14.73 21.53 5.29
CA LEU C 176 15.04 21.13 3.93
C LEU C 176 14.24 21.95 2.93
N THR C 177 12.97 22.21 3.24
CA THR C 177 12.13 23.05 2.38
C THR C 177 12.69 24.46 2.29
N PHE C 178 13.20 24.96 3.41
CA PHE C 178 13.80 26.29 3.45
C PHE C 178 14.99 26.38 2.49
N GLU C 179 15.72 25.28 2.34
CA GLU C 179 16.88 25.22 1.45
C GLU C 179 16.56 24.79 0.02
N HIS C 180 15.27 24.74 -0.32
CA HIS C 180 14.81 24.31 -1.66
C HIS C 180 15.32 22.91 -2.04
N ARG C 181 15.47 22.03 -1.04
CA ARG C 181 15.78 20.63 -1.28
C ARG C 181 14.48 19.86 -1.28
N TYR C 182 13.63 20.21 -2.24
CA TYR C 182 12.23 19.81 -2.20
C TYR C 182 12.04 18.31 -2.23
N VAL C 183 12.91 17.62 -2.98
CA VAL C 183 12.85 16.16 -3.05
C VAL C 183 13.13 15.52 -1.71
N ASP C 184 14.22 15.94 -1.06
CA ASP C 184 14.59 15.35 0.23
C ASP C 184 13.41 15.49 1.19
N ALA C 185 12.81 16.67 1.18
CA ALA C 185 11.69 16.98 2.08
C ALA C 185 10.53 16.07 1.76
N ALA C 186 10.40 15.73 0.48
CA ALA C 186 9.32 14.91 0.00
C ALA C 186 9.50 13.44 0.38
N ASP C 187 10.74 12.94 0.33
CA ASP C 187 10.98 11.56 0.75
C ASP C 187 10.68 11.37 2.23
N ILE C 188 10.63 12.49 2.95
CA ILE C 188 10.41 12.46 4.39
C ILE C 188 8.92 12.37 4.72
N GLN C 189 8.14 13.25 4.11
CA GLN C 189 6.69 13.21 4.28
C GLN C 189 6.23 11.85 3.83
N LEU C 190 6.81 11.35 2.74
CA LEU C 190 6.40 10.08 2.17
C LEU C 190 6.69 8.91 3.11
N GLU C 191 7.96 8.55 3.28
CA GLU C 191 8.29 7.36 4.08
C GLU C 191 8.17 7.48 5.60
N TYR C 192 7.97 8.70 6.11
CA TYR C 192 7.94 8.89 7.56
C TYR C 192 6.66 9.48 8.14
N LEU C 193 6.13 10.54 7.55
CA LEU C 193 4.86 11.10 8.02
C LEU C 193 3.62 10.62 7.25
N ASP C 194 3.85 9.72 6.29
CA ASP C 194 2.82 9.18 5.41
C ASP C 194 1.92 10.24 4.77
N ASN C 195 2.47 11.43 4.55
CA ASN C 195 1.70 12.53 3.99
C ASN C 195 1.85 12.51 2.49
N VAL C 196 1.44 11.40 1.90
CA VAL C 196 1.53 11.18 0.45
C VAL C 196 1.10 12.40 -0.38
N LYS C 197 0.06 13.11 0.05
CA LYS C 197 -0.39 14.29 -0.68
C LYS C 197 0.67 15.41 -0.67
N GLU C 198 1.22 15.68 0.50
CA GLU C 198 2.24 16.71 0.62
C GLU C 198 3.50 16.36 -0.17
N ALA C 199 3.86 15.06 -0.15
CA ALA C 199 4.99 14.56 -0.93
C ALA C 199 4.85 14.87 -2.42
N VAL C 200 3.76 14.38 -3.00
CA VAL C 200 3.48 14.58 -4.43
C VAL C 200 3.56 16.05 -4.80
N ALA C 201 3.06 16.91 -3.94
CA ALA C 201 3.19 18.35 -4.17
C ALA C 201 4.66 18.78 -4.18
N LEU C 202 5.40 18.38 -3.15
CA LEU C 202 6.82 18.73 -3.03
C LEU C 202 7.68 18.32 -4.23
N TYR C 203 7.54 17.06 -4.67
CA TYR C 203 8.25 16.62 -5.87
C TYR C 203 7.90 17.52 -7.05
N CYS C 204 6.67 18.01 -7.08
CA CYS C 204 6.27 18.90 -8.14
C CYS C 204 6.94 20.28 -8.08
N LYS C 205 7.32 20.72 -6.88
CA LYS C 205 8.06 21.97 -6.74
C LYS C 205 9.51 21.76 -7.19
N ALA C 206 9.97 20.52 -7.08
CA ALA C 206 11.28 20.12 -7.57
C ALA C 206 11.25 19.74 -9.05
N TYR C 207 10.14 20.03 -9.73
CA TYR C 207 9.96 19.70 -11.16
C TYR C 207 10.21 18.21 -11.44
N ARG C 208 10.01 17.36 -10.45
CA ARG C 208 10.20 15.93 -10.62
C ARG C 208 8.84 15.26 -10.68
N TYR C 209 8.12 15.57 -11.75
CA TYR C 209 6.77 15.10 -11.97
C TYR C 209 6.72 13.59 -12.10
N ASP C 210 7.77 13.02 -12.70
CA ASP C 210 7.91 11.57 -12.79
C ASP C 210 7.85 10.93 -11.43
N ILE C 211 8.48 11.55 -10.45
CA ILE C 211 8.48 10.97 -9.11
C ILE C 211 7.10 11.14 -8.48
N ALA C 212 6.54 12.34 -8.62
CA ALA C 212 5.22 12.65 -8.06
C ALA C 212 4.18 11.65 -8.55
N SER C 213 4.02 11.60 -9.88
CA SER C 213 3.13 10.63 -10.51
C SER C 213 3.45 9.21 -10.08
N LEU C 214 4.72 8.89 -10.01
CA LEU C 214 5.09 7.52 -9.70
C LEU C 214 4.78 7.15 -8.25
N VAL C 215 4.76 8.15 -7.39
CA VAL C 215 4.49 7.94 -5.98
C VAL C 215 2.99 7.90 -5.71
N ALA C 216 2.26 8.78 -6.40
CA ALA C 216 0.82 8.84 -6.27
C ALA C 216 0.25 7.47 -6.59
N ILE C 217 0.69 6.91 -7.70
CA ILE C 217 0.25 5.58 -8.08
C ILE C 217 0.70 4.51 -7.09
N LYS C 218 1.98 4.51 -6.72
CA LYS C 218 2.50 3.45 -5.85
C LYS C 218 1.67 3.26 -4.58
N ALA C 219 1.21 4.36 -4.00
CA ALA C 219 0.43 4.29 -2.77
C ALA C 219 -1.06 4.27 -3.07
N LYS C 220 -1.41 3.86 -4.29
CA LYS C 220 -2.79 3.64 -4.66
C LYS C 220 -3.67 4.86 -4.37
N LYS C 221 -3.21 6.04 -4.77
CA LYS C 221 -4.00 7.26 -4.69
C LYS C 221 -3.95 7.99 -6.03
N ASP C 222 -4.46 7.32 -7.05
CA ASP C 222 -4.41 7.77 -8.43
C ASP C 222 -5.05 9.15 -8.61
N GLU C 223 -5.89 9.56 -7.66
CA GLU C 223 -6.61 10.83 -7.80
C GLU C 223 -5.65 12.01 -7.76
N LEU C 224 -4.49 11.78 -7.15
CA LEU C 224 -3.48 12.81 -7.03
C LEU C 224 -2.95 13.30 -8.38
N LEU C 225 -3.05 12.47 -9.42
CA LEU C 225 -2.52 12.84 -10.74
C LEU C 225 -3.30 13.99 -11.35
N GLU C 226 -4.40 14.38 -10.71
CA GLU C 226 -5.22 15.48 -11.22
C GLU C 226 -5.41 16.52 -10.12
N GLU C 227 -5.39 16.07 -8.87
CA GLU C 227 -5.52 16.97 -7.74
C GLU C 227 -4.27 17.85 -7.54
N VAL C 228 -3.09 17.27 -7.73
CA VAL C 228 -1.83 18.00 -7.53
C VAL C 228 -0.89 18.06 -8.74
N VAL C 229 -0.56 16.88 -9.27
CA VAL C 229 0.39 16.77 -10.38
C VAL C 229 -0.03 17.61 -11.59
N ASP C 230 -1.31 17.53 -11.97
CA ASP C 230 -1.82 18.32 -13.09
C ASP C 230 -1.75 19.85 -12.84
N PRO C 231 -2.27 20.33 -11.70
CA PRO C 231 -2.07 21.76 -11.45
C PRO C 231 -0.60 22.11 -11.14
N GLY C 232 0.16 21.16 -10.59
CA GLY C 232 1.60 21.32 -10.45
C GLY C 232 2.23 21.62 -11.80
N LEU C 233 1.90 20.81 -12.79
CA LEU C 233 2.34 21.05 -14.16
C LEU C 233 1.84 22.39 -14.70
N GLY C 234 0.73 22.87 -14.15
CA GLY C 234 0.22 24.19 -14.47
C GLY C 234 1.09 25.28 -13.88
N GLU C 235 1.32 25.21 -12.56
CA GLU C 235 2.21 26.16 -11.88
C GLU C 235 3.57 26.18 -12.57
N GLY C 236 4.11 24.99 -12.87
CA GLY C 236 5.38 24.86 -13.54
C GLY C 236 5.42 25.53 -14.91
N PHE C 237 4.32 25.42 -15.64
CA PHE C 237 4.21 26.02 -16.97
C PHE C 237 4.27 27.55 -16.86
N GLY C 238 3.57 28.08 -15.87
CA GLY C 238 3.44 29.52 -15.71
C GLY C 238 4.65 30.19 -15.07
N ILE C 239 5.69 29.40 -14.80
CA ILE C 239 6.97 29.93 -14.32
C ILE C 239 7.96 29.96 -15.47
N ILE C 240 8.04 28.86 -16.21
CA ILE C 240 8.99 28.73 -17.31
C ILE C 240 8.61 29.58 -18.52
N ALA C 241 7.32 29.75 -18.76
CA ALA C 241 6.87 30.65 -19.82
C ALA C 241 7.01 32.11 -19.36
N GLU C 242 6.82 32.32 -18.05
CA GLU C 242 6.90 33.63 -17.44
C GLU C 242 8.28 34.26 -17.52
N LEU C 243 9.31 33.45 -17.80
CA LEU C 243 10.66 33.98 -17.90
C LEU C 243 11.20 33.97 -19.33
N LEU C 244 10.77 33.01 -20.13
CA LEU C 244 11.22 32.93 -21.52
C LEU C 244 10.75 34.17 -22.30
N ALA C 245 9.63 34.74 -21.88
CA ALA C 245 9.15 36.00 -22.44
C ALA C 245 9.98 37.18 -21.92
N ASP C 246 10.52 37.02 -20.71
CA ASP C 246 11.39 38.02 -20.11
C ASP C 246 12.78 37.95 -20.73
N CYS C 247 13.21 36.73 -21.07
CA CYS C 247 14.50 36.53 -21.72
C CYS C 247 14.45 36.95 -23.20
N LYS C 248 13.24 37.01 -23.75
CA LYS C 248 13.03 37.59 -25.07
C LYS C 248 12.86 39.10 -24.94
N GLY C 249 12.42 39.53 -23.75
CA GLY C 249 12.27 40.94 -23.46
C GLY C 249 13.60 41.66 -23.58
N GLN C 250 14.65 41.02 -23.09
CA GLN C 250 15.99 41.59 -23.16
C GLN C 250 16.54 41.52 -24.59
N ILE C 251 16.58 42.69 -25.23
CA ILE C 251 16.97 42.83 -26.62
C ILE C 251 17.52 44.24 -26.87
N TYR C 340 30.16 46.98 -19.61
CA TYR C 340 28.82 47.53 -19.45
C TYR C 340 27.76 46.42 -19.33
N LEU C 341 26.65 46.58 -20.03
CA LEU C 341 25.55 45.61 -20.02
C LEU C 341 25.92 44.34 -20.79
N VAL C 342 26.94 43.65 -20.30
CA VAL C 342 27.47 42.45 -20.96
C VAL C 342 27.42 41.26 -20.02
N GLN C 343 27.57 41.53 -18.72
CA GLN C 343 27.44 40.50 -17.69
C GLN C 343 25.96 40.13 -17.49
N SER C 344 25.08 40.97 -18.03
CA SER C 344 23.64 40.73 -17.97
C SER C 344 23.24 39.67 -18.98
N VAL C 345 23.61 39.88 -20.24
CA VAL C 345 23.27 38.97 -21.31
C VAL C 345 24.17 37.73 -21.34
N GLY C 346 25.02 37.59 -20.33
CA GLY C 346 25.87 36.41 -20.20
C GLY C 346 25.45 35.59 -19.00
N ARG C 347 24.59 36.17 -18.16
CA ARG C 347 24.07 35.49 -16.99
C ARG C 347 22.70 34.92 -17.31
N LEU C 348 21.95 35.64 -18.15
CA LEU C 348 20.66 35.17 -18.64
C LEU C 348 20.84 33.83 -19.35
N ILE C 349 21.92 33.73 -20.12
CA ILE C 349 22.28 32.50 -20.80
C ILE C 349 22.54 31.34 -19.83
N GLU C 350 22.91 31.68 -18.59
CA GLU C 350 23.21 30.65 -17.58
C GLU C 350 22.01 30.37 -16.68
N ARG C 351 21.14 31.37 -16.48
CA ARG C 351 19.84 31.12 -15.87
C ARG C 351 19.12 30.17 -16.82
N LEU C 352 19.15 30.52 -18.11
CA LEU C 352 18.62 29.69 -19.18
C LEU C 352 19.16 28.26 -19.12
N ASN C 353 20.47 28.12 -19.25
CA ASN C 353 21.09 26.81 -19.20
C ASN C 353 20.78 26.04 -17.91
N GLN C 354 20.30 26.76 -16.89
CA GLN C 354 19.91 26.12 -15.63
C GLN C 354 18.41 25.80 -15.59
N THR C 355 17.65 26.55 -16.40
CA THR C 355 16.21 26.34 -16.54
C THR C 355 15.92 25.27 -17.60
N LYS C 356 16.96 24.84 -18.30
CA LYS C 356 16.85 23.78 -19.30
C LYS C 356 16.35 22.43 -18.76
N PRO C 357 17.03 21.87 -17.73
CA PRO C 357 16.57 20.53 -17.37
C PRO C 357 15.18 20.53 -16.73
N ASP C 358 14.82 21.62 -16.05
CA ASP C 358 13.48 21.75 -15.48
C ASP C 358 12.44 21.79 -16.61
N ALA C 359 12.70 22.58 -17.64
CA ALA C 359 11.77 22.70 -18.76
C ALA C 359 11.60 21.38 -19.53
N VAL C 360 12.67 20.60 -19.59
CA VAL C 360 12.63 19.29 -20.27
C VAL C 360 11.67 18.36 -19.54
N ARG C 361 11.58 18.49 -18.24
CA ARG C 361 10.66 17.66 -17.48
C ARG C 361 9.23 18.21 -17.48
N VAL C 362 9.08 19.53 -17.51
CA VAL C 362 7.76 20.14 -17.57
C VAL C 362 7.08 19.77 -18.89
N VAL C 363 7.88 19.79 -19.96
CA VAL C 363 7.42 19.37 -21.27
C VAL C 363 6.98 17.91 -21.24
N GLU C 364 7.82 17.04 -20.67
CA GLU C 364 7.54 15.61 -20.68
C GLU C 364 6.38 15.24 -19.78
N GLY C 365 6.16 16.02 -18.73
CA GLY C 365 5.08 15.74 -17.80
C GLY C 365 3.79 16.20 -18.44
N LEU C 366 3.91 17.25 -19.24
CA LEU C 366 2.80 17.80 -19.98
C LEU C 366 2.28 16.79 -21.01
N CYS C 367 3.17 16.24 -21.83
CA CYS C 367 2.77 15.25 -22.82
C CYS C 367 2.13 14.08 -22.14
N ARG C 368 2.78 13.55 -21.11
CA ARG C 368 2.29 12.34 -20.47
C ARG C 368 0.89 12.47 -19.87
N ARG C 369 0.38 13.71 -19.82
CA ARG C 369 -0.97 13.98 -19.36
C ARG C 369 -1.74 14.63 -20.51
N ASN C 370 -1.28 14.35 -21.73
CA ASN C 370 -1.96 14.71 -22.97
C ASN C 370 -2.17 16.21 -23.26
N MSE C 371 -1.66 17.07 -22.37
CA MSE C 371 -1.70 18.51 -22.58
C MSE C 371 -0.60 18.92 -23.57
O MSE C 371 0.46 19.43 -23.19
CB MSE C 371 -1.53 19.24 -21.23
CG MSE C 371 -2.57 18.85 -20.18
SE MSE C 371 -2.17 19.46 -18.36
CE MSE C 371 -3.38 20.98 -18.26
N ARG C 372 -0.89 18.70 -24.87
CA ARG C 372 0.10 18.75 -25.95
C ARG C 372 0.46 20.12 -26.50
N GLU C 373 -0.51 21.03 -26.54
CA GLU C 373 -0.22 22.39 -27.02
C GLU C 373 0.67 23.11 -26.01
N GLN C 374 0.38 22.91 -24.72
CA GLN C 374 1.17 23.47 -23.62
C GLN C 374 2.61 22.98 -23.74
N ALA C 375 2.78 21.67 -23.93
CA ALA C 375 4.09 21.06 -24.19
C ALA C 375 4.75 21.64 -25.44
N HIS C 376 3.94 21.91 -26.47
CA HIS C 376 4.44 22.44 -27.73
C HIS C 376 4.97 23.86 -27.54
N GLN C 377 4.20 24.66 -26.81
CA GLN C 377 4.50 26.07 -26.62
C GLN C 377 5.84 26.23 -25.91
N ILE C 378 6.05 25.43 -24.87
CA ILE C 378 7.27 25.49 -24.08
C ILE C 378 8.49 25.15 -24.92
N GLN C 379 8.45 24.00 -25.58
CA GLN C 379 9.60 23.57 -26.37
C GLN C 379 9.91 24.57 -27.50
N LYS C 380 8.86 25.17 -28.06
CA LYS C 380 9.02 26.19 -29.11
C LYS C 380 9.70 27.43 -28.55
N ASN C 381 9.08 28.02 -27.52
CA ASN C 381 9.59 29.23 -26.87
C ASN C 381 11.06 29.06 -26.53
N PHE C 382 11.38 27.94 -25.90
CA PHE C 382 12.74 27.68 -25.44
C PHE C 382 13.73 27.56 -26.60
N VAL C 383 13.36 26.80 -27.62
CA VAL C 383 14.18 26.71 -28.82
C VAL C 383 14.32 28.09 -29.47
N GLU C 384 13.19 28.80 -29.62
CA GLU C 384 13.16 30.14 -30.21
C GLU C 384 14.15 31.10 -29.54
N VAL C 385 14.20 31.04 -28.21
CA VAL C 385 15.13 31.84 -27.43
C VAL C 385 16.57 31.48 -27.78
N LEU C 386 16.89 30.19 -27.71
CA LEU C 386 18.21 29.71 -28.08
C LEU C 386 18.54 30.05 -29.55
N ASP C 387 17.58 29.86 -30.44
CA ASP C 387 17.73 30.25 -31.85
C ASP C 387 18.08 31.73 -31.97
N LEU C 388 17.40 32.56 -31.19
CA LEU C 388 17.68 34.00 -31.15
C LEU C 388 19.08 34.26 -30.61
N LEU C 389 19.42 33.62 -29.50
CA LEU C 389 20.75 33.77 -28.91
C LEU C 389 21.83 33.16 -29.80
N LYS C 390 21.45 32.21 -30.64
CA LYS C 390 22.41 31.62 -31.59
C LYS C 390 22.87 32.68 -32.60
N ALA C 391 22.01 33.67 -32.84
CA ALA C 391 22.29 34.72 -33.83
C ALA C 391 22.33 36.13 -33.22
N ASN C 392 23.08 36.28 -32.11
CA ASN C 392 23.35 37.58 -31.50
C ASN C 392 24.23 37.46 -30.25
N GLU C 423 29.27 29.37 -26.15
CA GLU C 423 29.30 27.96 -25.77
C GLU C 423 27.89 27.38 -25.65
N ILE C 424 26.97 27.98 -26.41
CA ILE C 424 25.56 27.61 -26.37
C ILE C 424 25.25 26.18 -26.82
N HIS C 425 24.68 25.37 -25.91
CA HIS C 425 24.19 24.03 -26.25
C HIS C 425 22.70 24.06 -26.61
N ASP C 426 22.30 23.30 -27.62
CA ASP C 426 20.92 23.33 -28.11
C ASP C 426 19.96 22.58 -27.18
N PHE C 427 18.71 23.05 -27.12
CA PHE C 427 17.68 22.42 -26.31
C PHE C 427 17.38 20.99 -26.76
N PRO C 428 17.36 20.05 -25.79
CA PRO C 428 17.01 18.65 -26.10
C PRO C 428 15.53 18.52 -26.46
N LYS C 429 15.25 18.37 -27.76
CA LYS C 429 13.88 18.33 -28.25
C LYS C 429 13.22 16.99 -27.97
N SER C 430 11.95 17.02 -27.59
CA SER C 430 11.12 15.84 -27.61
C SER C 430 10.41 15.73 -28.99
N HIS C 431 10.63 14.61 -29.68
CA HIS C 431 10.04 14.39 -30.98
C HIS C 431 8.54 14.55 -30.95
N ILE C 432 7.92 14.11 -29.87
CA ILE C 432 6.48 14.18 -29.66
C ILE C 432 5.90 15.56 -29.93
N VAL C 433 6.64 16.60 -29.57
CA VAL C 433 6.09 17.94 -29.72
C VAL C 433 6.90 18.84 -30.68
N ASP C 434 7.79 18.19 -31.44
CA ASP C 434 8.57 18.87 -32.47
C ASP C 434 7.84 18.91 -33.80
N PHE C 435 6.95 19.88 -33.95
CA PHE C 435 6.37 20.19 -35.26
C PHE C 435 5.98 21.66 -35.36
N GLN D 5 0.10 -42.49 64.76
CA GLN D 5 0.67 -41.22 65.16
C GLN D 5 1.04 -40.34 63.96
N ASP D 6 0.38 -40.59 62.82
CA ASP D 6 0.56 -39.79 61.62
C ASP D 6 0.31 -38.31 61.88
N VAL D 7 0.72 -37.45 60.94
CA VAL D 7 0.46 -36.02 61.04
C VAL D 7 -1.04 -35.82 61.20
N ASN D 8 -1.46 -35.01 62.17
CA ASN D 8 -2.88 -34.85 62.40
C ASN D 8 -3.45 -33.51 62.00
N VAL D 9 -4.73 -33.32 62.27
CA VAL D 9 -5.45 -32.18 61.75
C VAL D 9 -5.22 -30.93 62.62
N VAL D 10 -4.93 -31.12 63.90
CA VAL D 10 -4.72 -30.01 64.82
C VAL D 10 -3.37 -29.37 64.54
N TYR D 11 -2.43 -30.21 64.15
CA TYR D 11 -1.11 -29.75 63.79
C TYR D 11 -1.24 -28.83 62.60
N LYS D 12 -1.98 -29.29 61.59
CA LYS D 12 -2.18 -28.56 60.35
C LYS D 12 -2.93 -27.27 60.64
N SER D 13 -4.00 -27.35 61.41
CA SER D 13 -4.76 -26.17 61.81
C SER D 13 -3.89 -25.10 62.44
N ALA D 14 -3.06 -25.48 63.41
CA ALA D 14 -2.25 -24.50 64.10
C ALA D 14 -1.29 -23.85 63.11
N LEU D 15 -0.63 -24.68 62.31
CA LEU D 15 0.30 -24.22 61.30
C LEU D 15 -0.37 -23.18 60.38
N SER D 16 -1.69 -23.33 60.22
CA SER D 16 -2.48 -22.44 59.37
C SER D 16 -2.91 -21.17 60.11
N LEU D 17 -2.50 -20.99 61.36
CA LEU D 17 -2.65 -19.68 61.98
C LEU D 17 -1.30 -19.01 61.99
N TYR D 18 -0.30 -19.67 61.41
CA TYR D 18 1.08 -19.20 61.41
C TYR D 18 1.66 -19.10 62.83
N ASP D 19 1.23 -20.03 63.68
CA ASP D 19 1.67 -20.15 65.05
C ASP D 19 2.57 -21.38 65.24
N VAL D 20 3.86 -21.25 64.93
CA VAL D 20 4.82 -22.35 65.07
C VAL D 20 4.93 -22.87 66.51
N SER D 21 4.71 -21.99 67.47
CA SER D 21 4.84 -22.34 68.86
C SER D 21 3.70 -23.31 69.20
N LEU D 22 2.49 -22.92 68.84
CA LEU D 22 1.31 -23.71 69.17
C LEU D 22 1.34 -25.03 68.42
N ALA D 23 2.07 -25.03 67.32
CA ALA D 23 2.12 -26.21 66.48
C ALA D 23 3.16 -27.17 67.02
N LEU D 24 4.16 -26.63 67.71
CA LEU D 24 5.12 -27.49 68.40
C LEU D 24 4.39 -28.25 69.51
N LEU D 25 3.70 -27.48 70.35
CA LEU D 25 2.91 -28.02 71.45
C LEU D 25 2.04 -29.14 70.97
N VAL D 26 1.32 -28.88 69.89
CA VAL D 26 0.35 -29.83 69.37
C VAL D 26 1.03 -31.11 68.92
N ALA D 27 2.13 -30.99 68.18
CA ALA D 27 2.87 -32.17 67.75
C ALA D 27 3.42 -33.01 68.92
N GLN D 28 4.13 -32.37 69.83
CA GLN D 28 4.59 -33.07 71.04
C GLN D 28 3.47 -33.80 71.79
N LYS D 29 2.32 -33.15 71.92
CA LYS D 29 1.23 -33.71 72.72
C LYS D 29 0.19 -34.41 71.87
N SER D 30 0.63 -34.96 70.74
CA SER D 30 -0.25 -35.76 69.87
C SER D 30 0.53 -36.99 69.42
N GLN D 31 1.69 -37.17 70.04
CA GLN D 31 2.56 -38.33 69.79
C GLN D 31 3.00 -38.42 68.33
N MSE D 32 3.00 -37.29 67.64
CA MSE D 32 3.53 -37.26 66.30
C MSE D 32 5.05 -37.46 66.33
O MSE D 32 5.71 -37.07 67.30
CB MSE D 32 3.19 -35.94 65.64
CG MSE D 32 1.69 -35.78 65.41
SE MSE D 32 1.32 -34.18 64.39
CE MSE D 32 3.03 -34.12 63.44
N ASP D 33 5.57 -38.08 65.29
CA ASP D 33 7.00 -38.40 65.22
C ASP D 33 7.86 -37.15 65.01
N PRO D 34 8.79 -36.90 65.96
CA PRO D 34 9.73 -35.78 65.84
C PRO D 34 10.54 -35.78 64.54
N ARG D 35 10.68 -36.93 63.91
CA ARG D 35 11.39 -37.01 62.62
C ARG D 35 10.59 -36.41 61.47
N GLU D 36 9.40 -35.89 61.76
CA GLU D 36 8.51 -35.38 60.73
C GLU D 36 7.93 -34.01 61.08
N TYR D 37 8.54 -33.32 62.06
CA TYR D 37 8.15 -31.95 62.35
C TYR D 37 9.25 -31.00 62.79
N LEU D 38 10.11 -31.46 63.69
CA LEU D 38 11.18 -30.59 64.20
C LEU D 38 12.03 -29.92 63.11
N PRO D 39 12.54 -30.69 62.13
CA PRO D 39 13.30 -30.02 61.07
C PRO D 39 12.48 -28.92 60.41
N PHE D 40 11.26 -29.26 60.01
CA PHE D 40 10.35 -28.31 59.38
C PHE D 40 10.07 -27.08 60.26
N LEU D 41 9.66 -27.29 61.51
CA LEU D 41 9.41 -26.17 62.42
C LEU D 41 10.69 -25.40 62.71
N GLN D 42 11.84 -26.07 62.55
CA GLN D 42 13.10 -25.37 62.75
C GLN D 42 13.25 -24.41 61.60
N GLU D 43 13.20 -24.95 60.38
CA GLU D 43 13.31 -24.17 59.16
C GLU D 43 12.32 -23.01 59.21
N LEU D 44 11.10 -23.29 59.66
CA LEU D 44 10.06 -22.26 59.79
C LEU D 44 10.53 -21.11 60.66
N GLN D 45 11.16 -21.46 61.78
CA GLN D 45 11.59 -20.44 62.74
C GLN D 45 12.77 -19.64 62.25
N ASP D 46 13.61 -20.26 61.43
CA ASP D 46 14.78 -19.59 60.86
C ASP D 46 14.47 -18.64 59.70
N ASN D 47 13.20 -18.60 59.28
CA ASN D 47 12.82 -17.66 58.24
C ASN D 47 12.13 -16.42 58.79
N GLU D 48 12.20 -15.34 58.00
CA GLU D 48 11.48 -14.13 58.30
C GLU D 48 10.02 -14.49 58.19
N PRO D 49 9.14 -13.72 58.85
CA PRO D 49 7.69 -13.98 58.86
C PRO D 49 7.05 -14.22 57.49
N LEU D 50 7.30 -13.33 56.52
CA LEU D 50 6.67 -13.47 55.21
C LEU D 50 7.00 -14.83 54.56
N ARG D 51 8.28 -15.14 54.46
CA ARG D 51 8.69 -16.43 53.88
C ARG D 51 8.23 -17.61 54.74
N ARG D 52 8.18 -17.43 56.05
CA ARG D 52 7.68 -18.50 56.92
C ARG D 52 6.26 -18.81 56.57
N LYS D 53 5.45 -17.77 56.42
CA LYS D 53 4.06 -17.99 56.01
C LYS D 53 3.96 -18.65 54.63
N PHE D 54 4.88 -18.31 53.73
CA PHE D 54 4.86 -18.90 52.39
C PHE D 54 5.04 -20.41 52.46
N LEU D 55 6.05 -20.84 53.19
CA LEU D 55 6.36 -22.25 53.41
C LEU D 55 5.19 -23.00 54.04
N ILE D 56 4.57 -22.39 55.02
CA ILE D 56 3.39 -22.98 55.64
C ILE D 56 2.34 -23.21 54.61
N ASP D 57 2.06 -22.16 53.85
CA ASP D 57 0.95 -22.17 52.91
C ASP D 57 1.24 -23.14 51.79
N ASP D 58 2.50 -23.22 51.39
CA ASP D 58 2.91 -24.21 50.41
C ASP D 58 2.71 -25.63 50.91
N TYR D 59 3.13 -25.85 52.15
CA TYR D 59 3.04 -27.16 52.78
C TYR D 59 1.59 -27.61 52.86
N LEU D 60 0.71 -26.69 53.24
CA LEU D 60 -0.71 -26.98 53.44
C LEU D 60 -1.50 -27.07 52.14
N GLY D 61 -0.87 -26.77 51.01
CA GLY D 61 -1.59 -26.78 49.74
C GLY D 61 -2.37 -25.52 49.38
N ASN D 62 -2.29 -24.48 50.19
CA ASN D 62 -2.94 -23.20 49.89
C ASN D 62 -2.04 -22.31 49.02
N TYR D 63 -2.00 -22.64 47.73
CA TYR D 63 -1.00 -22.09 46.81
C TYR D 63 -1.27 -20.64 46.43
N GLU D 64 -2.55 -20.31 46.37
CA GLU D 64 -2.96 -18.94 46.10
C GLU D 64 -2.41 -18.06 47.20
N LYS D 65 -2.82 -18.39 48.43
CA LYS D 65 -2.29 -17.75 49.66
C LYS D 65 -0.78 -17.77 49.74
N ALA D 66 -0.16 -18.87 49.34
CA ALA D 66 1.31 -18.95 49.31
C ALA D 66 1.89 -17.90 48.39
N LEU D 67 1.32 -17.83 47.17
CA LEU D 67 1.75 -16.89 46.15
C LEU D 67 1.65 -15.47 46.67
N GLU D 68 0.54 -15.13 47.30
CA GLU D 68 0.40 -13.81 47.86
C GLU D 68 1.58 -13.48 48.77
N HIS D 69 1.81 -14.28 49.81
CA HIS D 69 2.93 -14.00 50.72
C HIS D 69 4.25 -13.87 49.98
N LEU D 70 4.56 -14.85 49.15
CA LEU D 70 5.83 -14.86 48.44
C LEU D 70 6.07 -13.58 47.63
N SER D 71 4.99 -12.97 47.15
CA SER D 71 5.10 -11.78 46.31
C SER D 71 5.21 -10.52 47.16
N GLU D 72 5.07 -10.66 48.48
CA GLU D 72 5.25 -9.52 49.38
C GLU D 72 6.70 -9.42 49.86
N ILE D 73 7.48 -10.49 49.70
CA ILE D 73 8.86 -10.52 50.17
C ILE D 73 9.67 -9.40 49.54
N ASP D 74 9.88 -9.46 48.23
CA ASP D 74 10.72 -8.46 47.57
C ASP D 74 9.97 -7.14 47.43
N LYS D 75 10.49 -6.11 48.10
CA LYS D 75 9.84 -4.81 48.07
C LYS D 75 10.47 -3.90 47.00
N ASP D 76 11.38 -4.45 46.20
CA ASP D 76 11.83 -3.77 44.97
C ASP D 76 10.70 -3.97 43.96
N GLY D 77 10.53 -3.04 43.03
CA GLY D 77 9.31 -3.06 42.22
C GLY D 77 9.22 -4.12 41.14
N ASN D 78 9.90 -5.24 41.37
CA ASN D 78 10.00 -6.32 40.39
C ASN D 78 9.16 -7.54 40.78
N VAL D 79 9.22 -8.55 39.92
CA VAL D 79 8.63 -9.84 40.20
C VAL D 79 9.74 -10.85 40.09
N SER D 80 10.02 -11.56 41.18
CA SER D 80 11.24 -12.37 41.26
C SER D 80 11.14 -13.65 40.43
N GLU D 81 12.30 -14.20 40.04
CA GLU D 81 12.33 -15.49 39.33
C GLU D 81 11.73 -16.59 40.20
N GLU D 82 11.46 -16.29 41.45
CA GLU D 82 10.84 -17.24 42.34
C GLU D 82 9.34 -17.22 42.14
N VAL D 83 8.80 -16.00 42.05
CA VAL D 83 7.36 -15.83 41.90
C VAL D 83 6.94 -16.39 40.57
N ILE D 84 7.71 -16.05 39.54
CA ILE D 84 7.48 -16.59 38.22
C ILE D 84 7.50 -18.11 38.25
N ASP D 85 8.53 -18.68 38.85
CA ASP D 85 8.61 -20.14 39.01
C ASP D 85 7.43 -20.72 39.73
N TYR D 86 6.95 -20.03 40.76
CA TYR D 86 5.92 -20.63 41.58
C TYR D 86 4.60 -20.60 40.86
N VAL D 87 4.46 -19.66 39.92
CA VAL D 87 3.21 -19.45 39.19
C VAL D 87 3.04 -20.46 38.06
N GLU D 88 4.13 -20.69 37.36
CA GLU D 88 4.14 -21.72 36.35
C GLU D 88 3.85 -23.08 37.00
N SER D 89 4.65 -23.45 37.99
CA SER D 89 4.50 -24.72 38.73
C SER D 89 3.10 -25.07 39.26
N HIS D 90 2.35 -24.06 39.66
CA HIS D 90 1.07 -24.30 40.32
C HIS D 90 -0.07 -23.71 39.56
N ASP D 91 0.22 -23.32 38.31
CA ASP D 91 -0.79 -22.92 37.36
C ASP D 91 -1.55 -21.76 37.96
N LEU D 92 -0.86 -20.71 38.36
CA LEU D 92 -1.49 -19.64 39.15
C LEU D 92 -1.53 -18.31 38.41
N TYR D 93 -1.59 -18.37 37.09
CA TYR D 93 -1.61 -17.18 36.26
C TYR D 93 -2.78 -16.26 36.59
N LYS D 94 -3.96 -16.83 36.79
CA LYS D 94 -5.12 -16.00 37.07
C LYS D 94 -4.95 -15.25 38.38
N HIS D 95 -4.58 -15.95 39.45
CA HIS D 95 -4.34 -15.29 40.73
C HIS D 95 -3.24 -14.27 40.67
N GLY D 96 -2.19 -14.56 39.92
CA GLY D 96 -1.08 -13.63 39.82
C GLY D 96 -1.60 -12.37 39.17
N LEU D 97 -2.36 -12.57 38.12
CA LEU D 97 -2.98 -11.48 37.39
C LEU D 97 -3.83 -10.62 38.34
N ALA D 98 -4.57 -11.27 39.23
CA ALA D 98 -5.41 -10.56 40.18
C ALA D 98 -4.60 -9.89 41.30
N LEU D 99 -3.48 -10.50 41.65
CA LEU D 99 -2.63 -9.95 42.70
C LEU D 99 -2.11 -8.59 42.29
N TYR D 100 -1.59 -8.53 41.07
CA TYR D 100 -0.80 -7.42 40.58
C TYR D 100 -1.68 -6.42 39.82
N ARG D 101 -2.98 -6.57 40.05
CA ARG D 101 -4.03 -5.80 39.41
C ARG D 101 -3.82 -4.29 39.43
N TYR D 102 -3.20 -3.79 40.50
CA TYR D 102 -2.99 -2.34 40.61
C TYR D 102 -1.54 -1.96 40.40
N ASP D 103 -0.75 -2.88 39.86
CA ASP D 103 0.64 -2.60 39.53
C ASP D 103 0.90 -3.15 38.12
N SER D 104 0.81 -2.27 37.13
CA SER D 104 0.84 -2.70 35.72
C SER D 104 2.17 -3.30 35.30
N GLU D 105 3.28 -2.72 35.77
CA GLU D 105 4.58 -3.23 35.37
C GLU D 105 4.76 -4.66 35.88
N LYS D 106 4.19 -4.93 37.06
CA LYS D 106 4.30 -6.24 37.62
C LYS D 106 3.36 -7.18 36.92
N GLN D 107 2.10 -6.76 36.79
CA GLN D 107 1.10 -7.56 36.06
C GLN D 107 1.62 -8.04 34.72
N ASN D 108 2.30 -7.16 34.01
CA ASN D 108 2.85 -7.48 32.69
C ASN D 108 3.79 -8.66 32.70
N VAL D 109 4.37 -8.95 33.84
CA VAL D 109 5.30 -10.05 33.97
C VAL D 109 4.55 -11.36 33.94
N ILE D 110 3.38 -11.38 34.58
CA ILE D 110 2.54 -12.57 34.54
C ILE D 110 1.92 -12.74 33.15
N TYR D 111 1.51 -11.62 32.56
CA TYR D 111 1.03 -11.58 31.20
C TYR D 111 2.00 -12.20 30.23
N ASN D 112 3.27 -11.88 30.37
CA ASN D 112 4.27 -12.48 29.52
C ASN D 112 4.43 -13.99 29.65
N ILE D 113 4.39 -14.52 30.87
CA ILE D 113 4.53 -15.95 31.03
C ILE D 113 3.22 -16.64 30.71
N TYR D 114 2.10 -15.95 30.90
CA TYR D 114 0.79 -16.53 30.62
C TYR D 114 0.63 -16.71 29.10
N ALA D 115 0.98 -15.68 28.33
CA ALA D 115 0.84 -15.78 26.87
C ALA D 115 1.64 -16.99 26.36
N LYS D 116 2.85 -17.17 26.85
CA LYS D 116 3.62 -18.37 26.52
C LYS D 116 2.86 -19.66 26.87
N HIS D 117 2.26 -19.68 28.05
CA HIS D 117 1.47 -20.83 28.49
C HIS D 117 0.27 -21.00 27.58
N LEU D 118 -0.40 -19.90 27.31
CA LEU D 118 -1.65 -19.87 26.56
C LEU D 118 -1.37 -20.40 25.15
N SER D 119 -0.32 -19.86 24.55
CA SER D 119 0.20 -20.21 23.24
C SER D 119 0.48 -21.70 23.10
N SER D 120 1.15 -22.29 24.07
CA SER D 120 1.48 -23.71 23.96
C SER D 120 0.27 -24.59 24.21
N ASN D 121 -0.76 -24.09 24.86
CA ASN D 121 -2.05 -24.81 24.84
C ASN D 121 -2.95 -24.42 23.69
N GLN D 122 -2.36 -23.78 22.68
CA GLN D 122 -3.09 -23.52 21.43
C GLN D 122 -4.31 -22.63 21.62
N MSE D 123 -4.32 -21.87 22.72
CA MSE D 123 -5.26 -20.77 22.87
C MSE D 123 -4.55 -19.53 22.33
O MSE D 123 -4.04 -18.71 23.09
CB MSE D 123 -5.62 -20.57 24.32
CG MSE D 123 -5.43 -21.81 25.18
SE MSE D 123 -7.05 -22.27 26.11
CE MSE D 123 -8.19 -22.32 24.54
N TYR D 124 -4.54 -19.43 21.01
CA TYR D 124 -3.70 -18.48 20.32
C TYR D 124 -4.25 -17.08 20.33
N THR D 125 -5.56 -16.95 20.45
CA THR D 125 -6.17 -15.63 20.45
C THR D 125 -5.82 -14.85 21.72
N ASP D 126 -5.99 -15.50 22.86
CA ASP D 126 -5.60 -14.90 24.14
C ASP D 126 -4.10 -14.66 24.23
N ALA D 127 -3.31 -15.61 23.77
CA ALA D 127 -1.87 -15.41 23.70
C ALA D 127 -1.54 -14.12 22.97
N ALA D 128 -2.24 -13.92 21.84
CA ALA D 128 -2.03 -12.79 20.94
C ALA D 128 -2.38 -11.46 21.58
N VAL D 129 -3.58 -11.39 22.13
CA VAL D 129 -3.99 -10.22 22.90
C VAL D 129 -2.95 -9.87 24.01
N ALA D 130 -2.57 -10.86 24.79
CA ALA D 130 -1.64 -10.66 25.88
C ALA D 130 -0.30 -10.12 25.36
N TYR D 131 0.37 -10.86 24.48
CA TYR D 131 1.59 -10.34 23.85
C TYR D 131 1.41 -8.92 23.33
N GLU D 132 0.23 -8.62 22.78
CA GLU D 132 0.00 -7.31 22.18
C GLU D 132 -0.09 -6.20 23.23
N MSE D 133 -0.74 -6.47 24.36
CA MSE D 133 -0.77 -5.48 25.43
C MSE D 133 0.65 -5.19 25.93
O MSE D 133 0.95 -4.06 26.29
CB MSE D 133 -1.67 -5.89 26.58
CG MSE D 133 -3.10 -6.10 26.18
SE MSE D 133 -4.16 -6.91 27.63
CE MSE D 133 -5.02 -5.31 28.29
N LEU D 134 1.50 -6.21 25.93
CA LEU D 134 2.87 -6.04 26.39
C LEU D 134 3.74 -5.35 25.34
N GLY D 135 3.18 -5.11 24.16
CA GLY D 135 3.94 -4.49 23.10
C GLY D 135 4.98 -5.41 22.48
N LYS D 136 4.84 -6.71 22.71
CA LYS D 136 5.65 -7.73 22.05
C LYS D 136 4.91 -8.18 20.79
N LEU D 137 5.19 -7.52 19.68
CA LEU D 137 4.29 -7.57 18.56
C LEU D 137 4.61 -8.68 17.59
N LYS D 138 5.89 -8.98 17.40
CA LYS D 138 6.26 -10.13 16.59
C LYS D 138 5.59 -11.41 17.12
N GLU D 139 5.57 -11.56 18.44
CA GLU D 139 4.92 -12.72 19.02
C GLU D 139 3.39 -12.67 18.88
N ALA D 140 2.82 -11.47 18.94
CA ALA D 140 1.38 -11.30 18.86
C ALA D 140 0.88 -11.61 17.45
N MSE D 141 1.60 -11.07 16.47
CA MSE D 141 1.27 -11.29 15.10
C MSE D 141 1.27 -12.78 14.80
O MSE D 141 0.29 -13.33 14.24
CB MSE D 141 2.25 -10.54 14.18
CG MSE D 141 1.80 -10.55 12.74
SE MSE D 141 3.26 -9.69 11.71
CE MSE D 141 4.59 -11.09 11.90
N GLY D 142 2.36 -13.43 15.22
CA GLY D 142 2.50 -14.86 15.05
C GLY D 142 1.34 -15.62 15.64
N ALA D 143 0.81 -15.15 16.75
CA ALA D 143 -0.27 -15.89 17.41
C ALA D 143 -1.58 -15.61 16.77
N TYR D 144 -1.85 -14.34 16.44
CA TYR D 144 -3.03 -13.97 15.63
C TYR D 144 -3.12 -14.78 14.33
N GLN D 145 -1.98 -15.00 13.70
CA GLN D 145 -1.84 -15.90 12.56
C GLN D 145 -2.38 -17.29 12.89
N SER D 146 -1.84 -17.92 13.93
CA SER D 146 -2.26 -19.28 14.27
C SER D 146 -3.72 -19.29 14.66
N ALA D 147 -4.23 -18.20 15.22
CA ALA D 147 -5.66 -18.06 15.49
C ALA D 147 -6.47 -17.86 14.20
N LYS D 148 -5.78 -17.58 13.11
CA LYS D 148 -6.40 -17.18 11.85
C LYS D 148 -7.22 -15.89 11.99
N ARG D 149 -6.83 -15.06 12.96
CA ARG D 149 -7.32 -13.68 13.08
C ARG D 149 -6.50 -12.77 12.18
N TRP D 150 -6.94 -12.67 10.91
CA TRP D 150 -6.14 -12.08 9.86
C TRP D 150 -6.09 -10.57 9.96
N ARG D 151 -7.17 -9.98 10.48
CA ARG D 151 -7.22 -8.54 10.61
C ARG D 151 -6.25 -8.08 11.67
N GLU D 152 -6.28 -8.76 12.82
CA GLU D 152 -5.30 -8.50 13.85
C GLU D 152 -3.88 -8.74 13.36
N ALA D 153 -3.65 -9.82 12.65
CA ALA D 153 -2.29 -10.04 12.16
C ALA D 153 -1.83 -8.92 11.22
N MSE D 154 -2.56 -8.71 10.10
CA MSE D 154 -2.18 -7.68 9.12
C MSE D 154 -2.11 -6.30 9.74
O MSE D 154 -1.33 -5.48 9.29
CB MSE D 154 -3.13 -7.59 7.91
CG MSE D 154 -3.38 -8.87 7.16
SE MSE D 154 -1.75 -9.65 6.52
CE MSE D 154 -1.02 -8.03 5.77
N SER D 155 -2.93 -6.06 10.76
CA SER D 155 -2.86 -4.76 11.39
C SER D 155 -1.48 -4.54 12.05
N ILE D 156 -0.97 -5.54 12.77
CA ILE D 156 0.40 -5.45 13.30
C ILE D 156 1.42 -5.48 12.15
N ALA D 157 1.20 -6.35 11.19
CA ALA D 157 2.15 -6.48 10.10
C ALA D 157 2.34 -5.19 9.30
N VAL D 158 1.23 -4.48 9.06
CA VAL D 158 1.32 -3.26 8.26
C VAL D 158 1.95 -2.11 9.03
N GLN D 159 1.67 -2.04 10.31
CA GLN D 159 2.16 -0.95 11.14
C GLN D 159 3.60 -1.11 11.65
N LYS D 160 3.96 -2.33 12.07
CA LYS D 160 5.27 -2.55 12.67
C LYS D 160 6.24 -3.41 11.84
N PHE D 161 5.73 -4.19 10.90
CA PHE D 161 6.62 -5.04 10.07
C PHE D 161 6.25 -5.04 8.59
N PRO D 162 6.30 -3.87 7.94
CA PRO D 162 5.84 -3.85 6.54
C PRO D 162 6.62 -4.82 5.64
N GLU D 163 7.84 -5.18 6.04
CA GLU D 163 8.68 -6.11 5.30
C GLU D 163 8.22 -7.54 5.54
N GLU D 164 7.23 -7.72 6.40
CA GLU D 164 6.69 -9.03 6.68
C GLU D 164 5.30 -9.22 6.08
N VAL D 165 4.70 -8.11 5.63
CA VAL D 165 3.34 -8.09 5.09
C VAL D 165 3.05 -9.17 4.06
N GLU D 166 3.91 -9.30 3.07
CA GLU D 166 3.69 -10.29 2.04
C GLU D 166 3.71 -11.71 2.60
N SER D 167 4.71 -12.03 3.42
CA SER D 167 4.83 -13.36 4.03
C SER D 167 3.60 -13.77 4.84
N VAL D 168 3.07 -12.83 5.62
CA VAL D 168 1.98 -13.12 6.54
C VAL D 168 0.71 -13.29 5.73
N ALA D 169 0.55 -12.40 4.78
CA ALA D 169 -0.56 -12.45 3.83
C ALA D 169 -0.61 -13.78 3.12
N GLU D 170 0.50 -14.18 2.51
CA GLU D 170 0.58 -15.46 1.82
C GLU D 170 0.21 -16.61 2.73
N GLU D 171 0.76 -16.63 3.96
CA GLU D 171 0.48 -17.69 4.91
C GLU D 171 -0.99 -17.73 5.32
N LEU D 172 -1.52 -16.59 5.78
CA LEU D 172 -2.96 -16.44 6.06
C LEU D 172 -3.87 -16.83 4.88
N ILE D 173 -3.52 -16.40 3.68
CA ILE D 173 -4.30 -16.78 2.50
C ILE D 173 -4.31 -18.30 2.34
N SER D 174 -3.17 -18.92 2.59
CA SER D 174 -3.07 -20.36 2.47
C SER D 174 -3.93 -21.11 3.48
N SER D 175 -4.01 -20.62 4.71
CA SER D 175 -4.82 -21.34 5.68
C SER D 175 -6.28 -20.90 5.65
N LEU D 176 -6.55 -19.68 5.22
CA LEU D 176 -7.93 -19.27 5.05
C LEU D 176 -8.57 -20.06 3.88
N THR D 177 -7.78 -20.28 2.82
CA THR D 177 -8.24 -21.08 1.68
C THR D 177 -8.55 -22.52 2.10
N PHE D 178 -7.67 -23.10 2.90
CA PHE D 178 -7.85 -24.48 3.35
C PHE D 178 -9.07 -24.60 4.25
N GLU D 179 -9.42 -23.49 4.88
CA GLU D 179 -10.55 -23.48 5.79
C GLU D 179 -11.82 -23.07 5.05
N HIS D 180 -11.68 -22.84 3.75
CA HIS D 180 -12.81 -22.48 2.87
C HIS D 180 -13.42 -21.13 3.21
N ARG D 181 -12.61 -20.22 3.76
CA ARG D 181 -13.06 -18.85 4.01
C ARG D 181 -12.62 -17.99 2.85
N TYR D 182 -13.24 -18.22 1.70
CA TYR D 182 -12.74 -17.68 0.45
C TYR D 182 -12.85 -16.17 0.34
N VAL D 183 -13.94 -15.60 0.84
CA VAL D 183 -14.05 -14.14 0.90
C VAL D 183 -12.94 -13.49 1.73
N ASP D 184 -12.65 -14.04 2.92
CA ASP D 184 -11.53 -13.53 3.72
C ASP D 184 -10.20 -13.67 2.99
N ALA D 185 -9.97 -14.83 2.37
CA ALA D 185 -8.71 -15.04 1.68
C ALA D 185 -8.58 -14.09 0.50
N ALA D 186 -9.70 -13.77 -0.13
CA ALA D 186 -9.71 -12.89 -1.31
C ALA D 186 -9.43 -11.45 -0.90
N ASP D 187 -10.03 -11.00 0.19
CA ASP D 187 -9.75 -9.68 0.77
C ASP D 187 -8.27 -9.40 0.94
N ILE D 188 -7.51 -10.43 1.31
CA ILE D 188 -6.07 -10.29 1.57
C ILE D 188 -5.29 -10.20 0.27
N GLN D 189 -5.63 -11.08 -0.67
CA GLN D 189 -5.10 -11.03 -2.04
C GLN D 189 -5.30 -9.69 -2.70
N LEU D 190 -6.47 -9.09 -2.54
CA LEU D 190 -6.72 -7.76 -3.08
C LEU D 190 -5.85 -6.72 -2.42
N GLU D 191 -6.06 -6.58 -1.11
CA GLU D 191 -5.56 -5.46 -0.32
C GLU D 191 -4.11 -5.55 0.11
N TYR D 192 -3.54 -6.75 0.19
CA TYR D 192 -2.18 -6.85 0.72
C TYR D 192 -1.13 -7.45 -0.25
N LEU D 193 -1.57 -8.25 -1.21
CA LEU D 193 -0.63 -8.79 -2.20
C LEU D 193 -0.88 -8.19 -3.58
N ASP D 194 -1.78 -7.20 -3.61
CA ASP D 194 -2.32 -6.59 -4.82
C ASP D 194 -2.50 -7.59 -5.98
N ASN D 195 -3.13 -8.72 -5.66
CA ASN D 195 -3.44 -9.74 -6.65
C ASN D 195 -4.91 -9.78 -7.05
N VAL D 196 -5.27 -8.99 -8.04
CA VAL D 196 -6.65 -8.86 -8.48
C VAL D 196 -7.23 -10.13 -9.09
N LYS D 197 -6.51 -10.72 -10.05
CA LYS D 197 -6.92 -11.99 -10.65
C LYS D 197 -7.28 -13.04 -9.60
N GLU D 198 -6.35 -13.28 -8.68
CA GLU D 198 -6.52 -14.26 -7.59
C GLU D 198 -7.70 -13.95 -6.70
N ALA D 199 -7.89 -12.68 -6.39
CA ALA D 199 -8.99 -12.21 -5.55
C ALA D 199 -10.34 -12.52 -6.19
N VAL D 200 -10.46 -12.12 -7.46
CA VAL D 200 -11.66 -12.32 -8.23
C VAL D 200 -11.99 -13.81 -8.32
N ALA D 201 -10.99 -14.63 -8.64
CA ALA D 201 -11.20 -16.07 -8.64
C ALA D 201 -11.75 -16.57 -7.29
N LEU D 202 -11.20 -16.06 -6.19
CA LEU D 202 -11.67 -16.47 -4.88
C LEU D 202 -13.08 -15.97 -4.49
N TYR D 203 -13.48 -14.77 -4.91
CA TYR D 203 -14.82 -14.32 -4.58
C TYR D 203 -15.82 -15.23 -5.30
N CYS D 204 -15.37 -15.81 -6.41
CA CYS D 204 -16.20 -16.70 -7.20
C CYS D 204 -16.39 -18.07 -6.59
N LYS D 205 -15.43 -18.56 -5.81
CA LYS D 205 -15.62 -19.87 -5.18
C LYS D 205 -16.55 -19.70 -4.00
N ALA D 206 -16.74 -18.46 -3.61
CA ALA D 206 -17.63 -18.12 -2.51
C ALA D 206 -19.00 -17.78 -3.03
N TYR D 207 -19.16 -17.85 -4.35
CA TYR D 207 -20.40 -17.50 -5.04
C TYR D 207 -20.73 -16.01 -4.90
N ARG D 208 -19.72 -15.22 -4.55
CA ARG D 208 -19.89 -13.78 -4.45
C ARG D 208 -19.48 -13.13 -5.77
N TYR D 209 -20.21 -13.49 -6.81
CA TYR D 209 -20.00 -12.94 -8.15
C TYR D 209 -20.23 -11.45 -8.15
N ASP D 210 -21.14 -11.01 -7.28
CA ASP D 210 -21.41 -9.60 -7.11
C ASP D 210 -20.14 -8.88 -6.68
N ILE D 211 -19.44 -9.42 -5.67
CA ILE D 211 -18.18 -8.84 -5.22
C ILE D 211 -17.09 -8.92 -6.29
N ALA D 212 -16.84 -10.14 -6.78
CA ALA D 212 -15.79 -10.41 -7.75
C ALA D 212 -15.80 -9.40 -8.87
N SER D 213 -17.00 -9.11 -9.37
CA SER D 213 -17.19 -8.22 -10.52
C SER D 213 -16.96 -6.75 -10.19
N LEU D 214 -17.53 -6.28 -9.08
CA LEU D 214 -17.24 -4.91 -8.64
C LEU D 214 -15.73 -4.75 -8.39
N VAL D 215 -15.06 -5.82 -8.00
CA VAL D 215 -13.62 -5.74 -7.74
C VAL D 215 -12.81 -5.61 -9.02
N ALA D 216 -13.14 -6.40 -10.03
CA ALA D 216 -12.42 -6.39 -11.31
C ALA D 216 -12.68 -5.10 -12.07
N ILE D 217 -13.81 -4.47 -11.77
CA ILE D 217 -14.16 -3.20 -12.38
C ILE D 217 -13.51 -2.02 -11.64
N LYS D 218 -13.44 -2.09 -10.33
CA LYS D 218 -12.83 -1.00 -9.58
C LYS D 218 -11.31 -0.98 -9.80
N ALA D 219 -10.76 -2.16 -10.10
CA ALA D 219 -9.32 -2.33 -10.33
C ALA D 219 -8.93 -1.84 -11.69
N LYS D 220 -9.96 -1.49 -12.47
CA LYS D 220 -9.83 -1.16 -13.89
C LYS D 220 -9.22 -2.34 -14.66
N LYS D 221 -9.75 -3.54 -14.42
CA LYS D 221 -9.33 -4.75 -15.12
C LYS D 221 -10.54 -5.51 -15.68
N ASP D 222 -11.32 -4.81 -16.49
CA ASP D 222 -12.61 -5.33 -16.96
C ASP D 222 -12.48 -6.71 -17.61
N GLU D 223 -11.33 -7.01 -18.20
CA GLU D 223 -11.12 -8.30 -18.87
C GLU D 223 -11.38 -9.51 -17.97
N LEU D 224 -11.24 -9.33 -16.66
CA LEU D 224 -11.45 -10.43 -15.73
C LEU D 224 -12.89 -10.91 -15.69
N LEU D 225 -13.82 -10.10 -16.23
CA LEU D 225 -15.22 -10.51 -16.27
C LEU D 225 -15.32 -11.73 -17.15
N GLU D 226 -14.58 -11.71 -18.26
CA GLU D 226 -14.62 -12.84 -19.19
C GLU D 226 -13.56 -13.87 -18.84
N GLU D 227 -12.38 -13.41 -18.44
CA GLU D 227 -11.31 -14.34 -18.10
C GLU D 227 -11.62 -15.17 -16.85
N VAL D 228 -12.31 -14.58 -15.87
CA VAL D 228 -12.47 -15.24 -14.57
C VAL D 228 -13.92 -15.42 -14.11
N VAL D 229 -14.70 -14.35 -14.05
CA VAL D 229 -16.07 -14.46 -13.51
C VAL D 229 -16.87 -15.48 -14.31
N ASP D 230 -16.98 -15.23 -15.62
CA ASP D 230 -17.71 -16.15 -16.50
C ASP D 230 -17.41 -17.64 -16.26
N PRO D 231 -16.13 -18.07 -16.41
CA PRO D 231 -15.87 -19.50 -16.16
C PRO D 231 -16.30 -19.95 -14.77
N GLY D 232 -16.10 -19.11 -13.75
CA GLY D 232 -16.56 -19.40 -12.41
C GLY D 232 -18.08 -19.58 -12.35
N LEU D 233 -18.79 -18.77 -13.12
CA LEU D 233 -20.25 -18.95 -13.26
C LEU D 233 -20.53 -20.28 -13.94
N GLY D 234 -19.67 -20.65 -14.88
CA GLY D 234 -19.81 -21.93 -15.53
C GLY D 234 -19.68 -23.07 -14.53
N GLU D 235 -18.68 -22.92 -13.66
CA GLU D 235 -18.36 -23.90 -12.65
C GLU D 235 -19.51 -23.99 -11.64
N GLY D 236 -19.92 -22.84 -11.12
CA GLY D 236 -21.02 -22.77 -10.17
C GLY D 236 -22.28 -23.39 -10.73
N PHE D 237 -22.51 -23.12 -12.01
CA PHE D 237 -23.61 -23.70 -12.75
C PHE D 237 -23.52 -25.23 -12.73
N GLY D 238 -22.40 -25.76 -13.21
CA GLY D 238 -22.19 -27.19 -13.27
C GLY D 238 -22.22 -27.88 -11.90
N ILE D 239 -21.68 -27.21 -10.88
CA ILE D 239 -21.69 -27.75 -9.52
C ILE D 239 -23.10 -27.84 -8.95
N ILE D 240 -23.95 -26.90 -9.35
CA ILE D 240 -25.33 -26.84 -8.84
C ILE D 240 -26.26 -27.70 -9.67
N ALA D 241 -26.03 -27.73 -10.98
CA ALA D 241 -26.84 -28.55 -11.86
C ALA D 241 -26.74 -30.02 -11.45
N GLU D 242 -25.51 -30.53 -11.41
CA GLU D 242 -25.29 -31.94 -11.11
C GLU D 242 -25.86 -32.32 -9.74
N LEU D 243 -25.81 -31.38 -8.81
CA LEU D 243 -26.34 -31.55 -7.47
C LEU D 243 -27.86 -31.68 -7.47
N LEU D 244 -28.52 -31.04 -8.44
CA LEU D 244 -29.96 -31.09 -8.53
C LEU D 244 -30.43 -32.36 -9.25
N ALA D 245 -29.61 -32.83 -10.19
CA ALA D 245 -29.83 -34.13 -10.81
C ALA D 245 -29.64 -35.22 -9.76
N ASP D 246 -28.65 -35.03 -8.90
CA ASP D 246 -28.35 -35.96 -7.81
C ASP D 246 -29.48 -36.02 -6.77
N CYS D 247 -30.12 -34.87 -6.52
CA CYS D 247 -31.20 -34.82 -5.54
C CYS D 247 -32.50 -35.41 -6.08
N LYS D 248 -32.86 -35.02 -7.30
CA LYS D 248 -34.04 -35.59 -7.94
C LYS D 248 -33.83 -37.09 -8.16
N GLY D 249 -32.59 -37.46 -8.46
CA GLY D 249 -32.25 -38.86 -8.68
C GLY D 249 -32.37 -39.72 -7.45
N GLN D 250 -32.01 -39.17 -6.29
CA GLN D 250 -32.08 -39.89 -5.02
C GLN D 250 -33.48 -39.85 -4.41
N ILE D 251 -34.24 -38.81 -4.72
CA ILE D 251 -35.58 -38.68 -4.17
C ILE D 251 -36.59 -39.53 -4.95
N ASN D 252 -36.50 -39.51 -6.27
CA ASN D 252 -37.33 -40.39 -7.09
C ASN D 252 -37.06 -41.86 -6.75
N SER D 253 -35.79 -42.16 -6.46
CA SER D 253 -35.37 -43.52 -6.14
C SER D 253 -35.75 -43.95 -4.72
N GLN D 254 -35.70 -43.01 -3.78
CA GLN D 254 -36.04 -43.30 -2.37
C GLN D 254 -37.54 -43.53 -2.15
N LEU D 255 -38.38 -42.97 -3.02
CA LEU D 255 -39.83 -43.20 -2.96
C LEU D 255 -40.18 -44.62 -3.44
N ARG D 256 -39.55 -45.03 -4.55
CA ARG D 256 -39.71 -46.39 -5.07
C ARG D 256 -38.86 -47.41 -4.29
N ARG D 257 -38.45 -47.03 -3.07
CA ARG D 257 -37.80 -47.94 -2.15
C ARG D 257 -38.74 -48.16 -0.97
N LEU D 258 -39.08 -47.08 -0.27
CA LEU D 258 -40.12 -47.10 0.74
C LEU D 258 -41.46 -47.41 0.08
N ARG D 259 -41.59 -48.63 -0.46
CA ARG D 259 -42.74 -49.05 -1.25
C ARG D 259 -42.63 -50.54 -1.61
N GLU D 338 -34.58 -49.35 6.48
CA GLU D 338 -35.57 -48.45 5.88
C GLU D 338 -36.00 -47.37 6.87
N GLU D 339 -35.46 -47.43 8.08
CA GLU D 339 -35.57 -46.31 9.01
C GLU D 339 -34.59 -45.25 8.54
N TYR D 340 -33.55 -45.70 7.83
CA TYR D 340 -32.49 -44.82 7.36
C TYR D 340 -32.85 -44.15 6.05
N LEU D 341 -33.76 -44.76 5.30
CA LEU D 341 -34.23 -44.16 4.06
C LEU D 341 -34.91 -42.82 4.35
N VAL D 342 -35.70 -42.78 5.42
CA VAL D 342 -36.46 -41.58 5.78
C VAL D 342 -35.61 -40.53 6.49
N GLN D 343 -34.33 -40.82 6.70
CA GLN D 343 -33.39 -39.85 7.27
C GLN D 343 -32.50 -39.25 6.17
N SER D 344 -32.31 -40.01 5.09
CA SER D 344 -31.52 -39.55 3.96
C SER D 344 -32.25 -38.44 3.24
N VAL D 345 -33.58 -38.55 3.20
CA VAL D 345 -34.42 -37.51 2.60
C VAL D 345 -34.30 -36.21 3.39
N GLY D 346 -34.40 -36.30 4.71
CA GLY D 346 -34.29 -35.14 5.58
C GLY D 346 -32.94 -34.46 5.56
N ARG D 347 -31.91 -35.21 5.18
CA ARG D 347 -30.55 -34.65 5.03
C ARG D 347 -30.41 -33.93 3.68
N LEU D 348 -31.13 -34.43 2.66
CA LEU D 348 -31.17 -33.79 1.35
C LEU D 348 -31.86 -32.43 1.41
N ILE D 349 -32.83 -32.30 2.31
CA ILE D 349 -33.46 -31.01 2.57
C ILE D 349 -32.46 -30.02 3.15
N GLU D 350 -31.63 -30.49 4.09
CA GLU D 350 -30.61 -29.63 4.69
C GLU D 350 -29.55 -29.19 3.66
N ARG D 351 -29.09 -30.12 2.82
CA ARG D 351 -28.08 -29.79 1.81
C ARG D 351 -28.67 -28.82 0.79
N LEU D 352 -29.96 -29.00 0.49
CA LEU D 352 -30.71 -28.13 -0.41
C LEU D 352 -30.80 -26.71 0.13
N ASN D 353 -31.35 -26.56 1.33
CA ASN D 353 -31.52 -25.25 1.96
C ASN D 353 -30.20 -24.48 2.11
N GLN D 354 -29.09 -25.22 2.08
CA GLN D 354 -27.76 -24.65 2.18
C GLN D 354 -27.25 -24.20 0.81
N THR D 355 -27.61 -24.96 -0.24
CA THR D 355 -27.27 -24.58 -1.61
C THR D 355 -28.11 -23.39 -2.08
N LYS D 356 -29.30 -23.24 -1.50
CA LYS D 356 -30.25 -22.20 -1.91
C LYS D 356 -29.66 -20.78 -2.06
N PRO D 357 -28.98 -20.26 -1.01
CA PRO D 357 -28.37 -18.93 -1.18
C PRO D 357 -27.37 -18.86 -2.34
N ASP D 358 -26.70 -19.97 -2.62
CA ASP D 358 -25.69 -20.01 -3.68
C ASP D 358 -26.34 -20.02 -5.06
N ALA D 359 -27.42 -20.78 -5.20
CA ALA D 359 -28.12 -20.82 -6.47
C ALA D 359 -28.74 -19.46 -6.80
N VAL D 360 -29.25 -18.78 -5.77
CA VAL D 360 -29.82 -17.46 -5.96
C VAL D 360 -28.76 -16.57 -6.57
N ARG D 361 -27.56 -16.64 -6.00
CA ARG D 361 -26.43 -15.88 -6.51
C ARG D 361 -26.01 -16.32 -7.91
N VAL D 362 -25.98 -17.62 -8.18
CA VAL D 362 -25.69 -18.16 -9.51
C VAL D 362 -26.72 -17.70 -10.56
N VAL D 363 -27.99 -17.74 -10.19
CA VAL D 363 -29.06 -17.30 -11.09
C VAL D 363 -28.88 -15.82 -11.46
N GLU D 364 -28.49 -15.00 -10.48
CA GLU D 364 -28.40 -13.58 -10.73
C GLU D 364 -27.10 -13.20 -11.46
N GLY D 365 -26.04 -13.94 -11.19
CA GLY D 365 -24.77 -13.68 -11.85
C GLY D 365 -24.87 -14.14 -13.29
N LEU D 366 -25.73 -15.12 -13.51
CA LEU D 366 -25.94 -15.65 -14.84
C LEU D 366 -26.72 -14.63 -15.65
N CYS D 367 -27.75 -14.05 -15.04
CA CYS D 367 -28.55 -13.00 -15.71
C CYS D 367 -27.71 -11.80 -16.05
N ARG D 368 -26.88 -11.36 -15.11
CA ARG D 368 -26.13 -10.13 -15.29
C ARG D 368 -25.04 -10.25 -16.35
N ARG D 369 -24.76 -11.48 -16.77
CA ARG D 369 -23.79 -11.73 -17.83
C ARG D 369 -24.48 -12.25 -19.07
N ASN D 370 -25.79 -12.06 -19.12
CA ASN D 370 -26.63 -12.51 -20.23
C ASN D 370 -26.42 -13.96 -20.72
N MSE D 371 -26.22 -14.88 -19.78
CA MSE D 371 -26.39 -16.30 -20.08
C MSE D 371 -27.72 -16.74 -19.48
O MSE D 371 -27.75 -17.53 -18.53
CB MSE D 371 -25.25 -17.13 -19.50
CG MSE D 371 -23.87 -16.81 -20.04
SE MSE D 371 -22.55 -16.87 -18.58
CE MSE D 371 -22.45 -18.80 -18.30
N ARG D 372 -28.83 -16.25 -20.04
CA ARG D 372 -30.14 -16.38 -19.41
C ARG D 372 -30.82 -17.75 -19.52
N GLU D 373 -30.49 -18.50 -20.56
CA GLU D 373 -30.94 -19.89 -20.64
C GLU D 373 -30.36 -20.70 -19.48
N GLN D 374 -29.08 -20.54 -19.21
CA GLN D 374 -28.45 -21.22 -18.07
C GLN D 374 -29.06 -20.77 -16.74
N ALA D 375 -29.35 -19.47 -16.63
CA ALA D 375 -30.07 -18.93 -15.48
C ALA D 375 -31.44 -19.60 -15.36
N HIS D 376 -32.18 -19.63 -16.46
CA HIS D 376 -33.50 -20.26 -16.50
C HIS D 376 -33.45 -21.70 -16.00
N GLN D 377 -32.47 -22.46 -16.49
CA GLN D 377 -32.36 -23.88 -16.15
C GLN D 377 -32.09 -24.11 -14.67
N ILE D 378 -31.19 -23.30 -14.11
CA ILE D 378 -30.86 -23.43 -12.70
C ILE D 378 -32.08 -23.14 -11.85
N GLN D 379 -32.78 -22.03 -12.13
CA GLN D 379 -33.92 -21.66 -11.32
C GLN D 379 -35.07 -22.67 -11.45
N LYS D 380 -35.31 -23.17 -12.66
CA LYS D 380 -36.36 -24.16 -12.88
C LYS D 380 -36.06 -25.42 -12.10
N ASN D 381 -34.89 -26.00 -12.37
CA ASN D 381 -34.45 -27.25 -11.73
C ASN D 381 -34.50 -27.20 -10.20
N PHE D 382 -34.35 -26.00 -9.63
CA PHE D 382 -34.42 -25.87 -8.19
C PHE D 382 -35.85 -25.86 -7.70
N VAL D 383 -36.68 -24.97 -8.25
CA VAL D 383 -38.11 -24.94 -7.94
C VAL D 383 -38.73 -26.33 -8.14
N GLU D 384 -38.35 -26.99 -9.24
CA GLU D 384 -38.77 -28.35 -9.54
C GLU D 384 -38.54 -29.32 -8.38
N VAL D 385 -37.28 -29.49 -7.99
CA VAL D 385 -36.92 -30.34 -6.85
C VAL D 385 -37.63 -29.90 -5.57
N LEU D 386 -37.76 -28.59 -5.37
CA LEU D 386 -38.47 -28.03 -4.23
C LEU D 386 -39.99 -28.32 -4.30
N ASP D 387 -40.58 -28.16 -5.48
CA ASP D 387 -41.97 -28.57 -5.72
C ASP D 387 -42.17 -30.07 -5.42
N LEU D 388 -41.28 -30.89 -5.98
CA LEU D 388 -41.35 -32.34 -5.83
C LEU D 388 -41.28 -32.77 -4.36
N LEU D 389 -40.84 -31.88 -3.49
CA LEU D 389 -40.95 -32.12 -2.05
C LEU D 389 -42.36 -31.81 -1.54
N LYS D 390 -43.36 -32.13 -2.36
CA LYS D 390 -44.77 -32.09 -1.97
C LYS D 390 -45.19 -33.51 -1.57
N ALA D 391 -44.54 -34.49 -2.18
CA ALA D 391 -44.71 -35.89 -1.76
C ALA D 391 -43.94 -36.20 -0.45
N ASN D 392 -44.01 -35.30 0.53
CA ASN D 392 -43.22 -35.41 1.77
C ASN D 392 -43.98 -36.06 2.94
N VAL D 393 -44.65 -37.18 2.67
CA VAL D 393 -45.36 -37.92 3.70
C VAL D 393 -44.49 -39.06 4.23
N GLU D 423 -41.35 -26.84 7.49
CA GLU D 423 -40.43 -27.82 6.91
C GLU D 423 -39.65 -27.23 5.74
N ILE D 424 -40.27 -27.15 4.57
CA ILE D 424 -39.62 -26.66 3.36
C ILE D 424 -39.76 -25.14 3.15
N HIS D 425 -38.68 -24.50 2.71
CA HIS D 425 -38.73 -23.09 2.33
C HIS D 425 -39.17 -22.99 0.87
N ASP D 426 -39.51 -21.77 0.44
CA ASP D 426 -39.72 -21.50 -0.98
C ASP D 426 -38.43 -20.95 -1.59
N PHE D 427 -38.19 -21.26 -2.86
CA PHE D 427 -37.03 -20.72 -3.56
C PHE D 427 -37.32 -19.31 -4.06
N PRO D 428 -36.46 -18.35 -3.70
CA PRO D 428 -36.67 -16.98 -4.16
C PRO D 428 -36.47 -16.88 -5.67
N LYS D 429 -37.55 -17.04 -6.44
CA LYS D 429 -37.44 -16.90 -7.89
C LYS D 429 -37.14 -15.45 -8.25
N SER D 430 -36.28 -15.22 -9.23
CA SER D 430 -36.17 -13.90 -9.80
C SER D 430 -37.10 -13.84 -11.02
N HIS D 431 -37.96 -12.82 -11.07
CA HIS D 431 -38.95 -12.68 -12.12
C HIS D 431 -38.35 -12.69 -13.51
N ILE D 432 -37.11 -12.22 -13.59
CA ILE D 432 -36.35 -12.17 -14.84
C ILE D 432 -36.33 -13.47 -15.63
N VAL D 433 -36.29 -14.59 -14.92
CA VAL D 433 -36.09 -15.86 -15.59
C VAL D 433 -37.20 -16.89 -15.25
N ASP D 434 -38.29 -16.36 -14.70
CA ASP D 434 -39.44 -17.14 -14.26
C ASP D 434 -40.52 -17.16 -15.35
N PHE D 435 -40.42 -18.09 -16.28
CA PHE D 435 -41.45 -18.23 -17.31
C PHE D 435 -41.74 -19.66 -17.78
#